data_5XRT
#
_entry.id   5XRT
#
_cell.length_a   292.782
_cell.length_b   292.782
_cell.length_c   292.782
_cell.angle_alpha   90.00
_cell.angle_beta   90.00
_cell.angle_gamma   90.00
#
_symmetry.space_group_name_H-M   'I 21 3'
#
loop_
_entity.id
_entity.type
_entity.pdbx_description
1 polymer Hemagglutinin
2 polymer Hemagglutinin
3 branched beta-D-mannopyranose-(1-4)-2-acetamido-2-deoxy-beta-D-glucopyranose-(1-4)-[beta-L-fucopyranose-(1-3)][alpha-L-fucopyranose-(1-6)]2-acetamido-2-deoxy-beta-D-glucopyranose
4 branched alpha-D-mannopyranose-(1-3)-beta-D-mannopyranose-(1-4)-2-acetamido-2-deoxy-beta-D-glucopyranose-(1-4)-2-acetamido-2-deoxy-beta-D-glucopyranose
5 branched alpha-D-mannopyranose-(1-2)-alpha-D-mannopyranose-(1-3)-[alpha-D-mannopyranose-(1-6)]alpha-D-mannopyranose-(1-4)-2-acetamido-2-deoxy-beta-D-glucopyranose-(1-4)-2-acetamido-2-deoxy-beta-D-glucopyranose
6 branched alpha-D-mannopyranose-(1-3)-[alpha-D-mannopyranose-(1-6)]beta-D-mannopyranose-(1-4)-2-acetamido-2-deoxy-beta-D-glucopyranose-(1-4)-2-acetamido-2-deoxy-beta-D-glucopyranose
7 branched 2-acetamido-2-deoxy-beta-D-glucopyranose-(1-4)-2-acetamido-2-deoxy-beta-D-glucopyranose
8 branched beta-D-mannopyranose-(1-4)-2-acetamido-2-deoxy-beta-D-glucopyranose-(1-4)-2-acetamido-2-deoxy-beta-D-glucopyranose
9 branched beta-L-fucopyranose-(1-3)-[alpha-L-fucopyranose-(1-6)]2-acetamido-2-deoxy-beta-D-glucopyranose
10 branched alpha-D-mannopyranose-(1-3)-alpha-D-mannopyranose-(1-3)-beta-D-mannopyranose-(1-4)-2-acetamido-2-deoxy-beta-D-glucopyranose-(1-4)-2-acetamido-2-deoxy-beta-D-glucopyranose
11 branched 2-acetamido-2-deoxy-beta-D-glucopyranose-(1-4)-[alpha-L-fucopyranose-(1-6)]2-acetamido-2-deoxy-beta-D-glucopyranose
12 branched alpha-D-mannopyranose-(1-6)-beta-D-mannopyranose-(1-4)-2-acetamido-2-deoxy-beta-D-glucopyranose-(1-4)-[alpha-L-fucopyranose-(1-6)]2-acetamido-2-deoxy-beta-D-glucopyranose
13 branched alpha-D-mannopyranose-(1-2)-alpha-D-mannopyranose-(1-3)-[alpha-D-mannopyranose-(1-3)-alpha-D-mannopyranose-(1-6)]alpha-D-mannopyranose-(1-4)-2-acetamido-2-deoxy-beta-D-glucopyranose-(1-4)-2-acetamido-2-deoxy-beta-D-glucopyranose
14 branched alpha-D-mannopyranose-(1-6)-beta-D-mannopyranose-(1-4)-2-acetamido-2-deoxy-beta-D-glucopyranose-(1-4)-2-acetamido-2-deoxy-beta-D-glucopyranose
15 non-polymer 2-acetamido-2-deoxy-beta-D-glucopyranose
16 non-polymer 'CACODYLATE ION'
#
loop_
_entity_poly.entity_id
_entity_poly.type
_entity_poly.pdbx_seq_one_letter_code
_entity_poly.pdbx_strand_id
1 'polypeptide(L)'
;QKLPGSDNSMATLCLGHHAVPNGTLVKTITDDQIEVTNATELVQSSSTGRICNSPHQILDGKNCTLIDALLGDPHCDDFQ
NKEWDLFVERSTAYSNCYPYYVPDYATLRSLVASSGNLEFTQESFNWTGVAQDGSSYACRRGSVNSFFSRLNWLYNLNYK
YPEQNVTMPNNDKFDKLYIWGVHHPGTDKDQTNLYVQASGRVIVSTKRSQQTVIPNIGSRPWVRGVSSIISIYWTIVKPG
DILLINSTGNLIAPRGYFKIQSGKSSIMRSDAHIDECNSECITPNGSIPNDKPFQNVNKITYGACPRYVKQNTLKLATGM
RNVPEKQTR
;
A,C,E,G
2 'polypeptide(L)'
;GIFGAIAGFIENGWEGMVDGWYGFRHQNSEGTGQAADLKSTQAAINQITGKLNRVIKKTNEKFHQIEKEFSEVEGRIQDL
EKYVEDTKIDLWSYNAELLVALENQHTIDLTDSEMSKLFERTRRQLRENAEDMGNGCFKIYHKCDNACIGSIRNGTYDHD
IYRNEALNNRFQIK
;
B,D,F,H
#
# COMPACT_ATOMS: atom_id res chain seq x y z
N ASN A 8 -15.02 55.88 56.66
CA ASN A 8 -13.60 55.79 56.33
C ASN A 8 -13.36 55.80 54.82
N SER A 9 -14.06 56.73 54.15
CA SER A 9 -14.03 56.98 52.70
C SER A 9 -13.14 56.04 51.90
N MET A 10 -13.66 54.86 51.56
CA MET A 10 -12.97 53.93 50.70
C MET A 10 -13.42 54.13 49.26
N ALA A 11 -13.01 53.26 48.36
CA ALA A 11 -13.45 53.32 46.98
C ALA A 11 -13.31 51.94 46.36
N THR A 12 -14.29 51.55 45.55
CA THR A 12 -14.27 50.26 44.87
C THR A 12 -13.94 50.47 43.40
N LEU A 13 -13.15 49.56 42.85
CA LEU A 13 -12.77 49.56 41.45
C LEU A 13 -12.96 48.15 40.91
N CYS A 14 -13.87 48.01 39.95
CA CYS A 14 -14.26 46.70 39.43
C CYS A 14 -13.79 46.53 37.99
N LEU A 15 -13.26 45.35 37.69
CA LEU A 15 -12.83 45.02 36.35
C LEU A 15 -13.85 44.05 35.73
N GLY A 16 -14.26 44.33 34.51
CA GLY A 16 -15.28 43.52 33.87
C GLY A 16 -15.15 43.50 32.36
N HIS A 17 -16.17 43.02 31.66
CA HIS A 17 -16.04 42.81 30.22
C HIS A 17 -17.39 42.89 29.52
N HIS A 18 -17.41 43.62 28.41
CA HIS A 18 -18.13 43.27 27.19
C HIS A 18 -19.22 42.19 27.32
N ALA A 19 -20.46 42.53 27.01
CA ALA A 19 -21.54 41.54 26.98
C ALA A 19 -22.58 41.99 25.96
N VAL A 20 -23.32 41.02 25.43
CA VAL A 20 -24.21 41.27 24.30
C VAL A 20 -25.55 40.60 24.55
N PRO A 21 -26.67 41.25 24.22
CA PRO A 21 -27.96 40.54 24.31
C PRO A 21 -28.09 39.41 23.31
N ASN A 22 -27.62 39.59 22.09
CA ASN A 22 -27.82 38.66 20.98
C ASN A 22 -26.51 37.91 20.71
N GLY A 23 -26.23 36.91 21.53
CA GLY A 23 -25.09 36.06 21.28
C GLY A 23 -25.38 34.98 20.25
N THR A 24 -24.31 34.38 19.72
CA THR A 24 -24.43 33.22 18.85
C THR A 24 -23.80 32.00 19.51
N LEU A 25 -24.31 30.83 19.13
CA LEU A 25 -23.74 29.57 19.58
C LEU A 25 -22.65 29.13 18.62
N VAL A 26 -21.47 28.84 19.14
CA VAL A 26 -20.39 28.25 18.35
C VAL A 26 -20.06 26.89 18.93
N LYS A 27 -19.10 26.22 18.32
CA LYS A 27 -18.73 24.85 18.66
C LYS A 27 -17.27 24.82 19.06
N THR A 28 -16.96 24.05 20.11
CA THR A 28 -15.58 24.02 20.59
C THR A 28 -15.04 22.60 20.75
N ILE A 29 -13.91 22.49 21.42
CA ILE A 29 -13.29 21.19 21.65
C ILE A 29 -14.04 20.43 22.74
N THR A 30 -14.53 21.16 23.74
CA THR A 30 -15.22 20.55 24.87
C THR A 30 -16.74 20.67 24.83
N ASP A 31 -17.26 21.85 24.51
CA ASP A 31 -18.71 22.06 24.47
C ASP A 31 -19.16 21.96 23.02
N ASP A 32 -20.43 21.60 22.84
CA ASP A 32 -20.99 21.44 21.50
C ASP A 32 -21.71 22.70 21.03
N GLN A 33 -22.49 23.31 21.90
CA GLN A 33 -23.05 24.64 21.68
C GLN A 33 -22.65 25.52 22.85
N ILE A 34 -22.04 26.66 22.55
CA ILE A 34 -21.67 27.61 23.59
C ILE A 34 -21.76 29.02 23.00
N GLU A 35 -22.24 29.96 23.82
CA GLU A 35 -22.63 31.28 23.33
C GLU A 35 -21.47 32.27 23.47
N VAL A 36 -20.93 32.69 22.34
CA VAL A 36 -19.97 33.77 22.29
C VAL A 36 -20.69 35.04 21.85
N THR A 37 -20.01 36.19 21.93
CA THR A 37 -20.64 37.45 21.60
C THR A 37 -20.84 37.65 20.11
N ASN A 38 -20.13 36.87 19.29
CA ASN A 38 -20.07 37.13 17.85
C ASN A 38 -19.33 36.04 17.08
N ALA A 39 -19.78 35.73 15.87
CA ALA A 39 -19.11 34.72 15.06
C ALA A 39 -19.31 35.08 13.59
N THR A 40 -18.70 34.28 12.72
CA THR A 40 -18.80 34.49 11.29
C THR A 40 -18.92 33.13 10.61
N GLU A 41 -19.69 33.07 9.53
CA GLU A 41 -19.91 31.84 8.79
C GLU A 41 -18.72 31.51 7.89
N LEU A 42 -18.36 30.23 7.85
CA LEU A 42 -17.25 29.77 7.04
C LEU A 42 -17.67 28.91 5.86
N VAL A 43 -18.97 28.60 5.73
CA VAL A 43 -19.48 27.74 4.67
C VAL A 43 -20.45 28.55 3.82
N GLN A 44 -20.07 28.83 2.58
CA GLN A 44 -20.99 29.38 1.60
C GLN A 44 -21.98 28.31 1.18
N SER A 45 -23.27 28.56 1.40
CA SER A 45 -24.30 27.56 1.18
C SER A 45 -25.35 27.97 0.16
N SER A 46 -25.33 29.21 -0.32
CA SER A 46 -26.35 29.71 -1.23
C SER A 46 -25.71 30.15 -2.55
N SER A 47 -26.49 30.05 -3.62
CA SER A 47 -26.12 30.60 -4.91
C SER A 47 -27.25 31.45 -5.43
N THR A 48 -26.92 32.34 -6.37
CA THR A 48 -27.96 33.10 -7.07
C THR A 48 -28.69 32.26 -8.11
N GLY A 49 -28.09 31.15 -8.54
CA GLY A 49 -28.68 30.32 -9.59
C GLY A 49 -28.30 30.73 -10.99
N ARG A 50 -27.43 31.73 -11.14
CA ARG A 50 -27.03 32.23 -12.44
C ARG A 50 -25.52 32.23 -12.54
N ILE A 51 -25.02 31.99 -13.75
CA ILE A 51 -23.58 32.03 -14.01
C ILE A 51 -23.22 33.42 -14.51
N CYS A 52 -22.32 34.09 -13.79
CA CYS A 52 -21.87 35.41 -14.20
C CYS A 52 -20.95 35.32 -15.41
N ASN A 53 -21.17 36.23 -16.37
CA ASN A 53 -20.46 36.13 -17.66
C ASN A 53 -18.99 36.51 -17.56
N SER A 54 -18.54 37.02 -16.41
CA SER A 54 -17.14 37.39 -16.22
C SER A 54 -16.70 36.99 -14.81
N PRO A 55 -15.39 36.83 -14.57
CA PRO A 55 -14.21 37.06 -15.42
C PRO A 55 -13.90 35.94 -16.40
N HIS A 56 -14.49 34.77 -16.18
CA HIS A 56 -14.17 33.62 -17.00
C HIS A 56 -14.93 33.68 -18.31
N GLN A 57 -14.22 33.40 -19.41
CA GLN A 57 -14.80 33.51 -20.75
C GLN A 57 -15.70 32.30 -21.00
N ILE A 58 -16.99 32.47 -20.71
CA ILE A 58 -17.95 31.39 -20.92
C ILE A 58 -18.24 31.25 -22.40
N LEU A 59 -18.44 30.01 -22.85
CA LEU A 59 -18.95 29.73 -24.19
C LEU A 59 -20.17 28.82 -24.04
N ASP A 60 -21.36 29.39 -24.15
CA ASP A 60 -22.59 28.63 -24.03
C ASP A 60 -22.76 27.74 -25.25
N GLY A 61 -22.71 26.43 -25.04
CA GLY A 61 -22.87 25.50 -26.15
C GLY A 61 -24.27 25.39 -26.69
N LYS A 62 -25.26 25.72 -25.86
CA LYS A 62 -26.68 25.72 -26.27
C LYS A 62 -27.00 24.32 -26.81
N ASN A 63 -27.56 24.20 -28.02
CA ASN A 63 -27.95 22.90 -28.55
C ASN A 63 -26.79 22.10 -29.10
N CYS A 64 -25.56 22.50 -28.83
CA CYS A 64 -24.39 21.83 -29.35
C CYS A 64 -23.54 21.31 -28.20
N THR A 65 -23.13 20.05 -28.30
CA THR A 65 -22.11 19.52 -27.42
C THR A 65 -20.73 19.86 -27.99
N LEU A 66 -19.71 19.70 -27.15
CA LEU A 66 -18.36 20.01 -27.60
C LEU A 66 -17.94 19.10 -28.76
N ILE A 67 -18.32 17.82 -28.70
CA ILE A 67 -17.92 16.89 -29.75
C ILE A 67 -18.64 17.22 -31.06
N ASP A 68 -19.95 17.51 -30.99
CA ASP A 68 -20.68 17.93 -32.18
C ASP A 68 -20.10 19.19 -32.78
N ALA A 69 -19.69 20.14 -31.94
CA ALA A 69 -19.01 21.33 -32.43
C ALA A 69 -17.66 20.98 -33.03
N LEU A 70 -16.92 20.10 -32.36
CA LEU A 70 -15.62 19.66 -32.88
C LEU A 70 -15.77 19.06 -34.27
N LEU A 71 -16.56 17.98 -34.37
CA LEU A 71 -16.77 17.31 -35.65
C LEU A 71 -17.31 18.27 -36.70
N GLY A 72 -18.35 19.01 -36.36
CA GLY A 72 -18.91 19.96 -37.30
C GLY A 72 -20.34 19.66 -37.69
N ASP A 73 -21.17 19.33 -36.72
CA ASP A 73 -22.60 19.19 -36.95
C ASP A 73 -23.13 20.49 -37.54
N PRO A 74 -23.81 20.44 -38.70
CA PRO A 74 -24.21 21.68 -39.38
C PRO A 74 -24.89 22.70 -38.48
N HIS A 75 -25.74 22.28 -37.55
CA HIS A 75 -26.37 23.23 -36.65
C HIS A 75 -25.40 23.73 -35.57
N CYS A 76 -24.12 23.40 -35.68
CA CYS A 76 -23.09 23.84 -34.75
C CYS A 76 -22.00 24.64 -35.44
N ASP A 77 -22.30 25.17 -36.64
CA ASP A 77 -21.27 25.87 -37.40
C ASP A 77 -20.82 27.14 -36.72
N ASP A 78 -21.66 27.73 -35.88
CA ASP A 78 -21.26 28.96 -35.20
C ASP A 78 -20.21 28.72 -34.10
N PHE A 79 -19.68 27.51 -33.91
CA PHE A 79 -18.65 27.24 -32.92
C PHE A 79 -17.26 27.10 -33.55
N GLN A 80 -17.15 27.28 -34.86
CA GLN A 80 -15.88 27.13 -35.54
C GLN A 80 -14.86 28.14 -35.03
N ASN A 81 -13.65 27.65 -34.74
CA ASN A 81 -12.53 28.49 -34.31
C ASN A 81 -12.84 29.30 -33.06
N LYS A 82 -13.81 28.86 -32.25
CA LYS A 82 -14.15 29.56 -31.03
C LYS A 82 -13.25 29.12 -29.88
N GLU A 83 -12.85 30.08 -29.06
CA GLU A 83 -12.04 29.83 -27.88
C GLU A 83 -12.93 29.95 -26.65
N TRP A 84 -12.46 29.43 -25.53
CA TRP A 84 -13.27 29.48 -24.31
C TRP A 84 -12.39 29.23 -23.10
N ASP A 85 -12.85 29.76 -21.95
CA ASP A 85 -12.30 29.38 -20.67
C ASP A 85 -13.13 28.29 -20.00
N LEU A 86 -14.45 28.32 -20.21
CA LEU A 86 -15.33 27.28 -19.70
C LEU A 86 -16.44 27.07 -20.73
N PHE A 87 -16.45 25.88 -21.32
CA PHE A 87 -17.54 25.48 -22.20
C PHE A 87 -18.67 24.90 -21.36
N VAL A 88 -19.89 25.34 -21.62
CA VAL A 88 -21.07 24.88 -20.88
C VAL A 88 -21.89 24.02 -21.82
N GLU A 89 -22.01 22.74 -21.50
CA GLU A 89 -22.89 21.83 -22.22
C GLU A 89 -24.28 21.86 -21.61
N ARG A 90 -25.29 21.92 -22.46
CA ARG A 90 -26.68 22.00 -22.01
C ARG A 90 -27.39 20.67 -22.23
N SER A 91 -28.32 20.36 -21.33
CA SER A 91 -29.06 19.10 -21.42
C SER A 91 -29.96 19.04 -22.65
N THR A 92 -30.38 20.20 -23.17
CA THR A 92 -31.27 20.25 -24.32
C THR A 92 -30.54 20.08 -25.65
N ALA A 93 -29.22 19.85 -25.61
CA ALA A 93 -28.46 19.73 -26.85
C ALA A 93 -28.89 18.48 -27.61
N TYR A 94 -28.54 18.45 -28.90
CA TYR A 94 -28.87 17.31 -29.74
C TYR A 94 -27.86 17.19 -30.87
N SER A 95 -28.06 16.17 -31.70
CA SER A 95 -27.26 15.94 -32.89
C SER A 95 -28.19 15.84 -34.09
N ASN A 96 -27.74 16.35 -35.24
CA ASN A 96 -28.58 16.39 -36.44
C ASN A 96 -27.79 16.01 -37.69
N CYS A 97 -26.63 15.38 -37.55
CA CYS A 97 -25.83 14.98 -38.68
C CYS A 97 -25.78 13.46 -38.75
N TYR A 98 -24.75 12.92 -39.39
CA TYR A 98 -24.65 11.48 -39.58
C TYR A 98 -24.51 10.79 -38.21
N PRO A 99 -25.13 9.63 -38.02
CA PRO A 99 -25.00 8.93 -36.74
C PRO A 99 -23.57 8.43 -36.55
N TYR A 100 -23.03 8.66 -35.35
CA TYR A 100 -21.67 8.31 -35.04
C TYR A 100 -21.59 7.78 -33.62
N TYR A 101 -20.42 7.29 -33.24
CA TYR A 101 -20.13 6.99 -31.84
C TYR A 101 -18.62 7.05 -31.64
N VAL A 102 -18.22 7.52 -30.46
CA VAL A 102 -16.81 7.73 -30.16
C VAL A 102 -16.39 6.82 -29.03
N PRO A 103 -15.58 5.79 -29.28
CA PRO A 103 -14.88 5.15 -28.17
C PRO A 103 -14.00 6.19 -27.49
N ASP A 104 -13.77 5.99 -26.19
CA ASP A 104 -13.21 6.99 -25.28
C ASP A 104 -13.79 8.39 -25.50
N TYR A 105 -15.11 8.46 -25.72
CA TYR A 105 -15.81 9.74 -25.83
C TYR A 105 -15.40 10.68 -24.71
N ALA A 106 -15.47 10.19 -23.46
CA ALA A 106 -15.10 11.02 -22.32
C ALA A 106 -13.68 11.54 -22.46
N THR A 107 -12.79 10.72 -23.02
CA THR A 107 -11.39 11.13 -23.18
C THR A 107 -11.26 12.21 -24.25
N LEU A 108 -11.87 11.99 -25.41
CA LEU A 108 -11.81 12.98 -26.49
C LEU A 108 -12.44 14.30 -26.05
N ARG A 109 -13.58 14.23 -25.38
CA ARG A 109 -14.20 15.44 -24.84
C ARG A 109 -13.31 16.09 -23.79
N SER A 110 -12.64 15.29 -22.96
CA SER A 110 -11.79 15.84 -21.92
C SER A 110 -10.63 16.64 -22.49
N LEU A 111 -9.90 16.04 -23.44
CA LEU A 111 -8.69 16.70 -23.93
C LEU A 111 -9.01 17.90 -24.81
N VAL A 112 -10.12 17.86 -25.53
CA VAL A 112 -10.51 19.03 -26.30
C VAL A 112 -10.97 20.14 -25.38
N ALA A 113 -11.77 19.80 -24.36
CA ALA A 113 -12.24 20.81 -23.40
C ALA A 113 -11.07 21.51 -22.72
N SER A 114 -10.04 20.74 -22.36
CA SER A 114 -8.87 21.34 -21.74
C SER A 114 -8.00 22.11 -22.74
N SER A 115 -8.10 21.77 -24.03
CA SER A 115 -7.39 22.53 -25.05
C SER A 115 -7.88 23.97 -25.11
N GLY A 116 -9.19 24.16 -25.06
CA GLY A 116 -9.75 25.49 -24.93
C GLY A 116 -10.17 26.17 -26.21
N ASN A 117 -9.96 25.53 -27.37
CA ASN A 117 -10.28 26.18 -28.63
C ASN A 117 -10.61 25.12 -29.67
N LEU A 118 -11.39 25.55 -30.67
CA LEU A 118 -11.70 24.75 -31.85
C LEU A 118 -11.03 25.33 -33.11
N GLU A 119 -9.91 26.03 -32.92
CA GLU A 119 -9.17 26.63 -34.02
C GLU A 119 -8.74 25.56 -35.01
N PHE A 120 -9.31 25.59 -36.21
CA PHE A 120 -9.06 24.59 -37.23
C PHE A 120 -8.16 25.16 -38.32
N THR A 121 -7.21 24.34 -38.76
CA THR A 121 -6.29 24.72 -39.82
C THR A 121 -6.38 23.65 -40.90
N GLN A 122 -6.80 24.05 -42.10
CA GLN A 122 -6.95 23.09 -43.19
C GLN A 122 -5.59 22.62 -43.68
N GLU A 123 -5.58 21.41 -44.25
CA GLU A 123 -4.39 20.86 -44.86
C GLU A 123 -4.80 20.06 -46.09
N SER A 124 -3.90 20.00 -47.06
CA SER A 124 -4.19 19.40 -48.36
C SER A 124 -3.64 17.99 -48.39
N PHE A 125 -4.50 17.01 -48.08
CA PHE A 125 -4.13 15.62 -48.20
C PHE A 125 -4.23 15.19 -49.67
N ASN A 126 -3.16 14.56 -50.16
CA ASN A 126 -3.10 14.17 -51.57
C ASN A 126 -3.86 12.85 -51.76
N TRP A 127 -5.19 12.96 -51.81
CA TRP A 127 -6.01 11.83 -52.21
C TRP A 127 -6.07 11.77 -53.74
N THR A 128 -5.76 10.60 -54.30
CA THR A 128 -5.74 10.42 -55.75
C THR A 128 -6.68 9.29 -56.12
N GLY A 129 -7.63 9.58 -57.00
CA GLY A 129 -8.50 8.56 -57.57
C GLY A 129 -9.80 8.34 -56.84
N VAL A 130 -10.13 9.19 -55.87
CA VAL A 130 -11.31 9.00 -55.04
C VAL A 130 -12.16 10.26 -55.06
N ALA A 131 -13.48 10.10 -55.13
CA ALA A 131 -14.39 11.22 -55.04
C ALA A 131 -14.57 11.65 -53.59
N GLN A 132 -14.47 12.95 -53.35
CA GLN A 132 -14.47 13.50 -52.00
C GLN A 132 -15.82 14.13 -51.67
N ASP A 133 -15.89 14.73 -50.48
CA ASP A 133 -17.00 15.58 -50.05
C ASP A 133 -18.35 14.84 -50.08
N GLY A 134 -18.34 13.61 -49.56
CA GLY A 134 -19.57 12.84 -49.53
C GLY A 134 -20.62 13.47 -48.62
N SER A 135 -21.88 13.43 -49.08
CA SER A 135 -23.01 14.00 -48.37
C SER A 135 -23.94 12.89 -47.87
N SER A 136 -25.02 13.29 -47.20
CA SER A 136 -26.01 12.35 -46.72
C SER A 136 -27.30 13.10 -46.39
N TYR A 137 -28.42 12.39 -46.54
CA TYR A 137 -29.72 12.95 -46.14
C TYR A 137 -29.80 13.11 -44.63
N ALA A 138 -29.12 12.24 -43.87
CA ALA A 138 -29.15 12.31 -42.43
C ALA A 138 -28.45 13.55 -41.89
N CYS A 139 -27.63 14.21 -42.71
CA CYS A 139 -26.89 15.39 -42.30
C CYS A 139 -27.25 16.43 -43.34
N ARG A 140 -28.47 16.96 -43.26
CA ARG A 140 -28.92 17.94 -44.25
C ARG A 140 -28.49 19.29 -43.69
N ARG A 141 -28.04 20.16 -44.59
CA ARG A 141 -27.67 21.52 -44.25
C ARG A 141 -28.82 22.24 -44.97
N GLY A 142 -29.87 22.52 -44.21
CA GLY A 142 -31.12 23.00 -44.77
C GLY A 142 -32.01 22.50 -45.88
N SER A 143 -32.04 21.18 -46.09
CA SER A 143 -32.83 20.52 -47.14
C SER A 143 -31.80 20.12 -48.18
N VAL A 144 -30.60 20.68 -48.12
CA VAL A 144 -29.53 20.32 -49.03
C VAL A 144 -28.67 19.36 -48.20
N ASN A 145 -28.12 18.35 -48.88
CA ASN A 145 -27.32 17.33 -48.23
C ASN A 145 -25.88 17.80 -48.02
N SER A 146 -25.29 17.40 -46.89
CA SER A 146 -23.85 17.57 -46.68
C SER A 146 -23.46 16.72 -45.47
N PHE A 147 -22.31 17.03 -44.87
CA PHE A 147 -21.68 16.15 -43.91
C PHE A 147 -21.07 17.00 -42.78
N PHE A 148 -20.32 16.34 -41.91
CA PHE A 148 -19.54 17.06 -40.91
C PHE A 148 -18.58 18.02 -41.59
N SER A 149 -18.48 19.24 -41.05
CA SER A 149 -17.70 20.27 -41.72
C SER A 149 -16.20 19.97 -41.69
N ARG A 150 -15.73 19.30 -40.65
CA ARG A 150 -14.30 19.03 -40.48
C ARG A 150 -13.90 17.64 -40.95
N LEU A 151 -14.81 16.90 -41.59
CA LEU A 151 -14.54 15.55 -42.06
C LEU A 151 -14.82 15.45 -43.56
N ASN A 152 -14.10 14.56 -44.22
CA ASN A 152 -14.09 14.45 -45.68
C ASN A 152 -14.42 13.01 -46.07
N TRP A 153 -15.64 12.78 -46.56
CA TRP A 153 -16.10 11.44 -46.86
C TRP A 153 -15.64 11.03 -48.26
N LEU A 154 -14.84 9.97 -48.32
CA LEU A 154 -14.26 9.50 -49.57
C LEU A 154 -15.04 8.28 -50.07
N TYR A 155 -15.50 8.35 -51.32
CA TYR A 155 -16.22 7.25 -51.93
C TYR A 155 -15.74 7.07 -53.38
N ASN A 156 -16.36 6.11 -54.06
CA ASN A 156 -15.85 5.65 -55.37
C ASN A 156 -15.92 6.75 -56.42
N LEU A 157 -14.88 6.81 -57.24
CA LEU A 157 -14.81 7.69 -58.40
C LEU A 157 -14.77 6.82 -59.65
N ASN A 158 -15.84 6.87 -60.44
CA ASN A 158 -15.98 6.04 -61.63
C ASN A 158 -15.90 4.55 -61.29
N TYR A 159 -16.82 4.12 -60.42
CA TYR A 159 -16.97 2.71 -60.01
C TYR A 159 -15.65 2.08 -59.62
N LYS A 160 -14.74 2.86 -59.05
CA LYS A 160 -13.44 2.38 -58.62
C LYS A 160 -13.03 3.11 -57.36
N TYR A 161 -12.11 2.51 -56.62
CA TYR A 161 -11.63 3.08 -55.36
C TYR A 161 -10.21 2.56 -55.40
N PRO A 162 -9.21 3.44 -55.30
CA PRO A 162 -7.82 2.98 -55.32
C PRO A 162 -7.52 2.92 -53.82
N GLU A 163 -6.71 1.94 -53.43
CA GLU A 163 -6.23 1.87 -52.06
C GLU A 163 -5.38 3.10 -51.76
N GLN A 164 -5.75 3.85 -50.72
CA GLN A 164 -5.21 5.18 -50.50
C GLN A 164 -4.04 5.18 -49.54
N ASN A 165 -3.23 6.24 -49.64
CA ASN A 165 -1.97 6.33 -48.91
C ASN A 165 -1.72 7.82 -48.94
N VAL A 166 -1.36 8.41 -47.80
CA VAL A 166 -1.02 9.82 -47.72
C VAL A 166 -0.19 9.97 -46.46
N THR A 167 0.82 10.84 -46.53
CA THR A 167 1.58 11.29 -45.38
C THR A 167 1.30 12.77 -45.13
N MET A 168 1.55 13.20 -43.90
CA MET A 168 1.35 14.59 -43.51
C MET A 168 2.32 14.70 -42.34
N PRO A 169 3.16 15.73 -42.31
CA PRO A 169 4.20 15.81 -41.28
C PRO A 169 3.74 16.97 -40.40
N ASN A 170 4.38 17.07 -39.24
CA ASN A 170 4.20 18.17 -38.31
C ASN A 170 5.51 18.96 -38.31
N ASN A 171 5.57 20.01 -39.12
CA ASN A 171 6.76 20.85 -39.21
C ASN A 171 6.69 22.08 -38.31
N ASP A 172 5.63 22.24 -37.54
CA ASP A 172 5.51 23.38 -36.64
C ASP A 172 6.03 23.00 -35.25
N LYS A 173 5.95 23.93 -34.31
CA LYS A 173 6.49 23.76 -32.97
C LYS A 173 5.41 23.38 -31.96
N PHE A 174 4.25 22.91 -32.43
CA PHE A 174 3.14 22.59 -31.54
C PHE A 174 2.53 21.26 -31.94
N ASP A 175 1.98 20.57 -30.94
CA ASP A 175 1.25 19.33 -31.20
C ASP A 175 0.04 19.62 -32.09
N LYS A 176 -0.35 18.62 -32.88
CA LYS A 176 -1.48 18.75 -33.80
C LYS A 176 -2.47 17.64 -33.56
N LEU A 177 -3.75 17.99 -33.48
CA LEU A 177 -4.83 17.05 -33.18
C LEU A 177 -5.62 16.76 -34.46
N TYR A 178 -5.60 15.51 -34.89
CA TYR A 178 -6.32 15.06 -36.09
C TYR A 178 -7.53 14.24 -35.67
N ILE A 179 -8.70 14.59 -36.21
CA ILE A 179 -9.93 13.85 -35.99
C ILE A 179 -10.32 13.17 -37.30
N TRP A 180 -10.62 11.87 -37.24
CA TRP A 180 -11.00 11.11 -38.42
C TRP A 180 -12.01 10.04 -38.02
N GLY A 181 -12.48 9.28 -39.01
CA GLY A 181 -13.52 8.31 -38.79
C GLY A 181 -13.40 7.10 -39.70
N VAL A 182 -14.26 6.12 -39.46
CA VAL A 182 -14.36 4.91 -40.28
C VAL A 182 -15.84 4.56 -40.43
N HIS A 183 -16.27 4.35 -41.68
CA HIS A 183 -17.67 4.14 -41.99
C HIS A 183 -18.03 2.65 -41.90
N HIS A 184 -19.17 2.36 -41.27
CA HIS A 184 -19.69 1.00 -41.11
C HIS A 184 -21.01 0.90 -41.85
N PRO A 185 -21.00 0.50 -43.12
CA PRO A 185 -22.25 0.36 -43.86
C PRO A 185 -23.15 -0.73 -43.29
N GLY A 186 -24.46 -0.54 -43.43
CA GLY A 186 -25.43 -1.45 -42.86
C GLY A 186 -25.71 -2.69 -43.68
N THR A 187 -25.38 -2.69 -44.96
CA THR A 187 -25.54 -3.86 -45.81
C THR A 187 -24.30 -4.01 -46.68
N ASP A 188 -23.95 -5.26 -47.00
CA ASP A 188 -22.86 -5.50 -47.94
C ASP A 188 -23.13 -4.84 -49.29
N LYS A 189 -24.39 -4.55 -49.59
CA LYS A 189 -24.74 -3.77 -50.78
C LYS A 189 -24.08 -2.39 -50.74
N ASP A 190 -24.34 -1.63 -49.67
CA ASP A 190 -23.80 -0.28 -49.58
C ASP A 190 -22.28 -0.29 -49.55
N GLN A 191 -21.67 -1.34 -49.02
CA GLN A 191 -20.20 -1.39 -48.90
C GLN A 191 -19.54 -1.36 -50.27
N THR A 192 -20.09 -2.11 -51.23
CA THR A 192 -19.49 -2.13 -52.56
C THR A 192 -19.88 -0.90 -53.37
N ASN A 193 -21.12 -0.42 -53.22
CA ASN A 193 -21.54 0.75 -53.97
C ASN A 193 -20.80 2.02 -53.57
N LEU A 194 -19.97 1.97 -52.51
CA LEU A 194 -19.21 3.12 -52.04
C LEU A 194 -17.72 2.95 -52.23
N TYR A 195 -17.16 1.80 -51.84
CA TYR A 195 -15.72 1.58 -51.89
C TYR A 195 -15.35 0.35 -52.70
N VAL A 196 -16.33 -0.26 -53.40
CA VAL A 196 -16.20 -1.42 -54.29
C VAL A 196 -15.66 -2.65 -53.58
N GLN A 197 -14.71 -2.51 -52.66
CA GLN A 197 -14.14 -3.67 -52.00
C GLN A 197 -15.13 -4.24 -50.98
N ALA A 198 -14.84 -5.46 -50.51
CA ALA A 198 -15.79 -6.19 -49.68
C ALA A 198 -15.74 -5.73 -48.23
N SER A 199 -14.56 -5.31 -47.75
CA SER A 199 -14.31 -4.86 -46.39
C SER A 199 -12.83 -4.52 -46.56
N GLY A 200 -12.20 -3.98 -45.51
CA GLY A 200 -10.89 -3.41 -45.70
C GLY A 200 -10.28 -3.11 -44.35
N ARG A 201 -9.23 -2.28 -44.40
CA ARG A 201 -8.46 -1.88 -43.24
C ARG A 201 -8.11 -0.41 -43.35
N VAL A 202 -8.08 0.27 -42.20
CA VAL A 202 -7.62 1.66 -42.12
C VAL A 202 -6.50 1.70 -41.10
N ILE A 203 -5.33 2.14 -41.53
CA ILE A 203 -4.12 2.09 -40.70
C ILE A 203 -3.56 3.51 -40.61
N VAL A 204 -3.83 4.17 -39.49
CA VAL A 204 -3.41 5.54 -39.22
C VAL A 204 -2.33 5.50 -38.15
N SER A 205 -1.11 5.90 -38.52
CA SER A 205 0.04 5.70 -37.65
C SER A 205 0.89 6.96 -37.56
N THR A 206 1.66 7.04 -36.48
CA THR A 206 2.74 8.01 -36.31
C THR A 206 3.99 7.26 -35.90
N LYS A 207 5.10 7.99 -35.72
CA LYS A 207 6.30 7.37 -35.19
C LYS A 207 6.06 6.77 -33.81
N ARG A 208 5.21 7.43 -33.02
CA ARG A 208 5.00 7.08 -31.63
C ARG A 208 3.71 6.30 -31.39
N SER A 209 2.68 6.48 -32.23
CA SER A 209 1.39 5.84 -32.05
C SER A 209 1.11 4.86 -33.19
N GLN A 210 -0.03 4.18 -33.09
CA GLN A 210 -0.42 3.16 -34.07
C GLN A 210 -1.92 3.00 -33.84
N GLN A 211 -2.70 3.02 -34.92
CA GLN A 211 -4.15 2.84 -34.85
C GLN A 211 -4.53 2.05 -36.08
N THR A 212 -5.42 1.06 -35.89
CA THR A 212 -5.84 0.20 -36.99
C THR A 212 -7.30 -0.20 -36.76
N VAL A 213 -8.13 0.00 -37.79
CA VAL A 213 -9.56 -0.17 -37.69
C VAL A 213 -10.04 -1.02 -38.86
N ILE A 214 -10.86 -2.03 -38.56
CA ILE A 214 -11.50 -2.88 -39.55
C ILE A 214 -13.00 -2.61 -39.51
N PRO A 215 -13.62 -2.21 -40.62
CA PRO A 215 -15.05 -1.92 -40.62
C PRO A 215 -15.89 -3.18 -40.56
N ASN A 216 -17.03 -3.08 -39.89
CA ASN A 216 -17.95 -4.20 -39.68
C ASN A 216 -19.30 -3.84 -40.28
N ILE A 217 -19.67 -4.53 -41.36
CA ILE A 217 -20.95 -4.33 -42.00
C ILE A 217 -22.04 -4.98 -41.16
N GLY A 218 -23.23 -4.41 -41.19
CA GLY A 218 -24.35 -4.87 -40.39
C GLY A 218 -25.25 -3.71 -40.01
N SER A 219 -26.53 -4.02 -39.78
CA SER A 219 -27.51 -2.97 -39.58
C SER A 219 -27.34 -2.31 -38.21
N ARG A 220 -27.73 -1.05 -38.15
CA ARG A 220 -27.64 -0.21 -36.96
C ARG A 220 -28.99 0.45 -36.73
N PRO A 221 -29.26 0.92 -35.50
CA PRO A 221 -30.56 1.55 -35.23
C PRO A 221 -30.84 2.71 -36.17
N TRP A 222 -32.03 2.71 -36.74
CA TRP A 222 -32.43 3.73 -37.72
C TRP A 222 -32.35 5.12 -37.12
N VAL A 223 -31.55 5.99 -37.74
CA VAL A 223 -31.34 7.36 -37.25
C VAL A 223 -31.35 8.30 -38.45
N ARG A 224 -32.37 9.14 -38.55
CA ARG A 224 -32.46 10.23 -39.52
C ARG A 224 -32.25 9.76 -40.96
N GLY A 225 -32.59 8.51 -41.25
CA GLY A 225 -32.64 8.00 -42.61
C GLY A 225 -31.74 6.80 -42.86
N VAL A 226 -30.59 6.74 -42.19
CA VAL A 226 -29.60 5.69 -42.46
C VAL A 226 -29.55 4.73 -41.27
N SER A 227 -29.26 3.46 -41.59
CA SER A 227 -29.02 2.45 -40.58
C SER A 227 -27.55 2.07 -40.39
N SER A 228 -26.65 2.97 -40.78
CA SER A 228 -25.22 2.82 -40.59
C SER A 228 -24.64 3.71 -39.48
N ILE A 229 -23.33 3.79 -39.36
CA ILE A 229 -22.72 4.56 -38.28
C ILE A 229 -21.25 4.79 -38.59
N ILE A 230 -20.71 5.88 -38.05
CA ILE A 230 -19.29 6.23 -38.15
C ILE A 230 -18.66 6.11 -36.76
N SER A 231 -17.48 5.52 -36.70
CA SER A 231 -16.68 5.52 -35.48
C SER A 231 -15.65 6.64 -35.57
N ILE A 232 -15.49 7.40 -34.48
CA ILE A 232 -14.65 8.58 -34.45
C ILE A 232 -13.37 8.28 -33.69
N TYR A 233 -12.23 8.65 -34.27
CA TYR A 233 -10.92 8.44 -33.67
C TYR A 233 -10.13 9.74 -33.76
N TRP A 234 -9.14 9.87 -32.87
CA TRP A 234 -8.28 11.05 -32.82
C TRP A 234 -6.81 10.62 -32.74
N THR A 235 -5.93 11.52 -33.17
CA THR A 235 -4.51 11.24 -33.23
C THR A 235 -3.74 12.54 -33.00
N ILE A 236 -2.76 12.52 -32.10
CA ILE A 236 -1.92 13.68 -31.84
C ILE A 236 -0.56 13.46 -32.46
N VAL A 237 -0.13 14.42 -33.27
CA VAL A 237 1.16 14.36 -33.97
C VAL A 237 2.05 15.46 -33.40
N LYS A 238 3.14 15.06 -32.74
CA LYS A 238 4.03 16.01 -32.12
C LYS A 238 5.00 16.61 -33.14
N PRO A 239 5.69 17.70 -32.78
CA PRO A 239 6.65 18.28 -33.72
C PRO A 239 7.73 17.28 -34.12
N GLY A 240 8.08 17.30 -35.41
CA GLY A 240 9.03 16.35 -35.93
C GLY A 240 8.48 14.96 -36.16
N ASP A 241 7.20 14.73 -35.92
CA ASP A 241 6.57 13.46 -36.16
C ASP A 241 5.78 13.52 -37.46
N ILE A 242 5.07 12.44 -37.78
CA ILE A 242 4.36 12.31 -39.05
C ILE A 242 3.01 11.64 -38.81
N LEU A 243 1.99 12.08 -39.53
CA LEU A 243 0.73 11.36 -39.65
C LEU A 243 0.75 10.56 -40.94
N LEU A 244 0.27 9.32 -40.89
CA LEU A 244 0.41 8.38 -42.01
C LEU A 244 -0.89 7.60 -42.17
N ILE A 245 -1.75 8.05 -43.07
CA ILE A 245 -3.00 7.36 -43.41
C ILE A 245 -2.70 6.33 -44.49
N ASN A 246 -3.50 5.25 -44.51
CA ASN A 246 -3.26 4.12 -45.39
C ASN A 246 -4.60 3.42 -45.19
N SER A 247 -5.34 3.17 -46.27
CA SER A 247 -6.73 2.74 -46.15
C SER A 247 -7.17 2.13 -47.47
N THR A 248 -7.83 0.98 -47.38
CA THR A 248 -8.51 0.34 -48.51
C THR A 248 -9.84 1.00 -48.82
N GLY A 249 -10.42 1.69 -47.87
CA GLY A 249 -11.77 2.22 -48.01
C GLY A 249 -12.38 2.40 -46.63
N ASN A 250 -13.65 2.82 -46.66
CA ASN A 250 -14.42 3.11 -45.45
C ASN A 250 -13.80 4.23 -44.61
N LEU A 251 -12.92 5.03 -45.20
CA LEU A 251 -12.23 6.08 -44.46
C LEU A 251 -13.02 7.37 -44.48
N ILE A 252 -13.27 7.92 -43.30
CA ILE A 252 -13.78 9.28 -43.15
C ILE A 252 -12.55 10.15 -42.87
N ALA A 253 -12.07 10.79 -43.92
CA ALA A 253 -10.77 11.44 -43.91
C ALA A 253 -10.80 12.76 -43.13
N PRO A 254 -9.68 13.15 -42.53
CA PRO A 254 -9.59 14.48 -41.92
C PRO A 254 -9.32 15.55 -42.97
N ARG A 255 -9.72 16.78 -42.64
CA ARG A 255 -9.46 17.93 -43.50
C ARG A 255 -8.34 18.82 -42.97
N GLY A 256 -7.82 18.52 -41.79
CA GLY A 256 -6.80 19.35 -41.17
C GLY A 256 -6.70 19.02 -39.68
N TYR A 257 -6.00 19.90 -38.97
CA TYR A 257 -5.69 19.67 -37.57
C TYR A 257 -6.30 20.77 -36.71
N PHE A 258 -6.33 20.49 -35.41
CA PHE A 258 -6.66 21.48 -34.39
C PHE A 258 -5.42 21.75 -33.55
N LYS A 259 -5.18 23.04 -33.25
CA LYS A 259 -4.13 23.38 -32.29
C LYS A 259 -4.56 22.93 -30.90
N ILE A 260 -3.72 22.13 -30.25
CA ILE A 260 -4.01 21.56 -28.94
C ILE A 260 -3.12 22.24 -27.92
N GLN A 261 -3.73 23.05 -27.06
CA GLN A 261 -3.00 23.87 -26.11
C GLN A 261 -3.25 23.39 -24.69
N SER A 262 -2.47 23.92 -23.76
CA SER A 262 -2.61 23.63 -22.34
C SER A 262 -2.87 24.93 -21.60
N GLY A 263 -3.89 24.93 -20.76
CA GLY A 263 -4.23 26.13 -20.02
C GLY A 263 -5.28 25.84 -18.97
N LYS A 264 -5.91 26.91 -18.50
CA LYS A 264 -6.90 26.84 -17.44
C LYS A 264 -8.29 26.44 -17.94
N SER A 265 -8.42 26.00 -19.19
CA SER A 265 -9.73 25.80 -19.77
C SER A 265 -10.33 24.46 -19.33
N SER A 266 -11.66 24.39 -19.32
CA SER A 266 -12.37 23.20 -18.89
C SER A 266 -13.79 23.23 -19.46
N ILE A 267 -14.63 22.31 -18.98
CA ILE A 267 -15.99 22.13 -19.46
C ILE A 267 -16.88 21.79 -18.27
N MET A 268 -18.16 22.09 -18.39
CA MET A 268 -19.10 21.91 -17.28
C MET A 268 -20.51 21.72 -17.81
N ARG A 269 -21.25 20.81 -17.20
CA ARG A 269 -22.65 20.57 -17.56
C ARG A 269 -23.54 21.34 -16.61
N SER A 270 -24.41 22.19 -17.17
CA SER A 270 -25.28 23.03 -16.37
C SER A 270 -26.34 23.66 -17.26
N ASP A 271 -27.56 23.76 -16.75
CA ASP A 271 -28.63 24.47 -17.42
C ASP A 271 -28.84 25.85 -16.81
N ALA A 272 -27.90 26.34 -16.02
CA ALA A 272 -28.04 27.64 -15.39
C ALA A 272 -27.95 28.74 -16.43
N HIS A 273 -28.80 29.76 -16.29
CA HIS A 273 -28.73 30.90 -17.19
C HIS A 273 -27.45 31.69 -16.96
N ILE A 274 -27.02 32.39 -18.00
CA ILE A 274 -25.83 33.25 -17.92
C ILE A 274 -26.31 34.69 -17.77
N ASP A 275 -25.79 35.37 -16.74
CA ASP A 275 -26.22 36.72 -16.39
C ASP A 275 -25.05 37.68 -16.45
N GLU A 276 -25.36 38.96 -16.55
CA GLU A 276 -24.35 40.01 -16.61
C GLU A 276 -23.93 40.37 -15.20
N CYS A 277 -22.82 39.78 -14.76
CA CYS A 277 -22.26 40.08 -13.45
C CYS A 277 -20.82 39.58 -13.41
N ASN A 278 -20.24 39.47 -12.22
CA ASN A 278 -18.85 39.05 -12.07
C ASN A 278 -18.70 38.18 -10.82
N SER A 279 -18.03 37.03 -10.97
CA SER A 279 -17.90 36.08 -9.86
C SER A 279 -16.75 35.12 -10.19
N GLU A 280 -15.77 35.03 -9.28
CA GLU A 280 -14.60 34.19 -9.54
C GLU A 280 -14.95 32.72 -9.63
N CYS A 281 -15.97 32.26 -8.89
CA CYS A 281 -16.25 30.84 -8.72
C CYS A 281 -17.53 30.46 -9.47
N ILE A 282 -17.47 29.37 -10.23
CA ILE A 282 -18.60 28.86 -11.01
C ILE A 282 -18.89 27.42 -10.57
N THR A 283 -20.15 27.15 -10.26
CA THR A 283 -20.65 25.80 -10.00
C THR A 283 -21.77 25.49 -10.97
N PRO A 284 -22.08 24.21 -11.20
CA PRO A 284 -23.14 23.88 -12.17
C PRO A 284 -24.47 24.52 -11.84
N ASN A 285 -24.78 24.74 -10.58
CA ASN A 285 -26.05 25.35 -10.21
C ASN A 285 -25.91 26.86 -9.97
N GLY A 286 -24.86 27.48 -10.49
CA GLY A 286 -24.73 28.92 -10.43
C GLY A 286 -23.41 29.41 -9.87
N SER A 287 -23.07 30.66 -10.14
CA SER A 287 -21.88 31.26 -9.56
C SER A 287 -22.10 31.49 -8.06
N ILE A 288 -21.02 31.30 -7.28
CA ILE A 288 -21.09 31.51 -5.84
C ILE A 288 -19.92 32.39 -5.39
N PRO A 289 -20.06 33.11 -4.29
CA PRO A 289 -18.94 33.93 -3.80
C PRO A 289 -17.85 33.08 -3.18
N ASN A 290 -16.64 33.63 -3.14
CA ASN A 290 -15.49 32.96 -2.54
C ASN A 290 -14.82 33.86 -1.52
N ASP A 291 -15.60 34.44 -0.63
CA ASP A 291 -15.04 35.12 0.53
C ASP A 291 -14.83 34.16 1.69
N LYS A 292 -15.63 33.10 1.77
CA LYS A 292 -15.55 32.08 2.79
C LYS A 292 -14.58 30.96 2.37
N PRO A 293 -13.96 30.28 3.32
CA PRO A 293 -13.00 29.23 2.95
C PRO A 293 -13.64 27.92 2.51
N PHE A 294 -14.89 27.65 2.87
CA PHE A 294 -15.54 26.40 2.53
C PHE A 294 -16.89 26.69 1.89
N GLN A 295 -17.43 25.70 1.19
CA GLN A 295 -18.70 25.88 0.51
C GLN A 295 -19.45 24.55 0.48
N ASN A 296 -20.79 24.65 0.40
CA ASN A 296 -21.69 23.51 0.49
C ASN A 296 -22.58 23.42 -0.75
N VAL A 297 -22.31 24.23 -1.78
CA VAL A 297 -23.22 24.34 -2.91
C VAL A 297 -23.06 23.16 -3.88
N ASN A 298 -21.84 22.86 -4.29
CA ASN A 298 -21.63 21.72 -5.18
C ASN A 298 -20.14 21.38 -5.21
N LYS A 299 -19.84 20.07 -5.26
CA LYS A 299 -18.45 19.62 -5.36
C LYS A 299 -17.85 19.86 -6.73
N ILE A 300 -18.66 20.14 -7.75
CA ILE A 300 -18.16 20.52 -9.07
C ILE A 300 -18.02 22.03 -9.10
N THR A 301 -16.79 22.52 -9.34
CA THR A 301 -16.54 23.95 -9.38
C THR A 301 -15.54 24.26 -10.49
N TYR A 302 -15.38 25.55 -10.75
CA TYR A 302 -14.38 26.03 -11.69
C TYR A 302 -13.93 27.41 -11.25
N GLY A 303 -12.63 27.59 -11.08
CA GLY A 303 -12.06 28.86 -10.69
C GLY A 303 -11.67 28.91 -9.22
N ALA A 304 -11.35 30.12 -8.78
CA ALA A 304 -11.00 30.38 -7.38
C ALA A 304 -12.24 30.17 -6.52
N CYS A 305 -12.37 28.99 -5.93
CA CYS A 305 -13.56 28.60 -5.19
C CYS A 305 -13.20 28.17 -3.77
N PRO A 306 -14.15 28.22 -2.86
CA PRO A 306 -13.95 27.57 -1.56
C PRO A 306 -14.00 26.05 -1.72
N ARG A 307 -13.47 25.36 -0.71
CA ARG A 307 -13.40 23.91 -0.75
C ARG A 307 -14.74 23.31 -0.33
N TYR A 308 -15.25 22.37 -1.12
CA TYR A 308 -16.52 21.73 -0.80
C TYR A 308 -16.39 20.85 0.44
N VAL A 309 -17.38 20.97 1.33
CA VAL A 309 -17.42 20.21 2.57
C VAL A 309 -18.85 19.73 2.80
N LYS A 310 -19.00 18.72 3.66
CA LYS A 310 -20.31 18.14 3.91
C LYS A 310 -21.18 19.02 4.80
N GLN A 311 -20.56 19.85 5.64
CA GLN A 311 -21.31 20.74 6.50
C GLN A 311 -21.93 21.89 5.71
N ASN A 312 -23.10 22.34 6.16
CA ASN A 312 -23.74 23.50 5.57
C ASN A 312 -23.56 24.76 6.42
N THR A 313 -22.97 24.63 7.60
CA THR A 313 -22.66 25.79 8.43
C THR A 313 -21.53 25.44 9.39
N LEU A 314 -20.54 26.34 9.49
CA LEU A 314 -19.49 26.25 10.50
C LEU A 314 -19.21 27.67 10.95
N LYS A 315 -19.62 28.01 12.17
CA LYS A 315 -19.45 29.35 12.69
C LYS A 315 -18.12 29.47 13.45
N LEU A 316 -17.33 30.46 13.06
CA LEU A 316 -16.04 30.74 13.69
C LEU A 316 -16.23 31.89 14.67
N ALA A 317 -15.98 31.63 15.94
CA ALA A 317 -16.17 32.65 16.96
C ALA A 317 -15.20 33.80 16.74
N THR A 318 -15.71 35.03 16.84
CA THR A 318 -14.89 36.24 16.76
C THR A 318 -15.00 37.09 18.02
N GLY A 319 -15.37 36.48 19.15
CA GLY A 319 -15.54 37.23 20.39
C GLY A 319 -15.48 36.31 21.58
N MET A 320 -15.47 36.92 22.75
CA MET A 320 -15.41 36.18 24.01
C MET A 320 -16.75 35.47 24.27
N ARG A 321 -16.78 34.66 25.33
CA ARG A 321 -18.07 34.07 25.71
C ARG A 321 -19.01 35.18 26.15
N ASN A 322 -20.27 35.07 25.74
CA ASN A 322 -21.29 36.05 26.10
C ASN A 322 -21.95 35.61 27.41
N VAL A 323 -21.74 36.40 28.47
CA VAL A 323 -22.36 36.14 29.76
C VAL A 323 -23.25 37.34 30.09
N PRO A 324 -24.49 37.37 29.58
CA PRO A 324 -25.29 38.59 29.68
C PRO A 324 -25.89 38.79 31.06
N GLU A 325 -26.80 39.76 31.18
CA GLU A 325 -27.59 40.01 32.38
C GLU A 325 -27.95 38.72 33.09
N LYS A 326 -27.39 38.51 34.28
CA LYS A 326 -27.52 37.24 34.98
C LYS A 326 -28.93 37.05 35.52
N GLY B 1 -13.51 29.75 30.90
CA GLY B 1 -12.33 29.45 30.11
C GLY B 1 -11.33 28.82 31.06
N ILE B 2 -10.11 28.59 30.59
CA ILE B 2 -9.08 27.96 31.40
C ILE B 2 -8.42 28.89 32.38
N PHE B 3 -8.77 30.16 32.33
CA PHE B 3 -8.21 31.18 33.20
C PHE B 3 -9.28 31.57 34.20
N GLY B 4 -10.53 31.13 34.01
CA GLY B 4 -11.56 31.30 35.03
C GLY B 4 -11.89 32.72 35.39
N ALA B 5 -11.69 33.66 34.48
CA ALA B 5 -12.11 35.04 34.71
C ALA B 5 -13.39 35.50 34.02
N ILE B 6 -13.54 35.17 32.73
CA ILE B 6 -14.79 35.45 32.04
C ILE B 6 -15.59 34.18 32.29
N ALA B 7 -16.87 34.35 32.67
CA ALA B 7 -17.73 33.26 33.12
C ALA B 7 -17.16 32.54 34.33
N GLY B 8 -16.24 33.18 35.04
CA GLY B 8 -15.62 32.61 36.23
C GLY B 8 -15.80 33.51 37.44
N PHE B 9 -14.71 34.08 37.96
CA PHE B 9 -14.84 34.96 39.12
C PHE B 9 -15.43 36.32 38.77
N ILE B 10 -15.58 36.62 37.49
CA ILE B 10 -16.40 37.74 37.04
C ILE B 10 -17.79 37.17 36.78
N GLU B 11 -18.75 37.50 37.65
CA GLU B 11 -20.04 36.81 37.64
C GLU B 11 -20.75 36.97 36.30
N ASN B 12 -20.61 38.12 35.66
CA ASN B 12 -21.27 38.36 34.38
C ASN B 12 -20.58 39.52 33.68
N GLY B 13 -20.93 39.72 32.42
CA GLY B 13 -20.42 40.83 31.64
C GLY B 13 -21.30 42.05 31.75
N TRP B 14 -20.91 43.09 31.00
CA TRP B 14 -21.59 44.39 31.00
C TRP B 14 -22.13 44.66 29.61
N GLU B 15 -23.45 44.53 29.43
CA GLU B 15 -24.04 44.90 28.15
C GLU B 15 -23.93 46.40 27.88
N GLY B 16 -23.76 47.21 28.92
CA GLY B 16 -23.72 48.65 28.78
C GLY B 16 -22.39 49.24 28.43
N MET B 17 -21.36 48.42 28.21
CA MET B 17 -20.04 48.89 27.83
C MET B 17 -19.86 48.63 26.34
N VAL B 18 -19.94 49.70 25.55
CA VAL B 18 -19.92 49.59 24.09
C VAL B 18 -18.68 50.22 23.47
N ASP B 19 -17.80 50.83 24.27
CA ASP B 19 -16.60 51.46 23.77
C ASP B 19 -15.36 50.57 23.90
N GLY B 20 -15.53 49.33 24.33
CA GLY B 20 -14.41 48.41 24.43
C GLY B 20 -14.88 47.04 24.86
N TRP B 21 -13.90 46.14 24.98
CA TRP B 21 -14.15 44.77 25.44
C TRP B 21 -13.84 44.57 26.91
N TYR B 22 -12.92 45.34 27.47
CA TYR B 22 -12.59 45.27 28.88
C TYR B 22 -12.56 46.68 29.44
N GLY B 23 -12.98 46.81 30.70
CA GLY B 23 -13.09 48.15 31.24
C GLY B 23 -13.13 48.18 32.75
N PHE B 24 -13.21 49.39 33.27
CA PHE B 24 -13.25 49.66 34.70
C PHE B 24 -14.61 50.21 35.10
N ARG B 25 -15.14 49.74 36.22
CA ARG B 25 -16.23 50.41 36.91
C ARG B 25 -15.74 50.79 38.31
N HIS B 26 -16.05 52.02 38.72
CA HIS B 26 -15.54 52.55 39.97
C HIS B 26 -16.66 53.22 40.75
N GLN B 27 -16.43 53.36 42.05
CA GLN B 27 -17.32 54.07 42.96
C GLN B 27 -16.46 54.78 43.98
N ASN B 28 -16.58 56.11 44.07
CA ASN B 28 -15.69 56.88 44.91
C ASN B 28 -16.46 58.07 45.49
N SER B 29 -15.72 59.09 45.95
CA SER B 29 -16.34 60.21 46.65
C SER B 29 -17.12 61.11 45.71
N GLU B 30 -16.70 61.21 44.44
CA GLU B 30 -17.35 62.10 43.49
C GLU B 30 -18.51 61.45 42.75
N GLY B 31 -18.63 60.14 42.81
CA GLY B 31 -19.72 59.44 42.14
C GLY B 31 -19.26 58.08 41.65
N THR B 32 -19.89 57.64 40.55
CA THR B 32 -19.58 56.36 39.92
C THR B 32 -19.33 56.59 38.43
N GLY B 33 -18.73 55.58 37.79
CA GLY B 33 -18.43 55.72 36.37
C GLY B 33 -18.00 54.41 35.75
N GLN B 34 -17.75 54.48 34.45
CA GLN B 34 -17.35 53.34 33.64
C GLN B 34 -16.40 53.82 32.55
N ALA B 35 -15.43 52.98 32.20
CA ALA B 35 -14.43 53.37 31.22
C ALA B 35 -13.82 52.12 30.62
N ALA B 36 -13.84 52.04 29.29
CA ALA B 36 -13.24 50.90 28.62
C ALA B 36 -11.72 51.01 28.68
N ASP B 37 -11.06 49.84 28.72
CA ASP B 37 -9.61 49.77 28.64
C ASP B 37 -9.22 49.44 27.21
N LEU B 38 -8.40 50.29 26.60
CA LEU B 38 -8.07 50.14 25.19
C LEU B 38 -7.02 49.07 24.96
N LYS B 39 -6.00 49.01 25.82
CA LYS B 39 -4.90 48.07 25.62
C LYS B 39 -5.40 46.63 25.57
N SER B 40 -6.15 46.20 26.59
CA SER B 40 -6.64 44.82 26.62
C SER B 40 -7.63 44.58 25.48
N THR B 41 -8.48 45.57 25.18
CA THR B 41 -9.43 45.41 24.09
C THR B 41 -8.71 45.25 22.77
N GLN B 42 -7.70 46.11 22.51
CA GLN B 42 -6.95 46.02 21.27
C GLN B 42 -6.12 44.74 21.20
N ALA B 43 -5.66 44.24 22.36
CA ALA B 43 -4.92 42.98 22.37
C ALA B 43 -5.79 41.82 21.90
N ALA B 44 -6.99 41.70 22.46
CA ALA B 44 -7.88 40.61 22.08
C ALA B 44 -8.32 40.74 20.62
N ILE B 45 -8.63 41.97 20.20
CA ILE B 45 -9.15 42.15 18.84
C ILE B 45 -8.08 41.83 17.80
N ASN B 46 -6.85 42.28 18.03
CA ASN B 46 -5.79 42.04 17.05
C ASN B 46 -5.46 40.55 16.93
N GLN B 47 -5.62 39.78 18.00
CA GLN B 47 -5.43 38.34 17.91
C GLN B 47 -6.54 37.68 17.12
N ILE B 48 -7.80 38.06 17.37
CA ILE B 48 -8.92 37.45 16.67
C ILE B 48 -8.93 37.86 15.21
N THR B 49 -8.61 39.13 14.93
CA THR B 49 -8.47 39.56 13.54
C THR B 49 -7.35 38.79 12.85
N GLY B 50 -6.27 38.51 13.57
CA GLY B 50 -5.15 37.80 12.97
C GLY B 50 -5.52 36.38 12.57
N LYS B 51 -6.08 35.60 13.50
CA LYS B 51 -6.43 34.22 13.17
C LYS B 51 -7.53 34.19 12.13
N LEU B 52 -8.45 35.16 12.15
CA LEU B 52 -9.53 35.17 11.18
C LEU B 52 -8.99 35.30 9.76
N ASN B 53 -7.92 36.08 9.58
CA ASN B 53 -7.37 36.28 8.24
C ASN B 53 -6.59 35.04 7.77
N ARG B 54 -5.92 34.35 8.69
CA ARG B 54 -5.27 33.11 8.32
C ARG B 54 -6.30 32.06 7.89
N VAL B 55 -7.48 32.06 8.52
CA VAL B 55 -8.48 31.05 8.24
C VAL B 55 -9.14 31.29 6.88
N ILE B 56 -9.47 32.53 6.55
CA ILE B 56 -9.98 32.83 5.21
C ILE B 56 -8.76 33.02 4.31
N LYS B 57 -8.11 31.90 4.00
CA LYS B 57 -6.68 31.86 3.66
C LYS B 57 -6.05 32.82 2.61
N LYS B 58 -6.52 32.91 1.35
CA LYS B 58 -7.45 32.03 0.66
C LYS B 58 -6.51 31.35 -0.32
N THR B 59 -6.79 30.09 -0.70
CA THR B 59 -5.97 29.43 -1.71
C THR B 59 -7.00 28.50 -2.34
N ASN B 60 -6.55 27.63 -3.24
CA ASN B 60 -7.41 26.66 -3.90
C ASN B 60 -7.24 27.13 -5.34
N GLU B 61 -8.37 27.46 -5.97
CA GLU B 61 -8.43 27.74 -7.40
C GLU B 61 -8.20 26.85 -8.62
N LYS B 62 -8.81 25.66 -8.60
CA LYS B 62 -8.72 24.68 -9.68
C LYS B 62 -9.57 24.81 -10.95
N PHE B 63 -9.05 24.28 -12.05
CA PHE B 63 -9.66 24.47 -13.36
C PHE B 63 -10.17 23.18 -13.99
N HIS B 64 -9.37 22.47 -14.77
CA HIS B 64 -9.85 21.24 -15.36
C HIS B 64 -9.54 20.17 -14.32
N GLN B 65 -10.57 19.43 -13.91
CA GLN B 65 -10.41 18.38 -12.90
C GLN B 65 -10.95 17.08 -13.46
N ILE B 66 -11.53 16.25 -12.60
CA ILE B 66 -12.16 15.01 -13.03
C ILE B 66 -13.67 15.20 -13.02
N GLU B 67 -14.37 14.41 -13.82
CA GLU B 67 -15.81 14.43 -13.76
C GLU B 67 -16.28 13.80 -12.45
N LYS B 68 -17.40 14.32 -11.92
CA LYS B 68 -17.87 13.91 -10.61
C LYS B 68 -19.32 13.45 -10.63
N GLU B 69 -20.01 13.53 -11.76
CA GLU B 69 -21.34 12.97 -11.94
C GLU B 69 -21.37 12.17 -13.23
N PHE B 70 -22.18 11.10 -13.23
CA PHE B 70 -22.16 10.14 -14.32
C PHE B 70 -23.58 9.70 -14.64
N SER B 71 -23.93 9.74 -15.93
CA SER B 71 -25.25 9.34 -16.38
C SER B 71 -25.31 7.88 -16.84
N GLU B 72 -24.17 7.23 -17.00
CA GLU B 72 -24.10 5.83 -17.40
C GLU B 72 -23.35 5.03 -16.36
N VAL B 73 -23.81 3.81 -16.11
CA VAL B 73 -23.04 2.85 -15.31
C VAL B 73 -21.82 2.41 -16.11
N GLU B 74 -20.66 2.48 -15.49
CA GLU B 74 -19.41 2.18 -16.22
C GLU B 74 -18.56 1.15 -15.50
N GLY B 75 -18.60 1.16 -14.17
CA GLY B 75 -17.88 0.16 -13.42
C GLY B 75 -16.58 0.61 -12.77
N ARG B 76 -15.49 -0.07 -13.12
CA ARG B 76 -14.27 0.01 -12.32
C ARG B 76 -13.72 1.43 -12.28
N ILE B 77 -13.44 2.01 -13.44
CA ILE B 77 -12.81 3.32 -13.48
C ILE B 77 -13.70 4.37 -12.84
N GLN B 78 -15.03 4.21 -12.96
CA GLN B 78 -15.94 5.18 -12.36
C GLN B 78 -16.02 4.99 -10.84
N ASP B 79 -16.01 3.75 -10.37
CA ASP B 79 -15.91 3.49 -8.93
C ASP B 79 -14.72 4.23 -8.33
N LEU B 80 -13.61 4.26 -9.05
CA LEU B 80 -12.41 4.93 -8.57
C LEU B 80 -12.59 6.44 -8.58
N GLU B 81 -13.09 6.98 -9.70
CA GLU B 81 -13.31 8.43 -9.78
C GLU B 81 -14.23 8.92 -8.68
N LYS B 82 -15.21 8.11 -8.27
CA LYS B 82 -16.07 8.50 -7.16
C LYS B 82 -15.36 8.33 -5.82
N TYR B 83 -14.64 7.23 -5.65
CA TYR B 83 -13.96 6.98 -4.38
C TYR B 83 -12.91 8.05 -4.10
N VAL B 84 -12.25 8.54 -5.14
CA VAL B 84 -11.24 9.59 -4.95
C VAL B 84 -11.91 10.87 -4.46
N GLU B 85 -12.96 11.31 -5.16
CA GLU B 85 -13.63 12.54 -4.77
C GLU B 85 -14.29 12.41 -3.41
N ASP B 86 -14.88 11.24 -3.13
CA ASP B 86 -15.49 11.05 -1.82
C ASP B 86 -14.44 11.07 -0.72
N THR B 87 -13.33 10.37 -0.94
CA THR B 87 -12.24 10.37 0.03
C THR B 87 -11.80 11.77 0.36
N LYS B 88 -11.71 12.62 -0.67
CA LYS B 88 -11.22 13.99 -0.49
C LYS B 88 -12.21 14.82 0.30
N ILE B 89 -13.51 14.68 0.03
CA ILE B 89 -14.50 15.51 0.70
C ILE B 89 -14.55 15.20 2.20
N ASP B 90 -14.55 13.92 2.56
CA ASP B 90 -14.53 13.57 3.98
C ASP B 90 -13.30 14.16 4.67
N LEU B 91 -12.16 14.15 3.99
CA LEU B 91 -10.92 14.63 4.59
C LEU B 91 -10.95 16.15 4.79
N TRP B 92 -11.54 16.88 3.84
CA TRP B 92 -11.64 18.32 4.00
C TRP B 92 -12.75 18.69 4.97
N SER B 93 -13.87 17.93 4.96
CA SER B 93 -14.91 18.16 5.95
C SER B 93 -14.37 17.97 7.36
N TYR B 94 -13.49 16.99 7.54
CA TYR B 94 -12.84 16.79 8.83
C TYR B 94 -12.00 18.01 9.20
N ASN B 95 -11.12 18.42 8.29
CA ASN B 95 -10.25 19.56 8.55
C ASN B 95 -11.07 20.78 8.98
N ALA B 96 -12.17 21.02 8.27
CA ALA B 96 -12.99 22.19 8.56
C ALA B 96 -13.64 22.09 9.93
N GLU B 97 -14.12 20.89 10.28
CA GLU B 97 -14.75 20.70 11.59
C GLU B 97 -13.73 20.86 12.71
N LEU B 98 -12.55 20.28 12.54
CA LEU B 98 -11.54 20.37 13.60
C LEU B 98 -10.96 21.77 13.70
N LEU B 99 -10.84 22.48 12.58
CA LEU B 99 -10.30 23.84 12.61
C LEU B 99 -11.18 24.75 13.45
N VAL B 100 -12.48 24.80 13.13
CA VAL B 100 -13.40 25.63 13.88
C VAL B 100 -13.40 25.27 15.35
N ALA B 101 -13.33 23.98 15.66
CA ALA B 101 -13.32 23.55 17.06
C ALA B 101 -12.09 24.07 17.79
N LEU B 102 -10.91 23.82 17.24
CA LEU B 102 -9.68 24.27 17.88
C LEU B 102 -9.65 25.79 18.01
N GLU B 103 -9.98 26.49 16.92
CA GLU B 103 -9.90 27.95 16.92
C GLU B 103 -10.83 28.55 17.96
N ASN B 104 -12.08 28.08 18.01
CA ASN B 104 -13.05 28.65 18.94
C ASN B 104 -12.65 28.38 20.39
N GLN B 105 -12.09 27.20 20.67
CA GLN B 105 -11.55 26.93 21.99
C GLN B 105 -10.46 27.93 22.34
N HIS B 106 -9.60 28.27 21.38
CA HIS B 106 -8.54 29.23 21.61
C HIS B 106 -9.05 30.66 21.64
N THR B 107 -10.06 30.98 20.83
CA THR B 107 -10.65 32.31 20.86
C THR B 107 -11.23 32.61 22.23
N ILE B 108 -11.85 31.61 22.86
CA ILE B 108 -12.44 31.81 24.18
C ILE B 108 -11.35 31.92 25.24
N ASP B 109 -10.36 31.02 25.20
CA ASP B 109 -9.33 31.01 26.24
C ASP B 109 -8.45 32.26 26.17
N LEU B 110 -8.23 32.82 24.98
CA LEU B 110 -7.40 34.03 24.92
C LEU B 110 -8.17 35.25 25.41
N THR B 111 -9.45 35.36 25.07
CA THR B 111 -10.26 36.44 25.65
C THR B 111 -10.37 36.31 27.15
N ASP B 112 -10.34 35.07 27.67
CA ASP B 112 -10.28 34.86 29.11
C ASP B 112 -8.95 35.35 29.67
N SER B 113 -7.87 35.09 28.94
CA SER B 113 -6.54 35.53 29.38
C SER B 113 -6.48 37.04 29.48
N GLU B 114 -6.93 37.74 28.44
CA GLU B 114 -6.83 39.20 28.43
C GLU B 114 -7.57 39.83 29.59
N MET B 115 -8.67 39.23 30.03
CA MET B 115 -9.34 39.71 31.24
C MET B 115 -8.45 39.50 32.45
N SER B 116 -7.94 38.28 32.64
CA SER B 116 -7.07 38.00 33.77
C SER B 116 -5.82 38.86 33.76
N LYS B 117 -5.30 39.19 32.58
CA LYS B 117 -4.11 40.03 32.50
C LYS B 117 -4.41 41.45 32.96
N LEU B 118 -5.56 41.99 32.55
CA LEU B 118 -5.94 43.33 33.00
C LEU B 118 -6.16 43.37 34.51
N PHE B 119 -6.63 42.27 35.10
CA PHE B 119 -6.80 42.24 36.54
C PHE B 119 -5.46 42.22 37.26
N GLU B 120 -4.51 41.42 36.76
CA GLU B 120 -3.19 41.35 37.41
C GLU B 120 -2.43 42.66 37.26
N ARG B 121 -2.47 43.28 36.09
CA ARG B 121 -1.88 44.60 35.92
C ARG B 121 -2.42 45.58 36.96
N THR B 122 -3.73 45.56 37.19
CA THR B 122 -4.32 46.44 38.19
C THR B 122 -3.91 46.04 39.59
N ARG B 123 -3.79 44.74 39.85
CA ARG B 123 -3.42 44.27 41.19
C ARG B 123 -2.01 44.73 41.55
N ARG B 124 -1.05 44.54 40.64
CA ARG B 124 0.32 44.97 40.89
C ARG B 124 0.38 46.47 41.15
N GLN B 125 -0.39 47.24 40.36
CA GLN B 125 -0.32 48.69 40.44
C GLN B 125 -0.78 49.20 41.80
N LEU B 126 -1.91 48.67 42.29
CA LEU B 126 -2.44 49.12 43.57
C LEU B 126 -1.55 48.68 44.73
N ARG B 127 -0.80 47.60 44.55
CA ARG B 127 0.19 47.14 45.52
C ARG B 127 -0.49 46.90 46.87
N GLU B 128 -0.10 47.67 47.89
CA GLU B 128 -0.56 47.43 49.24
C GLU B 128 -1.70 48.32 49.71
N ASN B 129 -2.34 49.05 48.80
CA ASN B 129 -3.41 49.96 49.15
C ASN B 129 -4.80 49.36 48.91
N ALA B 130 -4.88 48.14 48.41
CA ALA B 130 -6.15 47.56 48.03
C ALA B 130 -6.14 46.07 48.28
N GLU B 131 -7.34 45.51 48.49
CA GLU B 131 -7.52 44.07 48.68
C GLU B 131 -8.46 43.53 47.62
N ASP B 132 -8.18 42.30 47.17
CA ASP B 132 -9.02 41.61 46.19
C ASP B 132 -10.29 41.11 46.87
N MET B 133 -11.44 41.63 46.44
CA MET B 133 -12.71 41.21 47.01
C MET B 133 -13.16 39.85 46.49
N GLY B 134 -12.69 39.43 45.31
CA GLY B 134 -13.01 38.12 44.76
C GLY B 134 -13.96 38.12 43.60
N ASN B 135 -14.40 39.29 43.12
CA ASN B 135 -15.37 39.40 42.03
C ASN B 135 -14.84 40.33 40.94
N GLY B 136 -13.52 40.44 40.85
CA GLY B 136 -12.92 41.38 39.93
C GLY B 136 -12.93 42.81 40.42
N CYS B 137 -13.32 43.04 41.66
CA CYS B 137 -13.32 44.37 42.26
C CYS B 137 -12.22 44.49 43.30
N PHE B 138 -11.71 45.70 43.45
CA PHE B 138 -10.73 46.02 44.49
C PHE B 138 -11.36 46.99 45.47
N LYS B 139 -11.17 46.72 46.75
CA LYS B 139 -11.47 47.71 47.79
C LYS B 139 -10.24 48.57 47.98
N ILE B 140 -10.34 49.85 47.67
CA ILE B 140 -9.22 50.79 47.78
C ILE B 140 -9.36 51.52 49.11
N TYR B 141 -8.40 51.32 50.00
CA TYR B 141 -8.50 51.75 51.40
C TYR B 141 -8.26 53.24 51.68
N HIS B 142 -8.10 54.05 50.64
CA HIS B 142 -7.91 55.48 50.84
C HIS B 142 -8.76 56.35 49.93
N LYS B 143 -8.87 57.63 50.30
CA LYS B 143 -9.58 58.60 49.49
C LYS B 143 -8.99 58.65 48.08
N CYS B 144 -9.76 58.18 47.10
CA CYS B 144 -9.30 58.09 45.71
C CYS B 144 -10.33 58.79 44.84
N ASP B 145 -10.09 60.07 44.56
CA ASP B 145 -11.01 60.87 43.75
C ASP B 145 -10.86 60.48 42.27
N ASN B 146 -11.49 61.26 41.39
CA ASN B 146 -11.49 60.92 39.97
C ASN B 146 -10.08 60.96 39.39
N ALA B 147 -9.25 61.89 39.84
CA ALA B 147 -7.87 61.94 39.37
C ALA B 147 -7.12 60.68 39.74
N CYS B 148 -7.29 60.20 40.97
CA CYS B 148 -6.64 58.97 41.41
C CYS B 148 -7.12 57.78 40.59
N ILE B 149 -8.45 57.66 40.41
CA ILE B 149 -9.00 56.59 39.60
C ILE B 149 -8.44 56.64 38.19
N GLY B 150 -8.44 57.82 37.58
CA GLY B 150 -7.88 57.98 36.26
C GLY B 150 -6.43 57.59 36.18
N SER B 151 -5.66 57.86 37.24
CA SER B 151 -4.25 57.49 37.26
C SER B 151 -4.05 55.98 37.33
N ILE B 152 -5.07 55.24 37.77
CA ILE B 152 -4.98 53.78 37.70
C ILE B 152 -5.31 53.29 36.30
N ARG B 153 -6.39 53.80 35.72
CA ARG B 153 -6.81 53.37 34.39
C ARG B 153 -5.77 53.64 33.32
N ASN B 154 -4.86 54.60 33.54
CA ASN B 154 -3.84 54.94 32.55
C ASN B 154 -2.46 54.37 32.88
N GLY B 155 -2.28 53.82 34.07
CA GLY B 155 -1.02 53.19 34.45
C GLY B 155 -0.02 54.05 35.20
N THR B 156 -0.44 55.17 35.80
CA THR B 156 0.46 56.09 36.47
C THR B 156 0.10 56.25 37.94
N TYR B 157 -0.45 55.21 38.56
CA TYR B 157 -0.88 55.28 39.94
C TYR B 157 0.31 55.13 40.88
N ASP B 158 0.60 56.16 41.64
CA ASP B 158 1.69 56.16 42.61
C ASP B 158 1.14 55.71 43.95
N HIS B 159 1.32 54.42 44.25
CA HIS B 159 0.82 53.87 45.51
C HIS B 159 1.48 54.51 46.72
N ASP B 160 2.67 55.10 46.54
CA ASP B 160 3.44 55.61 47.67
C ASP B 160 2.72 56.76 48.36
N ILE B 161 2.00 57.59 47.59
CA ILE B 161 1.31 58.75 48.17
C ILE B 161 0.21 58.30 49.13
N TYR B 162 -0.44 57.19 48.84
CA TYR B 162 -1.58 56.72 49.61
C TYR B 162 -1.24 55.57 50.56
N ARG B 163 0.01 55.11 50.57
CA ARG B 163 0.34 53.88 51.29
C ARG B 163 0.08 54.02 52.79
N ASN B 164 0.59 55.10 53.40
CA ASN B 164 0.39 55.27 54.83
C ASN B 164 -1.08 55.44 55.18
N GLU B 165 -1.82 56.19 54.35
CA GLU B 165 -3.25 56.36 54.59
C GLU B 165 -4.00 55.03 54.44
N ALA B 166 -3.64 54.26 53.41
CA ALA B 166 -4.34 53.01 53.14
C ALA B 166 -4.00 51.95 54.19
N LEU B 167 -2.71 51.87 54.58
CA LEU B 167 -2.30 50.86 55.54
C LEU B 167 -2.98 51.03 56.90
N ASN B 168 -3.27 52.27 57.29
CA ASN B 168 -3.98 52.49 58.54
C ASN B 168 -5.43 52.05 58.45
N ASN B 169 -6.08 52.33 57.31
CA ASN B 169 -7.47 51.93 57.14
C ASN B 169 -7.65 50.42 57.13
N ARG B 170 -6.58 49.67 56.87
CA ARG B 170 -6.65 48.21 56.80
C ARG B 170 -6.47 47.55 58.16
N PHE B 171 -5.68 48.15 59.06
CA PHE B 171 -5.28 47.52 60.31
C PHE B 171 -5.79 48.35 61.48
N GLN B 172 -6.59 47.73 62.34
CA GLN B 172 -7.16 48.40 63.51
C GLN B 172 -7.90 47.42 64.41
N ILE B 173 -9.06 47.85 64.92
CA ILE B 173 -9.96 47.00 65.68
C ILE B 173 -11.32 47.00 64.99
N LYS B 174 -11.46 46.17 63.95
CA LYS B 174 -12.68 46.15 63.14
C LYS B 174 -13.83 45.48 63.86
N ASN C 8 -5.28 25.82 68.73
CA ASN C 8 -4.43 26.81 69.38
C ASN C 8 -4.04 27.91 68.40
N SER C 9 -4.93 28.87 68.19
CA SER C 9 -4.74 30.03 67.31
C SER C 9 -4.33 29.63 65.90
N MET C 10 -4.47 28.36 65.52
CA MET C 10 -3.90 27.85 64.29
C MET C 10 -4.86 26.86 63.65
N ALA C 11 -4.80 26.77 62.33
CA ALA C 11 -5.55 25.80 61.53
C ALA C 11 -4.99 25.78 60.12
N THR C 12 -4.74 24.60 59.58
CA THR C 12 -4.12 24.48 58.26
C THR C 12 -5.12 23.86 57.27
N LEU C 13 -5.25 24.48 56.11
CA LEU C 13 -6.17 24.04 55.07
C LEU C 13 -5.37 23.76 53.81
N CYS C 14 -5.23 22.47 53.47
CA CYS C 14 -4.50 22.04 52.30
C CYS C 14 -5.45 21.70 51.16
N LEU C 15 -5.12 22.13 49.96
CA LEU C 15 -5.87 21.81 48.75
C LEU C 15 -5.09 20.83 47.90
N GLY C 16 -5.80 19.90 47.26
CA GLY C 16 -5.11 18.89 46.48
C GLY C 16 -6.01 18.27 45.44
N HIS C 17 -5.44 17.32 44.70
CA HIS C 17 -6.12 16.56 43.66
C HIS C 17 -5.88 15.08 43.91
N HIS C 18 -6.69 14.24 43.27
CA HIS C 18 -6.58 12.82 43.55
C HIS C 18 -5.49 12.16 42.71
N ALA C 19 -5.26 10.88 42.99
CA ALA C 19 -4.37 10.05 42.22
C ALA C 19 -4.90 8.62 42.29
N VAL C 20 -4.31 7.75 41.48
CA VAL C 20 -4.60 6.32 41.55
C VAL C 20 -3.28 5.57 41.61
N PRO C 21 -3.29 4.34 42.15
CA PRO C 21 -2.04 3.58 42.21
C PRO C 21 -1.52 3.19 40.84
N ASN C 22 -2.40 3.03 39.86
CA ASN C 22 -2.05 2.51 38.54
C ASN C 22 -2.59 3.46 37.47
N GLY C 23 -1.74 4.32 36.95
CA GLY C 23 -2.12 5.21 35.87
C GLY C 23 -2.18 4.49 34.54
N THR C 24 -2.25 5.29 33.48
CA THR C 24 -2.16 4.81 32.12
C THR C 24 -1.30 5.78 31.33
N LEU C 25 -0.44 5.24 30.48
CA LEU C 25 0.40 6.09 29.65
C LEU C 25 -0.34 6.52 28.39
N VAL C 26 -0.23 7.81 28.06
CA VAL C 26 -0.82 8.38 26.86
C VAL C 26 0.22 9.25 26.17
N LYS C 27 -0.08 9.62 24.93
CA LYS C 27 0.76 10.51 24.14
C LYS C 27 0.25 11.94 24.21
N THR C 28 1.18 12.90 24.19
CA THR C 28 0.78 14.29 24.07
C THR C 28 1.57 14.99 22.98
N ILE C 29 1.40 16.31 22.85
CA ILE C 29 2.23 17.08 21.94
C ILE C 29 3.69 17.07 22.40
N THR C 30 3.89 17.12 23.72
CA THR C 30 5.22 17.21 24.31
C THR C 30 5.88 15.86 24.56
N ASP C 31 5.22 14.97 25.30
CA ASP C 31 5.82 13.70 25.69
C ASP C 31 5.33 12.61 24.75
N ASP C 32 6.16 11.59 24.58
CA ASP C 32 5.73 10.38 23.89
C ASP C 32 4.93 9.48 24.83
N GLN C 33 5.37 9.38 26.08
CA GLN C 33 4.62 8.66 27.12
C GLN C 33 4.55 9.53 28.36
N ILE C 34 3.35 9.65 28.92
CA ILE C 34 3.15 10.33 30.19
C ILE C 34 1.93 9.71 30.86
N GLU C 35 1.98 9.63 32.19
CA GLU C 35 0.98 8.91 32.96
C GLU C 35 -0.19 9.81 33.33
N VAL C 36 -1.41 9.30 33.12
CA VAL C 36 -2.64 9.97 33.50
C VAL C 36 -3.49 8.98 34.27
N THR C 37 -4.48 9.50 34.99
CA THR C 37 -5.31 8.63 35.82
C THR C 37 -6.22 7.72 35.01
N ASN C 38 -6.34 7.93 33.70
CA ASN C 38 -7.35 7.22 32.94
C ASN C 38 -7.21 7.52 31.47
N ALA C 39 -7.58 6.54 30.64
CA ALA C 39 -7.65 6.71 29.20
C ALA C 39 -8.75 5.80 28.66
N THR C 40 -9.09 6.03 27.39
CA THR C 40 -10.04 5.20 26.65
C THR C 40 -9.47 4.90 25.28
N GLU C 41 -9.55 3.64 24.87
CA GLU C 41 -9.00 3.23 23.59
C GLU C 41 -9.81 3.84 22.44
N LEU C 42 -9.11 4.22 21.37
CA LEU C 42 -9.75 4.73 20.17
C LEU C 42 -9.64 3.82 18.95
N VAL C 43 -8.71 2.88 18.95
CA VAL C 43 -8.52 1.96 17.83
C VAL C 43 -9.17 0.63 18.17
N GLN C 44 -10.20 0.27 17.40
CA GLN C 44 -10.86 -1.03 17.55
C GLN C 44 -10.07 -2.06 16.75
N SER C 45 -9.43 -3.00 17.44
CA SER C 45 -8.50 -3.92 16.80
C SER C 45 -8.75 -5.36 17.24
N SER C 46 -10.01 -5.78 17.21
CA SER C 46 -10.36 -7.16 17.49
C SER C 46 -11.78 -7.42 16.99
N SER C 47 -12.11 -8.70 16.85
CA SER C 47 -13.44 -9.09 16.40
C SER C 47 -13.66 -10.56 16.72
N THR C 48 -14.93 -10.95 16.69
CA THR C 48 -15.29 -12.35 16.94
C THR C 48 -14.82 -13.26 15.81
N GLY C 49 -14.71 -12.72 14.60
CA GLY C 49 -14.47 -13.53 13.44
C GLY C 49 -15.72 -14.01 12.75
N ARG C 50 -16.87 -13.40 13.05
CA ARG C 50 -18.16 -13.88 12.58
C ARG C 50 -19.00 -12.71 12.09
N ILE C 51 -19.35 -12.74 10.81
CA ILE C 51 -20.21 -11.71 10.23
C ILE C 51 -21.62 -11.87 10.78
N CYS C 52 -22.15 -10.80 11.36
CA CYS C 52 -23.51 -10.85 11.89
C CYS C 52 -24.51 -10.67 10.76
N ASN C 53 -25.51 -11.57 10.72
CA ASN C 53 -26.44 -11.62 9.60
C ASN C 53 -27.40 -10.44 9.57
N SER C 54 -27.47 -9.64 10.62
CA SER C 54 -28.28 -8.44 10.64
C SER C 54 -27.41 -7.28 11.15
N PRO C 55 -27.80 -6.02 10.85
CA PRO C 55 -28.98 -5.53 10.15
C PRO C 55 -28.86 -5.53 8.62
N HIS C 56 -27.75 -6.04 8.10
CA HIS C 56 -27.51 -6.03 6.67
C HIS C 56 -27.90 -7.38 6.08
N GLN C 57 -28.66 -7.34 4.99
CA GLN C 57 -29.10 -8.55 4.29
C GLN C 57 -27.90 -9.24 3.67
N ILE C 58 -27.40 -10.30 4.32
CA ILE C 58 -26.24 -11.03 3.84
C ILE C 58 -26.69 -12.16 2.93
N LEU C 59 -25.88 -12.43 1.90
CA LEU C 59 -26.11 -13.56 1.00
C LEU C 59 -24.82 -14.34 0.89
N ASP C 60 -24.87 -15.62 1.25
CA ASP C 60 -23.69 -16.47 1.28
C ASP C 60 -23.51 -17.13 -0.10
N GLY C 61 -22.50 -16.68 -0.83
CA GLY C 61 -22.25 -17.21 -2.17
C GLY C 61 -21.81 -18.67 -2.19
N LYS C 62 -21.25 -19.15 -1.07
CA LYS C 62 -20.89 -20.56 -0.91
C LYS C 62 -19.93 -20.81 -2.06
N ASN C 63 -20.34 -21.65 -3.00
CA ASN C 63 -19.49 -22.02 -4.13
C ASN C 63 -19.57 -21.25 -5.43
N CYS C 64 -20.33 -20.17 -5.45
CA CYS C 64 -20.64 -19.45 -6.68
C CYS C 64 -20.09 -18.04 -6.57
N THR C 65 -19.26 -17.66 -7.53
CA THR C 65 -18.98 -16.25 -7.72
C THR C 65 -20.25 -15.55 -8.20
N LEU C 66 -20.33 -14.24 -7.95
CA LEU C 66 -21.51 -13.51 -8.35
C LEU C 66 -21.72 -13.57 -9.87
N ILE C 67 -20.64 -13.67 -10.63
CA ILE C 67 -20.76 -13.81 -12.08
C ILE C 67 -21.36 -15.17 -12.43
N ASP C 68 -20.93 -16.23 -11.74
CA ASP C 68 -21.48 -17.56 -11.99
C ASP C 68 -22.97 -17.62 -11.68
N ALA C 69 -23.39 -16.98 -10.58
CA ALA C 69 -24.81 -16.90 -10.27
C ALA C 69 -25.55 -16.05 -11.30
N LEU C 70 -24.91 -14.99 -11.79
CA LEU C 70 -25.51 -14.15 -12.83
C LEU C 70 -25.79 -14.96 -14.09
N LEU C 71 -24.74 -15.56 -14.66
CA LEU C 71 -24.89 -16.37 -15.87
C LEU C 71 -25.82 -17.55 -15.64
N GLY C 72 -25.77 -18.15 -14.45
CA GLY C 72 -26.62 -19.27 -14.16
C GLY C 72 -25.94 -20.60 -14.33
N ASP C 73 -24.73 -20.71 -13.79
CA ASP C 73 -24.07 -21.99 -13.67
C ASP C 73 -25.01 -22.98 -12.98
N PRO C 74 -25.23 -24.17 -13.55
CA PRO C 74 -26.18 -25.12 -12.94
C PRO C 74 -26.03 -25.31 -11.44
N HIS C 75 -24.80 -25.49 -10.95
CA HIS C 75 -24.67 -25.71 -9.50
C HIS C 75 -24.94 -24.43 -8.68
N CYS C 76 -25.41 -23.37 -9.33
CA CYS C 76 -25.73 -22.10 -8.68
C CYS C 76 -27.19 -21.71 -8.87
N ASP C 77 -28.05 -22.66 -9.21
CA ASP C 77 -29.45 -22.34 -9.48
C ASP C 77 -30.18 -21.82 -8.26
N ASP C 78 -29.65 -22.04 -7.06
CA ASP C 78 -30.30 -21.53 -5.85
C ASP C 78 -30.40 -20.02 -5.88
N PHE C 79 -29.41 -19.35 -6.46
CA PHE C 79 -29.25 -17.91 -6.31
C PHE C 79 -30.12 -17.09 -7.24
N GLN C 80 -31.01 -17.71 -8.02
CA GLN C 80 -31.80 -16.95 -8.98
C GLN C 80 -32.75 -15.99 -8.28
N ASN C 81 -32.83 -14.76 -8.80
CA ASN C 81 -33.75 -13.73 -8.33
C ASN C 81 -33.50 -13.36 -6.87
N LYS C 82 -32.25 -13.45 -6.42
CA LYS C 82 -31.91 -13.13 -5.05
C LYS C 82 -31.60 -11.64 -4.89
N GLU C 83 -31.69 -11.16 -3.66
CA GLU C 83 -31.33 -9.80 -3.30
C GLU C 83 -30.28 -9.84 -2.19
N TRP C 84 -29.48 -8.78 -2.11
CA TRP C 84 -28.50 -8.69 -1.04
C TRP C 84 -28.15 -7.23 -0.79
N ASP C 85 -27.68 -6.96 0.42
CA ASP C 85 -26.92 -5.76 0.70
C ASP C 85 -25.43 -6.03 0.63
N LEU C 86 -25.02 -7.26 0.94
CA LEU C 86 -23.63 -7.66 0.86
C LEU C 86 -23.55 -9.10 0.38
N PHE C 87 -23.05 -9.29 -0.84
CA PHE C 87 -22.75 -10.62 -1.37
C PHE C 87 -21.37 -11.04 -0.91
N VAL C 88 -21.27 -12.26 -0.36
CA VAL C 88 -20.02 -12.76 0.19
C VAL C 88 -19.49 -13.86 -0.72
N GLU C 89 -18.33 -13.63 -1.33
CA GLU C 89 -17.70 -14.61 -2.20
C GLU C 89 -16.69 -15.43 -1.40
N ARG C 90 -16.76 -16.75 -1.57
CA ARG C 90 -15.93 -17.68 -0.81
C ARG C 90 -14.74 -18.14 -1.64
N SER C 91 -13.63 -18.40 -0.96
CA SER C 91 -12.42 -18.86 -1.64
C SER C 91 -12.55 -20.27 -2.18
N THR C 92 -13.54 -21.03 -1.70
CA THR C 92 -13.79 -22.39 -2.16
C THR C 92 -14.78 -22.44 -3.32
N ALA C 93 -14.82 -21.40 -4.14
CA ALA C 93 -15.76 -21.33 -5.24
C ALA C 93 -15.15 -21.94 -6.50
N TYR C 94 -15.97 -22.66 -7.26
CA TYR C 94 -15.56 -23.26 -8.52
C TYR C 94 -16.60 -22.94 -9.58
N SER C 95 -16.16 -23.06 -10.84
CA SER C 95 -17.03 -22.93 -11.99
C SER C 95 -17.19 -24.30 -12.63
N ASN C 96 -18.43 -24.72 -12.85
CA ASN C 96 -18.71 -26.05 -13.37
C ASN C 96 -19.56 -26.11 -14.62
N CYS C 97 -19.55 -25.02 -15.40
CA CYS C 97 -20.25 -25.00 -16.68
C CYS C 97 -19.34 -24.87 -17.90
N TYR C 98 -19.85 -24.29 -18.98
CA TYR C 98 -19.02 -24.05 -20.15
C TYR C 98 -17.90 -23.07 -19.80
N PRO C 99 -16.70 -23.24 -20.34
CA PRO C 99 -15.63 -22.28 -20.05
C PRO C 99 -15.91 -20.92 -20.67
N TYR C 100 -15.51 -19.87 -19.97
CA TYR C 100 -15.77 -18.51 -20.40
C TYR C 100 -14.72 -17.58 -19.83
N TYR C 101 -14.64 -16.39 -20.40
CA TYR C 101 -13.87 -15.29 -19.82
C TYR C 101 -14.63 -14.00 -20.06
N VAL C 102 -14.46 -13.05 -19.14
CA VAL C 102 -15.13 -11.77 -19.23
C VAL C 102 -14.07 -10.67 -19.30
N PRO C 103 -13.87 -10.03 -20.45
CA PRO C 103 -13.09 -8.79 -20.45
C PRO C 103 -13.74 -7.80 -19.50
N ASP C 104 -12.91 -7.05 -18.79
CA ASP C 104 -13.27 -6.35 -17.54
C ASP C 104 -14.24 -7.14 -16.66
N TYR C 105 -13.87 -8.40 -16.40
CA TYR C 105 -14.56 -9.16 -15.36
C TYR C 105 -14.82 -8.31 -14.14
N ALA C 106 -13.82 -7.55 -13.70
CA ALA C 106 -13.94 -6.76 -12.48
C ALA C 106 -15.11 -5.78 -12.55
N THR C 107 -15.28 -5.14 -13.71
CA THR C 107 -16.37 -4.18 -13.88
C THR C 107 -17.74 -4.85 -13.78
N LEU C 108 -17.96 -5.91 -14.57
CA LEU C 108 -19.24 -6.60 -14.53
C LEU C 108 -19.54 -7.12 -13.13
N ARG C 109 -18.51 -7.58 -12.43
CA ARG C 109 -18.69 -7.97 -11.04
C ARG C 109 -19.05 -6.76 -10.18
N SER C 110 -18.44 -5.62 -10.45
CA SER C 110 -18.72 -4.42 -9.65
C SER C 110 -20.13 -3.93 -9.85
N LEU C 111 -20.61 -3.88 -11.10
CA LEU C 111 -21.90 -3.26 -11.37
C LEU C 111 -23.05 -4.16 -10.92
N VAL C 112 -22.91 -5.48 -11.14
CA VAL C 112 -23.95 -6.39 -10.67
C VAL C 112 -24.01 -6.39 -9.15
N ALA C 113 -22.85 -6.33 -8.49
CA ALA C 113 -22.83 -6.29 -7.03
C ALA C 113 -23.49 -5.02 -6.50
N SER C 114 -23.34 -3.91 -7.21
CA SER C 114 -23.94 -2.66 -6.75
C SER C 114 -25.44 -2.60 -7.03
N SER C 115 -25.90 -3.30 -8.06
CA SER C 115 -27.33 -3.34 -8.35
C SER C 115 -28.09 -4.04 -7.22
N GLY C 116 -27.48 -5.07 -6.63
CA GLY C 116 -27.98 -5.66 -5.42
C GLY C 116 -28.94 -6.82 -5.60
N ASN C 117 -29.36 -7.13 -6.83
CA ASN C 117 -30.28 -8.23 -7.05
C ASN C 117 -29.89 -9.00 -8.30
N LEU C 118 -30.50 -10.18 -8.44
CA LEU C 118 -30.44 -10.98 -9.66
C LEU C 118 -31.84 -11.21 -10.22
N GLU C 119 -32.73 -10.23 -9.99
CA GLU C 119 -34.10 -10.29 -10.50
C GLU C 119 -34.07 -10.39 -12.00
N PHE C 120 -34.41 -11.56 -12.54
CA PHE C 120 -34.40 -11.79 -13.97
C PHE C 120 -35.83 -11.77 -14.53
N THR C 121 -35.99 -11.09 -15.66
CA THR C 121 -37.27 -11.03 -16.37
C THR C 121 -37.06 -11.62 -17.75
N GLN C 122 -37.86 -12.63 -18.09
CA GLN C 122 -37.70 -13.33 -19.34
C GLN C 122 -38.41 -12.57 -20.46
N GLU C 123 -37.72 -12.40 -21.58
CA GLU C 123 -38.29 -11.82 -22.78
C GLU C 123 -38.17 -12.80 -23.94
N SER C 124 -39.02 -12.62 -24.94
CA SER C 124 -39.08 -13.52 -26.08
C SER C 124 -38.55 -12.79 -27.32
N PHE C 125 -37.32 -13.12 -27.71
CA PHE C 125 -36.77 -12.66 -28.97
C PHE C 125 -37.25 -13.57 -30.09
N ASN C 126 -37.52 -12.98 -31.24
CA ASN C 126 -38.11 -13.70 -32.37
C ASN C 126 -36.99 -14.26 -33.25
N TRP C 127 -36.28 -15.23 -32.69
CA TRP C 127 -35.29 -15.97 -33.47
C TRP C 127 -36.01 -16.84 -34.48
N THR C 128 -35.47 -16.90 -35.71
CA THR C 128 -36.07 -17.70 -36.77
C THR C 128 -35.02 -18.59 -37.42
N GLY C 129 -35.48 -19.73 -37.93
CA GLY C 129 -34.64 -20.65 -38.67
C GLY C 129 -33.44 -21.17 -37.90
N VAL C 130 -33.46 -21.09 -36.58
CA VAL C 130 -32.31 -21.39 -35.74
C VAL C 130 -32.75 -22.31 -34.61
N ALA C 131 -31.93 -23.32 -34.33
CA ALA C 131 -32.16 -24.18 -33.18
C ALA C 131 -31.73 -23.46 -31.90
N GLN C 132 -32.52 -23.61 -30.84
CA GLN C 132 -32.28 -22.96 -29.58
C GLN C 132 -31.90 -23.96 -28.50
N ASP C 133 -31.59 -23.43 -27.32
CA ASP C 133 -31.35 -24.22 -26.10
C ASP C 133 -30.20 -25.21 -26.29
N GLY C 134 -29.15 -24.77 -26.98
CA GLY C 134 -27.99 -25.61 -27.16
C GLY C 134 -27.34 -25.96 -25.83
N SER C 135 -26.92 -27.21 -25.70
CA SER C 135 -26.36 -27.74 -24.47
C SER C 135 -24.94 -28.25 -24.73
N SER C 136 -24.25 -28.60 -23.64
CA SER C 136 -22.86 -29.06 -23.75
C SER C 136 -22.57 -30.12 -22.72
N TYR C 137 -21.57 -30.94 -23.04
CA TYR C 137 -21.07 -31.95 -22.13
C TYR C 137 -20.32 -31.34 -20.96
N ALA C 138 -19.76 -30.13 -21.15
CA ALA C 138 -18.98 -29.49 -20.11
C ALA C 138 -19.83 -28.86 -19.02
N CYS C 139 -21.12 -28.64 -19.28
CA CYS C 139 -22.01 -27.93 -18.38
C CYS C 139 -23.19 -28.86 -18.09
N ARG C 140 -22.97 -29.83 -17.23
CA ARG C 140 -23.95 -30.88 -16.98
C ARG C 140 -24.80 -30.56 -15.77
N ARG C 141 -26.10 -30.84 -15.89
CA ARG C 141 -27.07 -30.66 -14.83
C ARG C 141 -27.47 -32.12 -14.61
N GLY C 142 -26.80 -32.75 -13.64
CA GLY C 142 -27.00 -34.15 -13.36
C GLY C 142 -26.74 -35.27 -14.34
N SER C 143 -25.58 -35.23 -15.00
CA SER C 143 -25.16 -36.23 -15.99
C SER C 143 -26.15 -36.09 -17.14
N VAL C 144 -26.67 -34.87 -17.35
CA VAL C 144 -27.67 -34.58 -18.37
C VAL C 144 -27.21 -33.25 -18.94
N ASN C 145 -26.76 -33.27 -20.20
CA ASN C 145 -26.15 -32.10 -20.81
C ASN C 145 -27.11 -30.90 -20.75
N SER C 146 -26.58 -29.76 -20.32
CA SER C 146 -27.34 -28.51 -20.36
C SER C 146 -26.36 -27.35 -20.26
N PHE C 147 -26.86 -26.13 -20.17
CA PHE C 147 -26.03 -24.94 -20.31
C PHE C 147 -26.38 -23.89 -19.25
N PHE C 148 -25.75 -22.72 -19.35
CA PHE C 148 -26.08 -21.59 -18.50
C PHE C 148 -27.59 -21.32 -18.56
N SER C 149 -28.18 -21.05 -17.40
CA SER C 149 -29.63 -20.92 -17.31
C SER C 149 -30.14 -19.59 -17.86
N ARG C 150 -29.27 -18.58 -17.99
CA ARG C 150 -29.71 -17.28 -18.48
C ARG C 150 -29.18 -16.99 -19.89
N LEU C 151 -28.52 -17.95 -20.52
CA LEU C 151 -27.99 -17.77 -21.86
C LEU C 151 -28.57 -18.84 -22.78
N ASN C 152 -28.90 -18.43 -24.02
CA ASN C 152 -29.53 -19.31 -25.01
C ASN C 152 -28.52 -19.55 -26.13
N TRP C 153 -28.09 -20.81 -26.28
CA TRP C 153 -27.10 -21.15 -27.29
C TRP C 153 -27.83 -21.46 -28.60
N LEU C 154 -27.60 -20.61 -29.60
CA LEU C 154 -28.21 -20.76 -30.91
C LEU C 154 -27.25 -21.49 -31.85
N TYR C 155 -27.79 -22.42 -32.64
CA TYR C 155 -27.02 -23.09 -33.67
C TYR C 155 -27.95 -23.37 -34.86
N ASN C 156 -27.38 -23.97 -35.89
CA ASN C 156 -28.08 -24.08 -37.17
C ASN C 156 -29.20 -25.11 -37.12
N LEU C 157 -30.23 -24.86 -37.90
CA LEU C 157 -31.38 -25.76 -38.04
C LEU C 157 -31.47 -26.15 -39.50
N ASN C 158 -31.19 -27.43 -39.78
CA ASN C 158 -31.28 -27.99 -41.14
C ASN C 158 -30.32 -27.28 -42.09
N TYR C 159 -29.05 -27.22 -41.69
CA TYR C 159 -27.97 -26.66 -42.49
C TYR C 159 -28.27 -25.22 -42.92
N LYS C 160 -28.74 -24.42 -41.95
CA LYS C 160 -29.06 -23.03 -42.23
C LYS C 160 -28.99 -22.25 -40.92
N TYR C 161 -28.36 -21.08 -40.97
CA TYR C 161 -28.33 -20.14 -39.84
C TYR C 161 -28.67 -18.78 -40.40
N PRO C 162 -29.95 -18.49 -40.61
CA PRO C 162 -30.35 -17.19 -41.17
C PRO C 162 -29.95 -16.06 -40.24
N GLU C 163 -29.51 -14.95 -40.83
CA GLU C 163 -29.00 -13.82 -40.06
C GLU C 163 -30.06 -13.29 -39.11
N GLN C 164 -29.88 -13.54 -37.82
CA GLN C 164 -30.81 -13.04 -36.83
C GLN C 164 -30.72 -11.53 -36.76
N ASN C 165 -31.87 -10.87 -36.58
CA ASN C 165 -31.92 -9.42 -36.49
C ASN C 165 -33.21 -9.32 -35.68
N VAL C 166 -33.13 -8.62 -34.55
CA VAL C 166 -34.25 -8.54 -33.61
C VAL C 166 -34.01 -7.29 -32.78
N THR C 167 -35.09 -6.55 -32.51
CA THR C 167 -35.07 -5.40 -31.62
C THR C 167 -35.92 -5.69 -30.39
N MET C 168 -35.56 -5.06 -29.27
CA MET C 168 -36.26 -5.26 -28.00
C MET C 168 -36.17 -3.97 -27.20
N PRO C 169 -37.20 -3.13 -27.25
CA PRO C 169 -37.15 -1.81 -26.62
C PRO C 169 -37.48 -1.82 -25.14
N ASN C 170 -36.90 -0.84 -24.43
CA ASN C 170 -37.15 -0.64 -23.01
C ASN C 170 -38.29 0.36 -22.86
N ASN C 171 -39.50 -0.16 -22.69
CA ASN C 171 -40.68 0.68 -22.47
C ASN C 171 -41.08 0.61 -21.01
N ASP C 172 -40.16 0.94 -20.11
CA ASP C 172 -40.39 0.85 -18.68
C ASP C 172 -39.64 1.98 -17.99
N LYS C 173 -39.77 2.05 -16.67
CA LYS C 173 -39.03 3.05 -15.90
C LYS C 173 -37.61 2.59 -15.60
N PHE C 174 -37.47 1.36 -15.11
CA PHE C 174 -36.17 0.83 -14.73
C PHE C 174 -35.27 0.67 -15.95
N ASP C 175 -33.97 0.88 -15.75
CA ASP C 175 -33.00 0.52 -16.76
C ASP C 175 -32.92 -1.01 -16.87
N LYS C 176 -32.45 -1.47 -18.03
CA LYS C 176 -32.33 -2.90 -18.30
C LYS C 176 -30.86 -3.29 -18.44
N LEU C 177 -30.50 -4.42 -17.85
CA LEU C 177 -29.16 -5.00 -17.99
C LEU C 177 -29.28 -6.33 -18.72
N TYR C 178 -28.72 -6.40 -19.92
CA TYR C 178 -28.71 -7.63 -20.70
C TYR C 178 -27.32 -8.25 -20.66
N ILE C 179 -27.27 -9.57 -20.49
CA ILE C 179 -26.03 -10.33 -20.52
C ILE C 179 -26.08 -11.27 -21.71
N TRP C 180 -24.98 -11.33 -22.46
CA TRP C 180 -24.91 -12.15 -23.67
C TRP C 180 -23.45 -12.52 -23.93
N GLY C 181 -23.24 -13.27 -25.01
CA GLY C 181 -21.90 -13.77 -25.27
C GLY C 181 -21.68 -14.14 -26.71
N VAL C 182 -20.42 -14.44 -27.02
CA VAL C 182 -20.00 -14.86 -28.35
C VAL C 182 -19.18 -16.14 -28.21
N HIS C 183 -19.53 -17.15 -28.99
CA HIS C 183 -18.88 -18.46 -28.91
C HIS C 183 -17.65 -18.51 -29.81
N HIS C 184 -16.53 -18.97 -29.25
CA HIS C 184 -15.26 -19.07 -29.98
C HIS C 184 -14.91 -20.55 -30.17
N PRO C 185 -15.27 -21.16 -31.28
CA PRO C 185 -15.05 -22.60 -31.45
C PRO C 185 -13.58 -22.94 -31.54
N GLY C 186 -13.27 -24.21 -31.27
CA GLY C 186 -11.88 -24.64 -31.24
C GLY C 186 -11.31 -24.85 -32.62
N THR C 187 -12.08 -25.51 -33.49
CA THR C 187 -11.61 -25.85 -34.81
C THR C 187 -12.52 -25.24 -35.87
N ASP C 188 -11.98 -25.11 -37.09
CA ASP C 188 -12.80 -24.68 -38.22
C ASP C 188 -13.95 -25.65 -38.46
N LYS C 189 -13.81 -26.90 -38.02
CA LYS C 189 -14.90 -27.86 -38.11
C LYS C 189 -16.04 -27.50 -37.17
N ASP C 190 -15.73 -27.28 -35.89
CA ASP C 190 -16.76 -26.91 -34.92
C ASP C 190 -17.52 -25.67 -35.39
N GLN C 191 -16.81 -24.73 -36.00
CA GLN C 191 -17.47 -23.54 -36.54
C GLN C 191 -18.56 -23.90 -37.54
N THR C 192 -18.20 -24.69 -38.56
CA THR C 192 -19.16 -25.00 -39.62
C THR C 192 -20.21 -26.01 -39.15
N ASN C 193 -19.85 -26.89 -38.21
CA ASN C 193 -20.84 -27.84 -37.72
C ASN C 193 -21.98 -27.11 -36.99
N LEU C 194 -21.65 -26.08 -36.22
CA LEU C 194 -22.66 -25.36 -35.45
C LEU C 194 -23.33 -24.28 -36.28
N TYR C 195 -22.56 -23.57 -37.11
CA TYR C 195 -23.05 -22.34 -37.74
C TYR C 195 -22.93 -22.32 -39.26
N VAL C 196 -22.49 -23.42 -39.88
CA VAL C 196 -22.35 -23.63 -41.33
C VAL C 196 -21.82 -22.41 -42.08
N GLN C 197 -20.98 -21.60 -41.43
CA GLN C 197 -20.44 -20.40 -42.04
C GLN C 197 -19.21 -20.19 -41.18
N ALA C 198 -18.10 -19.84 -41.81
CA ALA C 198 -16.90 -19.49 -41.05
C ALA C 198 -17.06 -18.13 -40.37
N SER C 199 -16.17 -17.87 -39.42
CA SER C 199 -16.16 -16.60 -38.68
C SER C 199 -17.58 -16.49 -38.15
N GLY C 200 -18.32 -15.49 -38.60
CA GLY C 200 -19.58 -15.13 -37.97
C GLY C 200 -19.34 -13.70 -37.53
N ARG C 201 -20.39 -13.12 -36.94
CA ARG C 201 -20.35 -11.73 -36.48
C ARG C 201 -21.51 -11.50 -35.52
N VAL C 202 -21.26 -10.71 -34.48
CA VAL C 202 -22.29 -10.30 -33.52
C VAL C 202 -22.20 -8.79 -33.34
N ILE C 203 -23.31 -8.10 -33.59
CA ILE C 203 -23.41 -6.65 -33.46
C ILE C 203 -24.57 -6.34 -32.54
N VAL C 204 -24.27 -5.76 -31.37
CA VAL C 204 -25.26 -5.43 -30.35
C VAL C 204 -25.28 -3.92 -30.19
N SER C 205 -26.44 -3.31 -30.46
CA SER C 205 -26.55 -1.85 -30.49
C SER C 205 -27.65 -1.35 -29.58
N THR C 206 -27.40 -0.23 -28.93
CA THR C 206 -28.41 0.71 -28.48
C THR C 206 -28.17 2.02 -29.21
N LYS C 207 -29.11 2.95 -29.06
CA LYS C 207 -28.91 4.25 -29.68
C LYS C 207 -27.68 4.96 -29.12
N ARG C 208 -27.20 4.52 -27.96
CA ARG C 208 -26.09 5.16 -27.27
C ARG C 208 -24.83 4.31 -27.20
N SER C 209 -24.93 2.98 -27.34
CA SER C 209 -23.78 2.10 -27.22
C SER C 209 -23.75 1.15 -28.41
N GLN C 210 -22.55 0.65 -28.72
CA GLN C 210 -22.37 -0.24 -29.87
C GLN C 210 -21.20 -1.18 -29.59
N GLN C 211 -21.51 -2.45 -29.35
CA GLN C 211 -20.50 -3.50 -29.18
C GLN C 211 -20.51 -4.39 -30.40
N THR C 212 -19.33 -4.61 -30.99
CA THR C 212 -19.17 -5.47 -32.15
C THR C 212 -18.10 -6.50 -31.86
N VAL C 213 -18.41 -7.77 -32.09
CA VAL C 213 -17.50 -8.88 -31.79
C VAL C 213 -17.40 -9.76 -33.02
N ILE C 214 -16.17 -10.13 -33.38
CA ILE C 214 -15.92 -11.11 -34.42
C ILE C 214 -15.33 -12.35 -33.75
N PRO C 215 -15.97 -13.52 -33.89
CA PRO C 215 -15.49 -14.70 -33.18
C PRO C 215 -14.21 -15.22 -33.81
N ASN C 216 -13.21 -15.51 -32.98
CA ASN C 216 -11.93 -16.01 -33.43
C ASN C 216 -11.89 -17.52 -33.23
N ILE C 217 -11.71 -18.26 -34.31
CA ILE C 217 -11.63 -19.71 -34.26
C ILE C 217 -10.22 -20.12 -33.89
N GLY C 218 -10.09 -20.98 -32.88
CA GLY C 218 -8.80 -21.43 -32.42
C GLY C 218 -8.90 -22.33 -31.20
N SER C 219 -7.89 -23.17 -31.00
CA SER C 219 -7.91 -24.08 -29.86
C SER C 219 -7.57 -23.34 -28.58
N ARG C 220 -8.39 -23.54 -27.56
CA ARG C 220 -8.24 -22.99 -26.22
C ARG C 220 -7.93 -24.10 -25.22
N PRO C 221 -7.53 -23.76 -23.99
CA PRO C 221 -7.13 -24.82 -23.03
C PRO C 221 -8.28 -25.77 -22.73
N TRP C 222 -7.95 -27.06 -22.72
CA TRP C 222 -8.94 -28.11 -22.48
C TRP C 222 -9.60 -27.92 -21.12
N VAL C 223 -10.93 -27.81 -21.12
CA VAL C 223 -11.71 -27.60 -19.90
C VAL C 223 -12.99 -28.43 -20.04
N ARG C 224 -13.14 -29.44 -19.17
CA ARG C 224 -14.35 -30.25 -19.11
C ARG C 224 -14.74 -30.79 -20.48
N GLY C 225 -13.74 -31.12 -21.30
CA GLY C 225 -13.97 -31.78 -22.56
C GLY C 225 -14.06 -30.90 -23.79
N VAL C 226 -13.98 -29.57 -23.63
CA VAL C 226 -14.05 -28.67 -24.76
C VAL C 226 -12.78 -27.83 -24.85
N SER C 227 -12.41 -27.50 -26.09
CA SER C 227 -11.31 -26.58 -26.36
C SER C 227 -11.83 -25.24 -26.88
N SER C 228 -13.12 -24.99 -26.73
CA SER C 228 -13.72 -23.72 -27.09
C SER C 228 -13.81 -22.83 -25.85
N ILE C 229 -14.51 -21.70 -25.99
CA ILE C 229 -14.71 -20.75 -24.89
C ILE C 229 -15.77 -19.74 -25.31
N ILE C 230 -16.31 -19.00 -24.34
CA ILE C 230 -17.31 -17.99 -24.59
C ILE C 230 -16.85 -16.66 -24.00
N SER C 231 -16.83 -15.61 -24.82
CA SER C 231 -16.67 -14.25 -24.33
C SER C 231 -18.01 -13.74 -23.83
N ILE C 232 -18.00 -13.07 -22.68
CA ILE C 232 -19.21 -12.59 -22.02
C ILE C 232 -19.24 -11.06 -22.07
N TYR C 233 -20.36 -10.51 -22.54
CA TYR C 233 -20.53 -9.07 -22.67
C TYR C 233 -21.82 -8.63 -21.99
N TRP C 234 -21.87 -7.35 -21.60
CA TRP C 234 -23.04 -6.79 -20.94
C TRP C 234 -23.44 -5.50 -21.65
N THR C 235 -24.73 -5.17 -21.54
CA THR C 235 -25.28 -4.00 -22.21
C THR C 235 -26.46 -3.46 -21.40
N ILE C 236 -26.45 -2.16 -21.14
CA ILE C 236 -27.50 -1.48 -20.39
C ILE C 236 -28.34 -0.65 -21.36
N VAL C 237 -29.66 -0.73 -21.21
CA VAL C 237 -30.63 -0.08 -22.10
C VAL C 237 -31.54 0.77 -21.22
N LYS C 238 -31.44 2.09 -21.38
CA LYS C 238 -32.25 3.02 -20.60
C LYS C 238 -33.62 3.18 -21.25
N PRO C 239 -34.60 3.73 -20.53
CA PRO C 239 -35.95 3.87 -21.10
C PRO C 239 -35.95 4.71 -22.36
N GLY C 240 -36.86 4.35 -23.28
CA GLY C 240 -36.91 4.94 -24.60
C GLY C 240 -35.87 4.42 -25.57
N ASP C 241 -34.79 3.82 -25.07
CA ASP C 241 -33.75 3.26 -25.91
C ASP C 241 -34.19 1.90 -26.45
N ILE C 242 -33.32 1.28 -27.24
CA ILE C 242 -33.62 0.03 -27.92
C ILE C 242 -32.41 -0.89 -27.79
N LEU C 243 -32.67 -2.19 -27.74
CA LEU C 243 -31.62 -3.19 -27.85
C LEU C 243 -31.73 -3.87 -29.22
N LEU C 244 -30.70 -3.72 -30.03
CA LEU C 244 -30.69 -4.26 -31.39
C LEU C 244 -29.56 -5.27 -31.51
N ILE C 245 -29.90 -6.52 -31.81
CA ILE C 245 -28.93 -7.60 -31.95
C ILE C 245 -28.95 -8.07 -33.38
N ASN C 246 -27.77 -8.12 -34.01
CA ASN C 246 -27.61 -8.48 -35.41
C ASN C 246 -26.48 -9.49 -35.51
N SER C 247 -26.83 -10.77 -35.63
CA SER C 247 -25.84 -11.85 -35.62
C SER C 247 -25.99 -12.71 -36.88
N THR C 248 -24.86 -13.00 -37.52
CA THR C 248 -24.81 -13.95 -38.62
C THR C 248 -24.30 -15.31 -38.17
N GLY C 249 -24.13 -15.50 -36.87
CA GLY C 249 -23.64 -16.76 -36.33
C GLY C 249 -22.74 -16.53 -35.14
N ASN C 250 -22.61 -17.56 -34.31
CA ASN C 250 -21.77 -17.56 -33.11
C ASN C 250 -22.32 -16.66 -32.01
N LEU C 251 -23.64 -16.48 -31.95
CA LEU C 251 -24.25 -15.72 -30.88
C LEU C 251 -24.64 -16.64 -29.74
N ILE C 252 -24.23 -16.29 -28.53
CA ILE C 252 -24.78 -16.86 -27.31
C ILE C 252 -25.84 -15.85 -26.86
N ALA C 253 -27.06 -16.08 -27.29
CA ALA C 253 -28.14 -15.11 -27.11
C ALA C 253 -28.52 -14.99 -25.63
N PRO C 254 -29.15 -13.88 -25.26
CA PRO C 254 -29.71 -13.75 -23.92
C PRO C 254 -31.15 -14.28 -23.87
N ARG C 255 -31.66 -14.38 -22.65
CA ARG C 255 -33.03 -14.83 -22.42
C ARG C 255 -33.90 -13.72 -21.84
N GLY C 256 -33.34 -12.56 -21.58
CA GLY C 256 -34.08 -11.47 -20.97
C GLY C 256 -33.12 -10.46 -20.37
N TYR C 257 -33.66 -9.64 -19.47
CA TYR C 257 -32.88 -8.59 -18.83
C TYR C 257 -32.85 -8.78 -17.32
N PHE C 258 -31.81 -8.23 -16.71
CA PHE C 258 -31.71 -8.13 -15.26
C PHE C 258 -32.15 -6.73 -14.83
N LYS C 259 -32.97 -6.66 -13.79
CA LYS C 259 -33.45 -5.38 -13.27
C LYS C 259 -32.34 -4.72 -12.48
N ILE C 260 -31.88 -3.56 -12.94
CA ILE C 260 -30.73 -2.88 -12.35
C ILE C 260 -31.23 -1.71 -11.52
N GLN C 261 -30.76 -1.63 -10.28
CA GLN C 261 -31.17 -0.60 -9.33
C GLN C 261 -29.94 0.04 -8.73
N SER C 262 -30.14 1.15 -8.04
CA SER C 262 -29.05 1.93 -7.45
C SER C 262 -29.28 2.03 -5.95
N GLY C 263 -28.51 1.27 -5.18
CA GLY C 263 -28.65 1.27 -3.74
C GLY C 263 -27.35 1.07 -3.01
N LYS C 264 -27.42 0.68 -1.75
CA LYS C 264 -26.26 0.54 -0.88
C LYS C 264 -25.68 -0.86 -0.89
N SER C 265 -25.94 -1.65 -1.93
CA SER C 265 -25.46 -3.01 -2.00
C SER C 265 -24.00 -3.05 -2.46
N SER C 266 -23.30 -4.11 -2.08
CA SER C 266 -21.89 -4.26 -2.43
C SER C 266 -21.50 -5.73 -2.29
N ILE C 267 -20.20 -5.99 -2.30
CA ILE C 267 -19.68 -7.35 -2.34
C ILE C 267 -18.35 -7.39 -1.60
N MET C 268 -18.09 -8.51 -0.93
CA MET C 268 -16.90 -8.67 -0.11
C MET C 268 -16.44 -10.12 -0.16
N ARG C 269 -15.13 -10.32 -0.10
CA ARG C 269 -14.53 -11.66 -0.09
C ARG C 269 -14.13 -12.02 1.33
N SER C 270 -14.72 -13.09 1.86
CA SER C 270 -14.34 -13.59 3.17
C SER C 270 -14.74 -15.06 3.29
N ASP C 271 -14.12 -15.73 4.26
CA ASP C 271 -14.49 -17.09 4.63
C ASP C 271 -15.08 -17.15 6.04
N ALA C 272 -15.34 -15.99 6.65
CA ALA C 272 -15.91 -15.95 7.99
C ALA C 272 -17.30 -16.57 8.00
N HIS C 273 -17.65 -17.19 9.12
CA HIS C 273 -18.98 -17.75 9.27
C HIS C 273 -19.97 -16.65 9.65
N ILE C 274 -21.26 -16.98 9.55
CA ILE C 274 -22.34 -16.02 9.77
C ILE C 274 -23.18 -16.48 10.95
N ASP C 275 -23.38 -15.58 11.91
CA ASP C 275 -24.12 -15.85 13.14
C ASP C 275 -25.40 -15.01 13.17
N GLU C 276 -26.25 -15.30 14.16
CA GLU C 276 -27.49 -14.56 14.40
C GLU C 276 -27.30 -13.33 15.27
N CYS C 277 -26.12 -12.71 15.26
CA CYS C 277 -25.88 -11.53 16.05
C CYS C 277 -26.34 -10.29 15.28
N ASN C 278 -25.94 -9.09 15.71
CA ASN C 278 -26.31 -7.86 15.02
C ASN C 278 -25.17 -6.86 15.18
N SER C 279 -24.68 -6.33 14.06
CA SER C 279 -23.57 -5.39 14.10
C SER C 279 -23.58 -4.55 12.84
N GLU C 280 -23.38 -3.24 13.00
CA GLU C 280 -23.51 -2.32 11.88
C GLU C 280 -22.33 -2.42 10.92
N CYS C 281 -21.15 -2.77 11.42
CA CYS C 281 -19.92 -2.75 10.64
C CYS C 281 -19.49 -4.16 10.29
N ILE C 282 -19.18 -4.39 9.01
CA ILE C 282 -18.76 -5.69 8.51
C ILE C 282 -17.35 -5.56 7.91
N THR C 283 -16.49 -6.51 8.20
CA THR C 283 -15.17 -6.64 7.61
C THR C 283 -15.00 -8.05 7.09
N PRO C 284 -13.98 -8.30 6.25
CA PRO C 284 -13.68 -9.69 5.87
C PRO C 284 -13.28 -10.56 7.06
N ASN C 285 -13.14 -10.00 8.25
CA ASN C 285 -12.79 -10.74 9.45
C ASN C 285 -13.96 -10.95 10.38
N GLY C 286 -15.17 -10.75 9.90
CA GLY C 286 -16.32 -10.71 10.77
C GLY C 286 -16.63 -9.30 11.24
N SER C 287 -17.82 -9.13 11.79
CA SER C 287 -18.28 -7.81 12.20
C SER C 287 -17.44 -7.29 13.36
N ILE C 288 -17.36 -5.96 13.46
CA ILE C 288 -16.65 -5.29 14.55
C ILE C 288 -17.54 -4.21 15.13
N PRO C 289 -17.36 -3.83 16.40
CA PRO C 289 -18.19 -2.76 16.96
C PRO C 289 -17.72 -1.40 16.47
N ASN C 290 -18.68 -0.51 16.18
CA ASN C 290 -18.37 0.84 15.74
C ASN C 290 -18.53 1.85 16.87
N ASP C 291 -18.15 1.49 18.10
CA ASP C 291 -18.21 2.44 19.20
C ASP C 291 -16.98 3.34 19.24
N LYS C 292 -15.87 2.90 18.67
CA LYS C 292 -14.65 3.69 18.60
C LYS C 292 -14.55 4.37 17.24
N PRO C 293 -13.79 5.46 17.14
CA PRO C 293 -13.71 6.20 15.88
C PRO C 293 -12.75 5.63 14.85
N PHE C 294 -11.85 4.73 15.25
CA PHE C 294 -10.85 4.17 14.35
C PHE C 294 -10.75 2.67 14.56
N GLN C 295 -10.23 1.98 13.55
CA GLN C 295 -10.08 0.53 13.62
C GLN C 295 -8.82 0.10 12.87
N ASN C 296 -8.15 -0.92 13.41
CA ASN C 296 -6.96 -1.50 12.81
C ASN C 296 -7.22 -2.88 12.22
N VAL C 297 -8.48 -3.30 12.17
CA VAL C 297 -8.79 -4.67 11.74
C VAL C 297 -8.47 -4.86 10.26
N ASN C 298 -9.10 -4.05 9.41
CA ASN C 298 -8.92 -4.21 7.97
C ASN C 298 -9.34 -2.92 7.27
N LYS C 299 -8.63 -2.60 6.18
CA LYS C 299 -9.00 -1.47 5.34
C LYS C 299 -10.24 -1.74 4.49
N ILE C 300 -10.73 -2.98 4.46
CA ILE C 300 -11.96 -3.33 3.77
C ILE C 300 -13.09 -3.39 4.79
N THR C 301 -14.10 -2.53 4.61
CA THR C 301 -15.23 -2.49 5.53
C THR C 301 -16.53 -2.29 4.74
N TYR C 302 -17.63 -2.62 5.39
CA TYR C 302 -18.96 -2.37 4.86
C TYR C 302 -19.83 -1.75 5.94
N GLY C 303 -20.51 -0.67 5.61
CA GLY C 303 -21.47 -0.06 6.51
C GLY C 303 -20.84 0.96 7.44
N ALA C 304 -21.59 1.28 8.49
CA ALA C 304 -21.17 2.26 9.50
C ALA C 304 -20.00 1.71 10.27
N CYS C 305 -18.79 2.15 9.95
CA CYS C 305 -17.56 1.56 10.44
C CYS C 305 -16.63 2.63 10.98
N PRO C 306 -15.70 2.26 11.84
CA PRO C 306 -14.60 3.17 12.18
C PRO C 306 -13.66 3.30 10.99
N ARG C 307 -12.89 4.39 10.99
CA ARG C 307 -11.97 4.63 9.90
C ARG C 307 -10.70 3.82 10.12
N TYR C 308 -10.24 3.14 9.08
CA TYR C 308 -9.04 2.34 9.21
C TYR C 308 -7.81 3.23 9.34
N VAL C 309 -7.00 2.97 10.37
CA VAL C 309 -5.71 3.62 10.55
C VAL C 309 -4.64 2.55 10.72
N LYS C 310 -3.38 3.00 10.76
CA LYS C 310 -2.26 2.08 10.89
C LYS C 310 -1.94 1.75 12.34
N GLN C 311 -2.19 2.67 13.26
CA GLN C 311 -1.90 2.42 14.67
C GLN C 311 -2.76 1.27 15.19
N ASN C 312 -2.19 0.49 16.09
CA ASN C 312 -2.94 -0.55 16.77
C ASN C 312 -3.60 -0.07 18.04
N THR C 313 -3.07 1.00 18.64
CA THR C 313 -3.68 1.60 19.83
C THR C 313 -3.44 3.09 19.82
N LEU C 314 -4.47 3.84 20.16
CA LEU C 314 -4.40 5.29 20.37
C LEU C 314 -5.21 5.59 21.61
N LYS C 315 -4.55 5.91 22.71
CA LYS C 315 -5.23 6.11 23.98
C LYS C 315 -5.54 7.59 24.17
N LEU C 316 -6.81 7.89 24.42
CA LEU C 316 -7.29 9.25 24.67
C LEU C 316 -7.45 9.44 26.17
N ALA C 317 -6.71 10.39 26.73
CA ALA C 317 -6.71 10.57 28.17
C ALA C 317 -8.04 11.12 28.64
N THR C 318 -8.63 10.47 29.65
CA THR C 318 -9.89 10.88 30.23
C THR C 318 -9.74 11.32 31.69
N GLY C 319 -8.52 11.65 32.11
CA GLY C 319 -8.28 12.10 33.47
C GLY C 319 -6.99 12.89 33.54
N MET C 320 -6.75 13.46 34.73
CA MET C 320 -5.60 14.32 34.93
C MET C 320 -4.31 13.50 35.01
N ARG C 321 -3.20 14.21 35.20
CA ARG C 321 -1.93 13.54 35.49
C ARG C 321 -2.04 12.73 36.77
N ASN C 322 -1.50 11.51 36.74
CA ASN C 322 -1.47 10.66 37.92
C ASN C 322 -0.14 10.86 38.63
N VAL C 323 -0.17 11.59 39.75
CA VAL C 323 1.04 11.82 40.53
C VAL C 323 0.88 11.16 41.89
N PRO C 324 1.56 10.03 42.15
CA PRO C 324 1.36 9.32 43.42
C PRO C 324 2.43 9.62 44.46
N GLU C 325 2.49 8.79 45.50
CA GLU C 325 3.41 8.99 46.61
C GLU C 325 4.83 9.26 46.14
N LYS C 326 5.37 10.40 46.55
CA LYS C 326 6.75 10.76 46.22
C LYS C 326 7.75 9.87 46.95
N GLY D 1 1.17 21.25 34.87
CA GLY D 1 1.21 21.52 33.44
C GLY D 1 1.61 22.95 33.20
N ILE D 2 0.83 23.66 32.40
CA ILE D 2 1.12 25.04 32.09
C ILE D 2 0.65 26.00 33.15
N PHE D 3 -0.02 25.49 34.16
CA PHE D 3 -0.51 26.29 35.28
C PHE D 3 0.28 25.88 36.52
N GLY D 4 1.19 24.92 36.40
CA GLY D 4 2.11 24.61 37.48
C GLY D 4 1.47 24.23 38.80
N ALA D 5 0.25 23.69 38.76
CA ALA D 5 -0.42 23.28 39.99
C ALA D 5 -0.41 21.78 40.27
N ILE D 6 -0.72 20.98 39.26
CA ILE D 6 -0.68 19.53 39.37
C ILE D 6 0.69 19.17 38.83
N ALA D 7 1.39 18.27 39.51
CA ALA D 7 2.82 18.01 39.29
C ALA D 7 3.65 19.28 39.38
N GLY D 8 3.17 20.27 40.13
CA GLY D 8 3.84 21.56 40.24
C GLY D 8 3.93 21.99 41.69
N PHE D 9 3.35 23.13 42.06
CA PHE D 9 3.47 23.59 43.44
C PHE D 9 2.73 22.68 44.42
N ILE D 10 1.83 21.85 43.93
CA ILE D 10 1.34 20.71 44.69
C ILE D 10 2.23 19.52 44.36
N GLU D 11 2.95 19.03 45.38
CA GLU D 11 4.01 18.06 45.13
C GLU D 11 3.49 16.80 44.47
N ASN D 12 2.41 16.23 45.00
CA ASN D 12 1.83 15.02 44.44
C ASN D 12 0.35 14.99 44.74
N GLY D 13 -0.32 13.98 44.20
CA GLY D 13 -1.76 13.83 44.36
C GLY D 13 -2.10 12.88 45.51
N TRP D 14 -3.38 12.89 45.87
CA TRP D 14 -3.87 12.12 47.00
C TRP D 14 -4.53 10.84 46.49
N GLU D 15 -3.88 9.70 46.73
CA GLU D 15 -4.53 8.43 46.48
C GLU D 15 -5.64 8.15 47.48
N GLY D 16 -5.70 8.89 48.58
CA GLY D 16 -6.73 8.74 49.58
C GLY D 16 -8.04 9.42 49.28
N MET D 17 -8.17 10.10 48.15
CA MET D 17 -9.41 10.77 47.79
C MET D 17 -10.04 10.02 46.63
N VAL D 18 -11.27 9.53 46.84
CA VAL D 18 -11.92 8.70 45.83
C VAL D 18 -13.34 9.19 45.55
N ASP D 19 -13.81 10.19 46.31
CA ASP D 19 -15.13 10.75 46.07
C ASP D 19 -15.07 12.13 45.41
N GLY D 20 -13.99 12.43 44.72
CA GLY D 20 -13.90 13.69 43.99
C GLY D 20 -12.57 13.76 43.27
N TRP D 21 -12.47 14.79 42.42
CA TRP D 21 -11.23 15.04 41.68
C TRP D 21 -10.34 16.06 42.37
N TYR D 22 -10.93 16.96 43.16
CA TYR D 22 -10.19 17.97 43.91
C TYR D 22 -10.86 18.09 45.27
N GLY D 23 -10.09 18.45 46.29
CA GLY D 23 -10.67 18.50 47.61
C GLY D 23 -9.81 19.22 48.62
N PHE D 24 -10.24 19.14 49.88
CA PHE D 24 -9.60 19.83 51.00
C PHE D 24 -9.23 18.82 52.09
N ARG D 25 -8.00 18.89 52.57
CA ARG D 25 -7.59 18.28 53.82
C ARG D 25 -7.29 19.40 54.82
N HIS D 26 -7.75 19.24 56.06
CA HIS D 26 -7.61 20.30 57.05
C HIS D 26 -7.18 19.74 58.39
N GLN D 27 -6.71 20.65 59.25
CA GLN D 27 -6.20 20.31 60.57
C GLN D 27 -6.54 21.45 61.51
N ASN D 28 -7.21 21.13 62.61
CA ASN D 28 -7.61 22.16 63.58
C ASN D 28 -7.65 21.52 64.97
N SER D 29 -8.37 22.17 65.88
CA SER D 29 -8.47 21.65 67.24
C SER D 29 -9.16 20.29 67.26
N GLU D 30 -10.26 20.16 66.52
CA GLU D 30 -11.05 18.93 66.56
C GLU D 30 -10.34 17.75 65.90
N GLY D 31 -9.38 18.02 65.03
CA GLY D 31 -8.66 16.95 64.37
C GLY D 31 -8.49 17.18 62.89
N THR D 32 -8.59 16.11 62.09
CA THR D 32 -8.40 16.19 60.66
C THR D 32 -9.68 15.75 59.93
N GLY D 33 -9.77 16.17 58.67
CA GLY D 33 -10.88 15.81 57.81
C GLY D 33 -10.46 15.86 56.37
N GLN D 34 -11.37 15.39 55.51
CA GLN D 34 -11.11 15.37 54.07
C GLN D 34 -12.44 15.39 53.33
N ALA D 35 -12.62 16.36 52.44
CA ALA D 35 -13.85 16.52 51.69
C ALA D 35 -13.50 16.86 50.24
N ALA D 36 -14.19 16.20 49.31
CA ALA D 36 -14.01 16.50 47.90
C ALA D 36 -14.85 17.72 47.52
N ASP D 37 -14.31 18.55 46.64
CA ASP D 37 -15.03 19.72 46.14
C ASP D 37 -15.77 19.34 44.86
N LEU D 38 -17.09 19.41 44.91
CA LEU D 38 -17.90 18.94 43.79
C LEU D 38 -17.82 19.90 42.61
N LYS D 39 -17.89 21.21 42.88
CA LYS D 39 -17.98 22.18 41.80
C LYS D 39 -16.80 22.07 40.85
N SER D 40 -15.58 21.96 41.38
CA SER D 40 -14.41 21.85 40.52
C SER D 40 -14.29 20.46 39.91
N THR D 41 -14.56 19.42 40.71
CA THR D 41 -14.58 18.06 40.17
C THR D 41 -15.55 17.96 38.99
N GLN D 42 -16.77 18.45 39.18
CA GLN D 42 -17.76 18.39 38.12
C GLN D 42 -17.33 19.18 36.89
N ALA D 43 -16.71 20.35 37.11
CA ALA D 43 -16.30 21.19 36.00
C ALA D 43 -15.29 20.50 35.10
N ALA D 44 -14.32 19.80 35.70
CA ALA D 44 -13.32 19.10 34.91
C ALA D 44 -13.91 17.88 34.20
N ILE D 45 -14.91 17.24 34.81
CA ILE D 45 -15.51 16.04 34.21
C ILE D 45 -16.37 16.42 33.01
N ASN D 46 -17.20 17.46 33.17
CA ASN D 46 -18.10 17.84 32.08
C ASN D 46 -17.34 18.19 30.81
N GLN D 47 -16.13 18.75 30.95
CA GLN D 47 -15.33 19.08 29.78
C GLN D 47 -14.77 17.83 29.12
N ILE D 48 -14.23 16.91 29.93
CA ILE D 48 -13.64 15.70 29.37
C ILE D 48 -14.72 14.83 28.76
N THR D 49 -15.89 14.75 29.39
CA THR D 49 -17.01 14.05 28.77
C THR D 49 -17.43 14.73 27.47
N GLY D 50 -17.36 16.05 27.42
CA GLY D 50 -17.72 16.76 26.21
C GLY D 50 -16.82 16.40 25.04
N LYS D 51 -15.51 16.45 25.25
CA LYS D 51 -14.59 16.16 24.15
C LYS D 51 -14.57 14.68 23.81
N LEU D 52 -14.80 13.83 24.81
CA LEU D 52 -14.95 12.40 24.53
C LEU D 52 -16.15 12.14 23.65
N ASN D 53 -17.24 12.88 23.87
CA ASN D 53 -18.45 12.68 23.06
C ASN D 53 -18.29 13.29 21.68
N ARG D 54 -17.50 14.36 21.54
CA ARG D 54 -17.26 14.91 20.21
C ARG D 54 -16.36 13.99 19.40
N VAL D 55 -15.38 13.36 20.05
CA VAL D 55 -14.44 12.49 19.35
C VAL D 55 -15.12 11.20 18.90
N ILE D 56 -15.84 10.55 19.83
CA ILE D 56 -16.67 9.39 19.49
C ILE D 56 -17.95 9.94 18.89
N LYS D 57 -18.02 10.05 17.57
CA LYS D 57 -19.17 10.62 16.91
C LYS D 57 -19.46 9.80 15.66
N LYS D 58 -20.62 9.14 15.65
CA LYS D 58 -21.09 8.40 14.49
C LYS D 58 -20.79 9.29 13.29
N THR D 59 -20.05 8.77 12.32
CA THR D 59 -19.90 9.35 10.99
C THR D 59 -19.47 8.17 10.14
N ASN D 60 -19.12 8.45 8.88
CA ASN D 60 -18.48 7.46 8.01
C ASN D 60 -19.07 6.13 7.58
N GLU D 61 -20.33 6.15 7.15
CA GLU D 61 -21.00 4.99 6.58
C GLU D 61 -20.86 4.83 5.07
N LYS D 62 -19.94 3.98 4.65
CA LYS D 62 -19.68 3.75 3.24
C LYS D 62 -20.15 2.36 2.85
N PHE D 63 -20.52 2.19 1.58
CA PHE D 63 -21.07 0.94 1.10
C PHE D 63 -20.29 0.30 -0.05
N HIS D 64 -20.56 0.66 -1.29
CA HIS D 64 -19.79 0.10 -2.39
C HIS D 64 -18.63 1.06 -2.59
N GLN D 65 -17.41 0.53 -2.54
CA GLN D 65 -16.20 1.33 -2.70
C GLN D 65 -15.34 0.70 -3.80
N ILE D 66 -14.07 1.02 -3.81
CA ILE D 66 -13.13 0.38 -4.73
C ILE D 66 -12.59 -0.89 -4.09
N GLU D 67 -12.01 -1.76 -4.93
CA GLU D 67 -11.32 -2.93 -4.41
C GLU D 67 -9.96 -2.55 -3.85
N LYS D 68 -9.52 -3.27 -2.82
CA LYS D 68 -8.32 -2.91 -2.10
C LYS D 68 -7.32 -4.06 -1.93
N GLU D 69 -7.70 -5.28 -2.28
CA GLU D 69 -6.77 -6.40 -2.41
C GLU D 69 -6.94 -6.98 -3.80
N PHE D 70 -5.83 -7.33 -4.44
CA PHE D 70 -5.86 -7.80 -5.81
C PHE D 70 -5.09 -9.10 -5.93
N SER D 71 -5.56 -9.97 -6.81
CA SER D 71 -4.94 -11.28 -7.04
C SER D 71 -4.37 -11.41 -8.44
N GLU D 72 -4.21 -10.32 -9.17
CA GLU D 72 -3.63 -10.35 -10.51
C GLU D 72 -2.71 -9.14 -10.69
N VAL D 73 -1.74 -9.29 -11.58
CA VAL D 73 -0.90 -8.18 -12.00
C VAL D 73 -1.61 -7.46 -13.13
N GLU D 74 -1.93 -6.19 -12.92
CA GLU D 74 -2.61 -5.40 -13.94
C GLU D 74 -1.92 -4.09 -14.26
N GLY D 75 -0.99 -3.63 -13.44
CA GLY D 75 -0.27 -2.40 -13.74
C GLY D 75 -1.04 -1.12 -13.49
N ARG D 76 -1.15 -0.31 -14.56
CA ARG D 76 -1.45 1.12 -14.40
C ARG D 76 -2.68 1.36 -13.54
N ILE D 77 -3.81 0.75 -13.90
CA ILE D 77 -5.05 1.04 -13.20
C ILE D 77 -4.99 0.52 -11.76
N GLN D 78 -4.34 -0.62 -11.54
CA GLN D 78 -4.26 -1.16 -10.19
C GLN D 78 -3.27 -0.37 -9.35
N ASP D 79 -2.18 0.11 -9.97
CA ASP D 79 -1.25 1.00 -9.29
C ASP D 79 -1.98 2.17 -8.67
N LEU D 80 -2.98 2.70 -9.38
CA LEU D 80 -3.72 3.87 -8.93
C LEU D 80 -4.70 3.52 -7.82
N GLU D 81 -5.45 2.42 -7.98
CA GLU D 81 -6.37 1.98 -6.93
C GLU D 81 -5.64 1.73 -5.62
N LYS D 82 -4.38 1.32 -5.69
CA LYS D 82 -3.59 1.14 -4.48
C LYS D 82 -3.06 2.46 -3.94
N TYR D 83 -2.54 3.31 -4.83
CA TYR D 83 -2.06 4.63 -4.40
C TYR D 83 -3.18 5.43 -3.77
N VAL D 84 -4.40 5.29 -4.27
CA VAL D 84 -5.52 6.05 -3.73
C VAL D 84 -5.83 5.60 -2.30
N GLU D 85 -6.02 4.30 -2.10
CA GLU D 85 -6.35 3.81 -0.76
C GLU D 85 -5.19 4.01 0.19
N ASP D 86 -3.95 3.89 -0.30
CA ASP D 86 -2.79 4.07 0.57
C ASP D 86 -2.67 5.53 0.99
N THR D 87 -2.81 6.45 0.03
CA THR D 87 -2.76 7.87 0.35
C THR D 87 -3.82 8.23 1.38
N LYS D 88 -5.01 7.64 1.26
CA LYS D 88 -6.09 7.95 2.20
C LYS D 88 -5.77 7.47 3.61
N ILE D 89 -5.23 6.26 3.73
CA ILE D 89 -4.99 5.69 5.06
C ILE D 89 -3.96 6.50 5.81
N ASP D 90 -2.86 6.85 5.14
CA ASP D 90 -1.82 7.67 5.76
C ASP D 90 -2.40 8.99 6.28
N LEU D 91 -3.36 9.57 5.55
CA LEU D 91 -3.93 10.85 5.97
C LEU D 91 -4.81 10.69 7.20
N TRP D 92 -5.65 9.66 7.24
CA TRP D 92 -6.49 9.43 8.42
C TRP D 92 -5.66 8.96 9.60
N SER D 93 -4.56 8.27 9.35
CA SER D 93 -3.65 7.92 10.44
C SER D 93 -3.03 9.17 11.05
N TYR D 94 -2.68 10.15 10.21
CA TYR D 94 -2.12 11.40 10.73
C TYR D 94 -3.16 12.19 11.50
N ASN D 95 -4.38 12.30 10.93
CA ASN D 95 -5.46 12.96 11.66
C ASN D 95 -5.67 12.31 13.02
N ALA D 96 -5.67 10.98 13.07
CA ALA D 96 -5.85 10.27 14.32
C ALA D 96 -4.70 10.54 15.28
N GLU D 97 -3.46 10.48 14.79
CA GLU D 97 -2.30 10.67 15.66
C GLU D 97 -2.29 12.07 16.26
N LEU D 98 -2.62 13.09 15.45
CA LEU D 98 -2.59 14.46 15.95
C LEU D 98 -3.75 14.73 16.89
N LEU D 99 -4.94 14.23 16.55
CA LEU D 99 -6.12 14.46 17.39
C LEU D 99 -5.88 14.01 18.82
N VAL D 100 -5.33 12.80 18.97
CA VAL D 100 -5.05 12.26 20.30
C VAL D 100 -4.07 13.16 21.05
N ALA D 101 -3.00 13.59 20.36
CA ALA D 101 -1.97 14.37 21.04
C ALA D 101 -2.47 15.72 21.48
N LEU D 102 -3.31 16.38 20.66
CA LEU D 102 -3.85 17.67 21.05
C LEU D 102 -4.84 17.51 22.21
N GLU D 103 -5.82 16.61 22.06
CA GLU D 103 -6.81 16.40 23.12
C GLU D 103 -6.13 16.01 24.42
N ASN D 104 -5.08 15.18 24.35
CA ASN D 104 -4.41 14.73 25.56
C ASN D 104 -3.58 15.86 26.18
N GLN D 105 -2.92 16.65 25.35
CA GLN D 105 -2.22 17.83 25.86
C GLN D 105 -3.18 18.78 26.53
N HIS D 106 -4.34 19.03 25.88
CA HIS D 106 -5.34 19.95 26.43
C HIS D 106 -5.98 19.38 27.69
N THR D 107 -6.26 18.07 27.70
CA THR D 107 -6.88 17.47 28.88
C THR D 107 -5.99 17.64 30.12
N ILE D 108 -4.69 17.48 29.96
CA ILE D 108 -3.77 17.67 31.09
C ILE D 108 -3.76 19.13 31.54
N ASP D 109 -3.64 20.05 30.59
CA ASP D 109 -3.62 21.47 30.95
C ASP D 109 -4.92 21.91 31.61
N LEU D 110 -6.07 21.48 31.08
CA LEU D 110 -7.34 21.94 31.62
C LEU D 110 -7.62 21.37 33.01
N THR D 111 -7.17 20.15 33.29
CA THR D 111 -7.31 19.63 34.65
C THR D 111 -6.35 20.35 35.59
N ASP D 112 -5.13 20.63 35.14
CA ASP D 112 -4.21 21.45 35.91
C ASP D 112 -4.80 22.83 36.16
N SER D 113 -5.58 23.34 35.19
CA SER D 113 -6.23 24.63 35.35
C SER D 113 -7.25 24.61 36.49
N GLU D 114 -8.11 23.59 36.51
CA GLU D 114 -9.18 23.54 37.51
C GLU D 114 -8.61 23.45 38.93
N MET D 115 -7.47 22.79 39.10
CA MET D 115 -6.79 22.80 40.40
C MET D 115 -6.36 24.22 40.76
N SER D 116 -5.82 24.96 39.80
CA SER D 116 -5.41 26.33 40.07
C SER D 116 -6.60 27.23 40.34
N LYS D 117 -7.73 27.00 39.65
CA LYS D 117 -8.92 27.79 39.91
C LYS D 117 -9.39 27.60 41.35
N LEU D 118 -9.44 26.35 41.81
CA LEU D 118 -9.89 26.07 43.17
C LEU D 118 -9.00 26.73 44.20
N PHE D 119 -7.68 26.76 43.94
CA PHE D 119 -6.76 27.40 44.87
C PHE D 119 -7.01 28.91 44.92
N GLU D 120 -7.14 29.54 43.75
CA GLU D 120 -7.39 30.98 43.72
C GLU D 120 -8.79 31.32 44.21
N ARG D 121 -9.74 30.39 44.13
CA ARG D 121 -11.03 30.61 44.78
C ARG D 121 -10.87 30.66 46.29
N THR D 122 -10.17 29.68 46.85
CA THR D 122 -9.96 29.61 48.29
C THR D 122 -9.11 30.77 48.79
N ARG D 123 -8.11 31.18 48.00
CA ARG D 123 -7.23 32.27 48.43
C ARG D 123 -8.01 33.57 48.57
N ARG D 124 -8.80 33.92 47.57
CA ARG D 124 -9.60 35.14 47.64
C ARG D 124 -10.62 35.06 48.77
N GLN D 125 -11.14 33.86 49.04
CA GLN D 125 -12.12 33.70 50.10
C GLN D 125 -11.56 34.03 51.47
N LEU D 126 -10.28 33.73 51.70
CA LEU D 126 -9.66 33.92 53.00
C LEU D 126 -9.17 35.35 53.24
N ARG D 127 -9.24 36.22 52.23
CA ARG D 127 -8.77 37.60 52.31
C ARG D 127 -7.44 37.70 53.05
N GLU D 128 -7.43 38.39 54.18
CA GLU D 128 -6.20 38.70 54.90
C GLU D 128 -5.99 37.82 56.13
N ASN D 129 -6.71 36.70 56.21
CA ASN D 129 -6.72 35.87 57.41
C ASN D 129 -5.86 34.62 57.28
N ALA D 130 -5.15 34.46 56.17
CA ALA D 130 -4.31 33.28 55.97
C ALA D 130 -3.18 33.62 55.02
N GLU D 131 -2.22 32.70 54.89
CA GLU D 131 -1.06 32.89 54.04
C GLU D 131 -0.76 31.60 53.30
N ASP D 132 -0.07 31.73 52.17
CA ASP D 132 0.28 30.60 51.31
C ASP D 132 1.59 30.00 51.80
N MET D 133 1.54 28.76 52.29
CA MET D 133 2.75 28.07 52.72
C MET D 133 3.58 27.57 51.56
N GLY D 134 2.99 27.45 50.37
CA GLY D 134 3.69 27.05 49.17
C GLY D 134 3.48 25.62 48.75
N ASN D 135 3.15 24.74 49.69
CA ASN D 135 2.91 23.34 49.41
C ASN D 135 1.48 23.07 48.98
N GLY D 136 0.74 24.11 48.60
CA GLY D 136 -0.67 23.98 48.32
C GLY D 136 -1.56 24.17 49.52
N CYS D 137 -0.99 24.54 50.67
CA CYS D 137 -1.74 24.68 51.91
C CYS D 137 -1.77 26.13 52.36
N PHE D 138 -2.80 26.47 53.12
CA PHE D 138 -2.95 27.78 53.73
C PHE D 138 -2.78 27.65 55.24
N LYS D 139 -2.01 28.57 55.83
CA LYS D 139 -1.92 28.68 57.28
C LYS D 139 -2.94 29.72 57.73
N ILE D 140 -4.04 29.26 58.32
CA ILE D 140 -5.07 30.15 58.84
C ILE D 140 -4.65 30.64 60.22
N TYR D 141 -4.65 31.96 60.39
CA TYR D 141 -4.16 32.61 61.61
C TYR D 141 -5.21 32.85 62.68
N HIS D 142 -6.28 32.04 62.71
CA HIS D 142 -7.27 32.16 63.77
C HIS D 142 -7.88 30.80 64.09
N LYS D 143 -8.53 30.74 65.26
CA LYS D 143 -9.26 29.53 65.64
C LYS D 143 -10.37 29.27 64.64
N CYS D 144 -10.34 28.09 64.01
CA CYS D 144 -11.29 27.73 62.97
C CYS D 144 -11.74 26.28 63.22
N ASP D 145 -12.85 26.12 63.92
CA ASP D 145 -13.36 24.78 64.21
C ASP D 145 -13.87 24.12 62.94
N ASN D 146 -14.40 22.91 63.08
CA ASN D 146 -14.88 22.17 61.92
C ASN D 146 -16.00 22.92 61.20
N ALA D 147 -16.88 23.57 61.96
CA ALA D 147 -17.93 24.38 61.34
C ALA D 147 -17.33 25.50 60.51
N CYS D 148 -16.36 26.23 61.09
CA CYS D 148 -15.69 27.30 60.34
C CYS D 148 -15.06 26.76 59.06
N ILE D 149 -14.30 25.67 59.17
CA ILE D 149 -13.72 25.03 57.99
C ILE D 149 -14.80 24.74 56.95
N GLY D 150 -15.92 24.20 57.41
CA GLY D 150 -17.02 23.92 56.50
C GLY D 150 -17.43 25.14 55.69
N SER D 151 -17.56 26.29 56.36
CA SER D 151 -17.99 27.49 55.65
C SER D 151 -17.01 27.92 54.56
N ILE D 152 -15.72 27.59 54.72
CA ILE D 152 -14.72 27.95 53.73
C ILE D 152 -14.99 27.21 52.42
N ARG D 153 -15.01 25.88 52.48
CA ARG D 153 -15.24 25.02 51.31
C ARG D 153 -16.56 25.30 50.61
N ASN D 154 -17.44 26.07 51.25
CA ASN D 154 -18.83 26.12 50.86
C ASN D 154 -19.30 27.55 50.58
N GLY D 155 -18.35 28.43 50.29
CA GLY D 155 -18.65 29.80 49.88
C GLY D 155 -19.20 30.70 50.96
N THR D 156 -19.25 30.25 52.21
CA THR D 156 -19.88 31.01 53.28
C THR D 156 -18.91 31.43 54.37
N TYR D 157 -17.61 31.46 54.08
CA TYR D 157 -16.63 31.97 55.04
C TYR D 157 -16.71 33.49 55.07
N ASP D 158 -17.06 34.05 56.23
CA ASP D 158 -17.17 35.50 56.40
C ASP D 158 -15.88 35.99 57.06
N HIS D 159 -14.94 36.45 56.23
CA HIS D 159 -13.61 36.81 56.70
C HIS D 159 -13.63 37.96 57.71
N ASP D 160 -14.71 38.77 57.73
CA ASP D 160 -14.75 39.92 58.62
C ASP D 160 -14.76 39.52 60.09
N ILE D 161 -15.51 38.47 60.44
CA ILE D 161 -15.61 38.05 61.84
C ILE D 161 -14.35 37.36 62.35
N TYR D 162 -13.30 37.21 61.52
CA TYR D 162 -12.01 36.67 61.97
C TYR D 162 -10.84 37.60 61.67
N ARG D 163 -11.09 38.74 61.02
CA ARG D 163 -10.02 39.58 60.53
C ARG D 163 -9.19 40.15 61.67
N ASN D 164 -9.83 40.55 62.77
CA ASN D 164 -9.08 41.10 63.89
C ASN D 164 -8.25 40.03 64.58
N GLU D 165 -8.85 38.88 64.86
CA GLU D 165 -8.09 37.78 65.46
C GLU D 165 -6.94 37.36 64.56
N ALA D 166 -7.18 37.33 63.26
CA ALA D 166 -6.16 36.83 62.32
C ALA D 166 -4.98 37.78 62.22
N LEU D 167 -5.25 39.06 62.00
CA LEU D 167 -4.15 40.02 61.83
C LEU D 167 -3.32 40.15 63.11
N ASN D 168 -3.93 39.91 64.27
CA ASN D 168 -3.18 39.97 65.52
C ASN D 168 -2.13 38.86 65.59
N ASN D 169 -2.46 37.67 65.06
CA ASN D 169 -1.48 36.58 65.07
C ASN D 169 -0.44 36.75 63.97
N ARG D 170 -0.79 37.40 62.86
CA ARG D 170 0.15 37.55 61.76
C ARG D 170 1.23 38.56 62.08
N PHE D 171 0.88 39.63 62.80
CA PHE D 171 1.84 40.65 63.20
C PHE D 171 1.80 40.81 64.71
N GLN D 172 2.97 40.66 65.35
CA GLN D 172 3.05 40.78 66.79
C GLN D 172 4.53 40.40 66.89
N ILE D 173 5.08 40.45 68.09
CA ILE D 173 6.39 39.85 68.40
C ILE D 173 6.62 38.34 68.42
N LYS D 174 7.28 37.82 67.39
CA LYS D 174 7.56 36.40 67.37
C LYS D 174 8.83 36.06 66.58
N ASN E 8 19.80 51.08 54.56
CA ASN E 8 18.44 51.22 54.06
C ASN E 8 17.65 49.93 54.25
N SER E 9 18.36 48.85 54.60
CA SER E 9 17.76 47.52 54.77
C SER E 9 17.07 47.07 53.48
N MET E 10 17.71 47.36 52.34
CA MET E 10 17.11 47.15 51.03
C MET E 10 17.78 46.00 50.29
N ALA E 11 17.01 45.42 49.37
CA ALA E 11 17.48 44.39 48.44
C ALA E 11 16.39 44.26 47.39
N THR E 12 16.78 44.11 46.12
CA THR E 12 15.83 44.02 45.02
C THR E 12 16.22 42.81 44.21
N LEU E 13 15.32 41.84 44.11
CA LEU E 13 15.53 40.62 43.33
C LEU E 13 14.65 40.68 42.08
N CYS E 14 15.26 40.56 40.92
CA CYS E 14 14.57 40.65 39.63
C CYS E 14 14.60 39.31 38.92
N LEU E 15 13.47 38.94 38.34
CA LEU E 15 13.35 37.74 37.53
C LEU E 15 13.18 38.13 36.07
N GLY E 16 13.69 37.30 35.17
CA GLY E 16 13.66 37.64 33.77
C GLY E 16 13.97 36.44 32.89
N HIS E 17 13.98 36.70 31.59
CA HIS E 17 14.23 35.68 30.58
C HIS E 17 15.32 36.16 29.63
N HIS E 18 15.94 35.23 28.93
CA HIS E 18 17.03 35.57 28.05
C HIS E 18 16.50 36.12 26.72
N ALA E 19 17.41 36.67 25.94
CA ALA E 19 17.08 37.23 24.63
C ALA E 19 18.33 37.20 23.77
N VAL E 20 18.14 37.47 22.47
CA VAL E 20 19.22 37.42 21.50
C VAL E 20 19.13 38.64 20.59
N PRO E 21 20.16 38.95 19.79
CA PRO E 21 20.04 40.04 18.81
C PRO E 21 19.38 39.55 17.53
N ASN E 22 19.67 38.31 17.16
CA ASN E 22 19.25 37.82 15.86
C ASN E 22 18.13 36.82 16.13
N GLY E 23 16.87 37.25 16.11
CA GLY E 23 15.78 36.31 16.33
C GLY E 23 15.27 36.00 14.93
N THR E 24 14.33 35.06 14.88
CA THR E 24 13.70 34.65 13.64
C THR E 24 12.18 34.83 13.71
N LEU E 25 11.58 35.04 12.54
CA LEU E 25 10.15 35.16 12.42
C LEU E 25 9.53 33.79 12.16
N VAL E 26 8.34 33.56 12.74
CA VAL E 26 7.62 32.31 12.59
C VAL E 26 6.13 32.61 12.47
N LYS E 27 5.40 31.65 11.92
CA LYS E 27 3.95 31.74 11.84
C LYS E 27 3.32 31.11 13.08
N THR E 28 2.21 31.68 13.52
CA THR E 28 1.43 31.11 14.62
C THR E 28 -0.05 31.11 14.21
N ILE E 29 -0.90 30.71 15.16
CA ILE E 29 -2.33 30.78 14.93
C ILE E 29 -2.79 32.23 14.86
N THR E 30 -2.27 33.06 15.75
CA THR E 30 -2.69 34.45 15.89
C THR E 30 -1.93 35.38 14.94
N ASP E 31 -0.60 35.34 14.98
CA ASP E 31 0.23 36.27 14.23
C ASP E 31 0.81 35.58 13.00
N ASP E 32 1.12 36.41 11.99
CA ASP E 32 1.67 35.94 10.72
C ASP E 32 3.20 35.85 10.77
N GLN E 33 3.85 36.95 11.16
CA GLN E 33 5.28 36.96 11.44
C GLN E 33 5.46 37.43 12.87
N ILE E 34 6.04 36.58 13.73
CA ILE E 34 6.38 36.96 15.10
C ILE E 34 7.76 36.41 15.41
N GLU E 35 8.53 37.17 16.18
CA GLU E 35 9.95 36.90 16.37
C GLU E 35 10.19 36.05 17.61
N VAL E 36 10.73 34.85 17.41
CA VAL E 36 11.20 34.01 18.51
C VAL E 36 12.72 34.05 18.53
N THR E 37 13.34 33.33 19.46
CA THR E 37 14.78 33.36 19.60
C THR E 37 15.49 32.31 18.73
N ASN E 38 14.77 31.30 18.27
CA ASN E 38 15.38 30.19 17.54
C ASN E 38 14.31 29.32 16.93
N ALA E 39 14.45 29.02 15.64
CA ALA E 39 13.55 28.10 14.97
C ALA E 39 14.38 27.19 14.07
N THR E 40 13.84 26.03 13.77
CA THR E 40 14.48 25.09 12.86
C THR E 40 13.58 24.82 11.67
N GLU E 41 14.23 24.63 10.51
CA GLU E 41 13.50 24.44 9.26
C GLU E 41 12.88 23.05 9.19
N LEU E 42 11.64 22.98 8.67
CA LEU E 42 10.93 21.73 8.54
C LEU E 42 10.74 21.27 7.10
N VAL E 43 11.14 22.07 6.11
CA VAL E 43 10.94 21.75 4.71
C VAL E 43 12.31 21.60 4.04
N GLN E 44 12.57 20.42 3.48
CA GLN E 44 13.77 20.18 2.70
C GLN E 44 13.60 20.81 1.31
N SER E 45 14.48 21.72 0.95
CA SER E 45 14.36 22.43 -0.31
C SER E 45 15.60 22.35 -1.20
N SER E 46 16.65 21.65 -0.77
CA SER E 46 17.89 21.59 -1.51
C SER E 46 18.33 20.15 -1.67
N SER E 47 19.15 19.93 -2.70
CA SER E 47 19.75 18.63 -2.95
C SER E 47 21.16 18.83 -3.51
N THR E 48 22.01 17.83 -3.31
CA THR E 48 23.32 17.83 -3.94
C THR E 48 23.20 17.89 -5.46
N GLY E 49 22.11 17.34 -6.01
CA GLY E 49 22.00 17.12 -7.42
C GLY E 49 22.51 15.77 -7.86
N ARG E 50 22.82 14.88 -6.92
CA ARG E 50 23.43 13.59 -7.22
C ARG E 50 22.70 12.50 -6.43
N ILE E 51 22.65 11.30 -7.02
CA ILE E 51 21.95 10.16 -6.46
C ILE E 51 22.95 9.27 -5.73
N CYS E 52 22.64 8.92 -4.49
CA CYS E 52 23.50 8.04 -3.71
C CYS E 52 23.17 6.58 -4.02
N ASN E 53 24.20 5.80 -4.35
CA ASN E 53 24.03 4.41 -4.75
C ASN E 53 24.02 3.44 -3.57
N SER E 54 23.64 3.92 -2.39
CA SER E 54 23.37 3.08 -1.24
C SER E 54 22.46 3.86 -0.30
N PRO E 55 21.56 3.17 0.41
CA PRO E 55 21.40 1.72 0.57
C PRO E 55 20.59 1.04 -0.52
N HIS E 56 20.13 1.79 -1.51
CA HIS E 56 19.29 1.23 -2.57
C HIS E 56 20.15 0.83 -3.75
N GLN E 57 19.86 -0.33 -4.33
CA GLN E 57 20.60 -0.83 -5.48
C GLN E 57 20.09 -0.13 -6.72
N ILE E 58 20.85 0.86 -7.20
CA ILE E 58 20.51 1.66 -8.37
C ILE E 58 21.01 0.94 -9.62
N LEU E 59 20.25 1.04 -10.71
CA LEU E 59 20.65 0.48 -12.00
C LEU E 59 20.53 1.57 -13.05
N ASP E 60 21.68 2.10 -13.47
CA ASP E 60 21.72 3.17 -14.47
C ASP E 60 21.38 2.58 -15.83
N GLY E 61 20.20 2.90 -16.33
CA GLY E 61 19.79 2.41 -17.64
C GLY E 61 20.62 2.94 -18.79
N LYS E 62 21.40 4.00 -18.57
CA LYS E 62 22.21 4.62 -19.62
C LYS E 62 21.34 5.00 -20.82
N ASN E 63 21.63 4.38 -21.97
CA ASN E 63 20.87 4.63 -23.20
C ASN E 63 19.71 3.65 -23.37
N CYS E 64 19.45 2.82 -22.38
CA CYS E 64 18.45 1.78 -22.49
C CYS E 64 17.25 2.11 -21.64
N THR E 65 16.07 2.09 -22.25
CA THR E 65 14.85 2.08 -21.47
C THR E 65 14.67 0.68 -20.88
N LEU E 66 13.85 0.61 -19.82
CA LEU E 66 13.56 -0.68 -19.22
C LEU E 66 12.91 -1.63 -20.20
N ILE E 67 12.12 -1.10 -21.14
CA ILE E 67 11.49 -1.96 -22.15
C ILE E 67 12.53 -2.47 -23.14
N ASP E 68 13.45 -1.61 -23.57
CA ASP E 68 14.49 -2.03 -24.50
C ASP E 68 15.43 -3.05 -23.89
N ALA E 69 15.62 -3.01 -22.57
CA ALA E 69 16.40 -4.05 -21.91
C ALA E 69 15.61 -5.35 -21.80
N LEU E 70 14.32 -5.23 -21.54
CA LEU E 70 13.46 -6.41 -21.44
C LEU E 70 13.48 -7.22 -22.74
N LEU E 71 13.13 -6.56 -23.85
CA LEU E 71 13.05 -7.24 -25.14
C LEU E 71 14.41 -7.73 -25.60
N GLY E 72 15.48 -7.04 -25.22
CA GLY E 72 16.81 -7.48 -25.61
C GLY E 72 17.35 -6.75 -26.82
N ASP E 73 17.60 -5.45 -26.66
CA ASP E 73 18.28 -4.68 -27.67
C ASP E 73 19.76 -5.05 -27.68
N PRO E 74 20.41 -5.03 -28.84
CA PRO E 74 21.86 -5.26 -28.87
C PRO E 74 22.63 -4.37 -27.92
N HIS E 75 22.46 -3.04 -28.02
CA HIS E 75 23.24 -2.17 -27.17
C HIS E 75 22.81 -2.23 -25.70
N CYS E 76 21.74 -2.96 -25.40
CA CYS E 76 21.31 -3.20 -24.03
C CYS E 76 21.74 -4.58 -23.54
N ASP E 77 22.68 -5.21 -24.23
CA ASP E 77 23.12 -6.55 -23.85
C ASP E 77 23.60 -6.59 -22.41
N ASP E 78 24.19 -5.48 -21.92
CA ASP E 78 24.76 -5.45 -20.57
C ASP E 78 23.71 -5.48 -19.46
N PHE E 79 22.42 -5.70 -19.73
CA PHE E 79 21.40 -5.71 -18.70
C PHE E 79 20.78 -7.08 -18.47
N GLN E 80 21.26 -8.13 -19.16
CA GLN E 80 20.67 -9.46 -19.05
C GLN E 80 20.59 -9.91 -17.60
N ASN E 81 19.41 -10.38 -17.20
CA ASN E 81 19.21 -11.06 -15.92
C ASN E 81 19.60 -10.18 -14.73
N LYS E 82 19.51 -8.86 -14.93
CA LYS E 82 19.89 -7.88 -13.93
C LYS E 82 18.74 -7.58 -12.98
N GLU E 83 19.09 -7.16 -11.76
CA GLU E 83 18.14 -6.77 -10.75
C GLU E 83 18.33 -5.31 -10.40
N TRP E 84 17.35 -4.75 -9.71
CA TRP E 84 17.45 -3.38 -9.23
C TRP E 84 16.40 -3.15 -8.16
N ASP E 85 16.62 -2.09 -7.39
CA ASP E 85 15.56 -1.47 -6.59
C ASP E 85 14.97 -0.26 -7.26
N LEU E 86 15.82 0.61 -7.80
CA LEU E 86 15.38 1.78 -8.57
C LEU E 86 16.08 1.73 -9.92
N PHE E 87 15.32 1.44 -10.98
CA PHE E 87 15.80 1.60 -12.34
C PHE E 87 15.70 3.08 -12.70
N VAL E 88 16.75 3.60 -13.34
CA VAL E 88 16.84 5.02 -13.68
C VAL E 88 16.92 5.14 -15.19
N GLU E 89 15.80 5.49 -15.81
CA GLU E 89 15.78 5.75 -17.24
C GLU E 89 16.29 7.16 -17.52
N ARG E 90 17.10 7.29 -18.58
CA ARG E 90 17.67 8.58 -18.97
C ARG E 90 16.98 9.11 -20.21
N SER E 91 17.11 10.43 -20.41
CA SER E 91 16.53 11.08 -21.57
C SER E 91 17.37 10.90 -22.82
N THR E 92 18.65 10.55 -22.67
CA THR E 92 19.49 10.24 -23.80
C THR E 92 19.24 8.84 -24.35
N ALA E 93 18.32 8.09 -23.74
CA ALA E 93 18.07 6.72 -24.16
C ALA E 93 17.57 6.69 -25.60
N TYR E 94 17.83 5.56 -26.27
CA TYR E 94 17.34 5.35 -27.63
C TYR E 94 17.11 3.88 -27.86
N SER E 95 16.38 3.58 -28.94
CA SER E 95 16.23 2.23 -29.46
C SER E 95 17.15 2.06 -30.66
N ASN E 96 17.55 0.81 -30.93
CA ASN E 96 18.41 0.56 -32.08
C ASN E 96 18.15 -0.81 -32.67
N CYS E 97 16.95 -1.36 -32.52
CA CYS E 97 16.62 -2.68 -32.99
C CYS E 97 15.36 -2.48 -33.86
N TYR E 98 14.74 -3.58 -34.30
CA TYR E 98 13.50 -3.48 -35.05
C TYR E 98 12.50 -2.48 -34.48
N PRO E 99 11.78 -1.76 -35.35
CA PRO E 99 10.75 -0.85 -34.84
C PRO E 99 9.59 -1.63 -34.24
N TYR E 100 9.22 -1.26 -33.02
CA TYR E 100 8.11 -1.86 -32.32
C TYR E 100 7.24 -0.78 -31.70
N TYR E 101 6.04 -1.17 -31.31
CA TYR E 101 5.20 -0.34 -30.47
C TYR E 101 4.44 -1.26 -29.52
N VAL E 102 4.09 -0.72 -28.37
CA VAL E 102 3.50 -1.52 -27.30
C VAL E 102 2.19 -0.87 -26.88
N PRO E 103 1.04 -1.48 -27.18
CA PRO E 103 -0.19 -1.05 -26.51
C PRO E 103 0.02 -1.11 -25.00
N ASP E 104 -0.56 -0.13 -24.30
CA ASP E 104 -0.30 0.13 -22.88
C ASP E 104 1.17 -0.06 -22.49
N TYR E 105 2.06 0.57 -23.27
CA TYR E 105 3.47 0.64 -22.89
C TYR E 105 3.63 1.03 -21.42
N ALA E 106 2.84 1.99 -20.95
CA ALA E 106 2.96 2.45 -19.57
C ALA E 106 2.72 1.31 -18.58
N THR E 107 1.78 0.41 -18.89
CA THR E 107 1.49 -0.68 -17.97
C THR E 107 2.63 -1.69 -17.93
N LEU E 108 3.15 -2.07 -19.10
CA LEU E 108 4.23 -3.04 -19.15
C LEU E 108 5.47 -2.51 -18.42
N ARG E 109 5.86 -1.27 -18.73
CA ARG E 109 6.95 -0.63 -18.00
C ARG E 109 6.69 -0.65 -16.50
N SER E 110 5.46 -0.34 -16.10
CA SER E 110 5.13 -0.28 -14.68
C SER E 110 5.28 -1.64 -14.02
N LEU E 111 4.74 -2.69 -14.65
CA LEU E 111 4.75 -4.00 -14.02
C LEU E 111 6.14 -4.63 -14.02
N VAL E 112 6.93 -4.39 -15.07
CA VAL E 112 8.29 -4.91 -15.07
C VAL E 112 9.14 -4.16 -14.05
N ALA E 113 8.92 -2.86 -13.90
CA ALA E 113 9.68 -2.07 -12.94
C ALA E 113 9.45 -2.56 -11.51
N SER E 114 8.18 -2.76 -11.14
CA SER E 114 7.89 -3.27 -9.81
C SER E 114 8.36 -4.70 -9.61
N SER E 115 8.47 -5.48 -10.68
CA SER E 115 8.99 -6.85 -10.58
C SER E 115 10.44 -6.85 -10.12
N GLY E 116 11.26 -5.96 -10.67
CA GLY E 116 12.59 -5.73 -10.15
C GLY E 116 13.70 -6.60 -10.70
N ASN E 117 13.42 -7.45 -11.69
CA ASN E 117 14.48 -8.21 -12.31
C ASN E 117 14.18 -8.43 -13.78
N LEU E 118 15.23 -8.81 -14.51
CA LEU E 118 15.12 -9.30 -15.88
C LEU E 118 15.66 -10.72 -16.01
N GLU E 119 15.60 -11.49 -14.92
CA GLU E 119 16.16 -12.85 -14.88
C GLU E 119 15.47 -13.77 -15.86
N PHE E 120 16.10 -14.02 -17.01
CA PHE E 120 15.46 -14.72 -18.11
C PHE E 120 15.79 -16.21 -18.05
N THR E 121 14.75 -17.03 -18.15
CA THR E 121 14.88 -18.48 -18.21
C THR E 121 14.57 -18.96 -19.63
N GLN E 122 15.50 -19.70 -20.22
CA GLN E 122 15.29 -20.24 -21.55
C GLN E 122 14.26 -21.36 -21.52
N GLU E 123 13.48 -21.46 -22.60
CA GLU E 123 12.52 -22.54 -22.76
C GLU E 123 12.45 -22.92 -24.24
N SER E 124 12.52 -24.22 -24.52
CA SER E 124 12.50 -24.71 -25.89
C SER E 124 11.07 -25.04 -26.27
N PHE E 125 10.44 -24.14 -27.02
CA PHE E 125 9.13 -24.42 -27.58
C PHE E 125 9.27 -25.36 -28.78
N ASN E 126 8.22 -26.12 -29.04
CA ASN E 126 8.26 -27.17 -30.07
C ASN E 126 7.68 -26.64 -31.38
N TRP E 127 8.42 -25.70 -31.97
CA TRP E 127 8.06 -25.18 -33.29
C TRP E 127 8.59 -26.13 -34.36
N THR E 128 7.74 -26.47 -35.33
CA THR E 128 8.08 -27.45 -36.35
C THR E 128 7.80 -26.88 -37.74
N GLY E 129 8.66 -27.26 -38.70
CA GLY E 129 8.47 -26.84 -40.07
C GLY E 129 8.65 -25.37 -40.32
N VAL E 130 9.38 -24.67 -39.45
CA VAL E 130 9.46 -23.22 -39.49
C VAL E 130 10.89 -22.80 -39.21
N ALA E 131 11.41 -21.85 -39.99
CA ALA E 131 12.74 -21.33 -39.76
C ALA E 131 12.74 -20.42 -38.53
N GLN E 132 13.71 -20.62 -37.64
CA GLN E 132 13.83 -19.83 -36.43
C GLN E 132 14.93 -18.78 -36.59
N ASP E 133 15.09 -17.96 -35.55
CA ASP E 133 16.21 -17.04 -35.41
C ASP E 133 16.30 -16.08 -36.61
N GLY E 134 15.16 -15.47 -36.94
CA GLY E 134 15.14 -14.51 -38.03
C GLY E 134 15.78 -13.20 -37.63
N SER E 135 16.51 -12.61 -38.57
CA SER E 135 17.24 -11.37 -38.34
C SER E 135 16.74 -10.29 -39.31
N SER E 136 17.31 -9.10 -39.20
CA SER E 136 16.86 -7.95 -39.98
C SER E 136 17.96 -6.93 -40.12
N TYR E 137 17.81 -6.08 -41.15
CA TYR E 137 18.75 -4.99 -41.40
C TYR E 137 18.65 -3.91 -40.34
N ALA E 138 17.56 -3.85 -39.58
CA ALA E 138 17.37 -2.78 -38.61
C ALA E 138 18.09 -3.08 -37.30
N CYS E 139 18.05 -4.33 -36.83
CA CYS E 139 18.57 -4.68 -35.51
C CYS E 139 19.86 -5.39 -35.90
N ARG E 140 20.94 -4.62 -35.89
CA ARG E 140 22.22 -5.10 -36.41
C ARG E 140 23.15 -5.10 -35.20
N ARG E 141 23.75 -6.27 -34.94
CA ARG E 141 24.77 -6.42 -33.90
C ARG E 141 26.14 -6.39 -34.55
N GLY E 142 26.52 -5.17 -34.97
CA GLY E 142 27.67 -4.97 -35.82
C GLY E 142 27.23 -4.86 -37.27
N SER E 143 28.07 -5.31 -38.20
CA SER E 143 27.61 -5.49 -39.57
C SER E 143 26.66 -6.69 -39.62
N VAL E 144 26.83 -7.64 -38.70
CA VAL E 144 26.01 -8.83 -38.67
C VAL E 144 24.58 -8.52 -38.26
N ASN E 145 23.62 -8.89 -39.10
CA ASN E 145 22.22 -8.69 -38.79
C ASN E 145 21.79 -9.66 -37.69
N SER E 146 21.08 -9.15 -36.70
CA SER E 146 20.44 -10.00 -35.71
C SER E 146 19.23 -9.27 -35.16
N PHE E 147 18.57 -9.82 -34.15
CA PHE E 147 17.27 -9.33 -33.71
C PHE E 147 17.19 -9.26 -32.19
N PHE E 148 16.01 -8.92 -31.69
CA PHE E 148 15.76 -8.87 -30.25
C PHE E 148 16.21 -10.17 -29.58
N SER E 149 17.09 -10.04 -28.59
CA SER E 149 17.70 -11.22 -27.98
C SER E 149 16.67 -12.13 -27.34
N ARG E 150 15.63 -11.57 -26.74
CA ARG E 150 14.64 -12.38 -26.04
C ARG E 150 13.46 -12.76 -26.92
N LEU E 151 13.48 -12.44 -28.21
CA LEU E 151 12.40 -12.75 -29.14
C LEU E 151 12.92 -13.62 -30.27
N ASN E 152 12.06 -14.51 -30.75
CA ASN E 152 12.41 -15.48 -31.79
C ASN E 152 11.51 -15.24 -33.01
N TRP E 153 12.11 -14.75 -34.09
CA TRP E 153 11.38 -14.48 -35.32
C TRP E 153 11.21 -15.79 -36.10
N LEU E 154 9.95 -16.21 -36.27
CA LEU E 154 9.63 -17.42 -37.02
C LEU E 154 9.22 -17.03 -38.43
N TYR E 155 9.77 -17.74 -39.42
CA TYR E 155 9.48 -17.48 -40.82
C TYR E 155 9.58 -18.77 -41.62
N ASN E 156 9.26 -18.68 -42.90
CA ASN E 156 9.08 -19.85 -43.75
C ASN E 156 10.36 -20.69 -43.83
N LEU E 157 10.17 -21.98 -44.11
CA LEU E 157 11.26 -22.93 -44.25
C LEU E 157 10.94 -23.84 -45.42
N ASN E 158 11.76 -23.78 -46.47
CA ASN E 158 11.49 -24.47 -47.73
C ASN E 158 10.18 -24.00 -48.35
N TYR E 159 9.95 -22.69 -48.29
CA TYR E 159 8.77 -22.05 -48.89
C TYR E 159 7.46 -22.58 -48.30
N LYS E 160 7.47 -22.88 -47.00
CA LYS E 160 6.27 -23.33 -46.29
C LYS E 160 6.28 -22.77 -44.87
N TYR E 161 5.07 -22.65 -44.30
CA TYR E 161 4.91 -22.18 -42.93
C TYR E 161 3.68 -23.00 -42.61
N PRO E 162 3.74 -23.87 -41.60
CA PRO E 162 2.59 -24.72 -41.29
C PRO E 162 2.05 -24.05 -40.04
N GLU E 163 0.71 -24.07 -39.92
CA GLU E 163 0.04 -23.45 -38.79
C GLU E 163 0.48 -24.10 -37.48
N GLN E 164 0.96 -23.29 -36.55
CA GLN E 164 1.59 -23.78 -35.33
C GLN E 164 0.57 -23.96 -34.21
N ASN E 165 0.93 -24.84 -33.26
CA ASN E 165 0.15 -25.08 -32.05
C ASN E 165 1.13 -25.65 -31.03
N VAL E 166 1.40 -24.90 -29.97
CA VAL E 166 2.41 -25.31 -29.00
C VAL E 166 1.96 -24.88 -27.60
N THR E 167 2.18 -25.77 -26.64
CA THR E 167 1.86 -25.53 -25.23
C THR E 167 3.14 -25.28 -24.45
N MET E 168 2.98 -24.85 -23.20
CA MET E 168 4.10 -24.62 -22.29
C MET E 168 3.58 -24.47 -20.85
N PRO E 169 3.39 -25.57 -20.14
CA PRO E 169 2.77 -25.48 -18.81
C PRO E 169 3.71 -24.88 -17.79
N ASN E 170 3.13 -24.26 -16.77
CA ASN E 170 3.89 -23.70 -15.65
C ASN E 170 3.92 -24.75 -14.54
N ASN E 171 4.93 -25.61 -14.60
CA ASN E 171 5.11 -26.66 -13.60
C ASN E 171 5.89 -26.31 -12.34
N ASP E 172 6.08 -25.01 -12.13
CA ASP E 172 6.69 -24.49 -10.91
C ASP E 172 5.73 -23.90 -9.88
N LYS E 173 6.25 -23.15 -8.92
CA LYS E 173 5.43 -22.58 -7.86
C LYS E 173 5.26 -21.07 -7.98
N PHE E 174 5.76 -20.45 -9.04
CA PHE E 174 5.77 -19.00 -9.16
C PHE E 174 5.17 -18.57 -10.49
N ASP E 175 4.99 -17.25 -10.62
CA ASP E 175 4.40 -16.68 -11.83
C ASP E 175 5.45 -16.57 -12.93
N LYS E 176 5.04 -16.90 -14.16
CA LYS E 176 5.85 -16.73 -15.35
C LYS E 176 5.33 -15.54 -16.15
N LEU E 177 6.25 -14.76 -16.71
CA LEU E 177 5.89 -13.62 -17.56
C LEU E 177 6.50 -13.83 -18.94
N TYR E 178 5.66 -14.00 -19.95
CA TYR E 178 6.09 -14.17 -21.33
C TYR E 178 5.87 -12.88 -22.10
N ILE E 179 6.87 -12.50 -22.89
CA ILE E 179 6.80 -11.32 -23.75
C ILE E 179 6.87 -11.82 -25.19
N TRP E 180 5.78 -11.70 -25.92
CA TRP E 180 5.70 -12.13 -27.31
C TRP E 180 5.26 -10.97 -28.19
N GLY E 181 5.04 -11.26 -29.47
CA GLY E 181 4.74 -10.19 -30.39
C GLY E 181 4.04 -10.68 -31.65
N VAL E 182 3.71 -9.71 -32.51
CA VAL E 182 3.07 -9.97 -33.79
C VAL E 182 3.72 -9.05 -34.83
N HIS E 183 3.89 -9.55 -36.05
CA HIS E 183 4.57 -8.80 -37.11
C HIS E 183 3.56 -8.24 -38.11
N HIS E 184 3.65 -6.94 -38.37
CA HIS E 184 2.82 -6.27 -39.36
C HIS E 184 3.74 -5.75 -40.47
N PRO E 185 3.84 -6.44 -41.60
CA PRO E 185 4.79 -6.03 -42.63
C PRO E 185 4.24 -4.92 -43.51
N GLY E 186 5.16 -4.16 -44.09
CA GLY E 186 4.78 -2.97 -44.84
C GLY E 186 4.05 -3.26 -46.14
N THR E 187 4.33 -4.42 -46.74
CA THR E 187 3.83 -4.74 -48.07
C THR E 187 3.02 -6.03 -48.04
N ASP E 188 2.15 -6.18 -49.03
CA ASP E 188 1.52 -7.48 -49.27
C ASP E 188 2.55 -8.52 -49.69
N LYS E 189 3.61 -8.09 -50.36
CA LYS E 189 4.63 -9.02 -50.82
C LYS E 189 5.41 -9.62 -49.66
N ASP E 190 5.84 -8.78 -48.72
CA ASP E 190 6.62 -9.27 -47.58
C ASP E 190 5.83 -10.29 -46.77
N GLN E 191 4.50 -10.18 -46.75
CA GLN E 191 3.68 -11.15 -46.01
C GLN E 191 3.88 -12.55 -46.54
N THR E 192 3.80 -12.71 -47.87
CA THR E 192 3.88 -14.04 -48.48
C THR E 192 5.31 -14.55 -48.59
N ASN E 193 6.31 -13.66 -48.61
CA ASN E 193 7.69 -14.13 -48.62
C ASN E 193 8.08 -14.73 -47.28
N LEU E 194 7.53 -14.21 -46.18
CA LEU E 194 7.84 -14.70 -44.84
C LEU E 194 6.89 -15.79 -44.37
N TYR E 195 5.59 -15.62 -44.59
CA TYR E 195 4.58 -16.49 -44.01
C TYR E 195 3.69 -17.20 -45.03
N VAL E 196 3.96 -17.03 -46.33
CA VAL E 196 3.28 -17.65 -47.47
C VAL E 196 1.78 -17.41 -47.51
N GLN E 197 1.09 -17.43 -46.36
CA GLN E 197 -0.35 -17.26 -46.35
C GLN E 197 -0.73 -15.80 -46.11
N ALA E 198 -2.02 -15.51 -46.30
CA ALA E 198 -2.54 -14.17 -46.06
C ALA E 198 -2.58 -13.88 -44.56
N SER E 199 -3.16 -12.74 -44.20
CA SER E 199 -3.24 -12.35 -42.79
C SER E 199 -3.93 -13.45 -41.98
N GLY E 200 -3.44 -13.68 -40.77
CA GLY E 200 -3.95 -14.77 -39.97
C GLY E 200 -4.19 -14.35 -38.53
N ARG E 201 -4.52 -15.33 -37.68
CA ARG E 201 -4.80 -15.10 -36.28
C ARG E 201 -3.79 -15.69 -35.31
N VAL E 202 -3.26 -14.87 -34.41
CA VAL E 202 -2.38 -15.35 -33.34
C VAL E 202 -3.20 -15.37 -32.06
N ILE E 203 -3.48 -16.56 -31.55
CA ILE E 203 -4.36 -16.74 -30.40
C ILE E 203 -3.52 -17.30 -29.26
N VAL E 204 -3.35 -16.50 -28.21
CA VAL E 204 -2.47 -16.82 -27.09
C VAL E 204 -3.31 -16.76 -25.82
N SER E 205 -3.72 -17.91 -25.31
CA SER E 205 -4.60 -17.98 -24.15
C SER E 205 -3.95 -18.75 -23.01
N THR E 206 -4.57 -18.63 -21.83
CA THR E 206 -4.32 -19.50 -20.71
C THR E 206 -5.67 -19.90 -20.11
N LYS E 207 -5.64 -20.63 -18.99
CA LYS E 207 -6.88 -20.97 -18.31
C LYS E 207 -7.63 -19.71 -17.89
N ARG E 208 -6.89 -18.69 -17.46
CA ARG E 208 -7.47 -17.45 -16.94
C ARG E 208 -7.45 -16.33 -17.97
N SER E 209 -6.37 -16.19 -18.72
CA SER E 209 -6.26 -15.13 -19.71
C SER E 209 -6.76 -15.62 -21.07
N GLN E 210 -6.78 -14.69 -22.02
CA GLN E 210 -7.21 -14.92 -23.39
C GLN E 210 -6.82 -13.71 -24.24
N GLN E 211 -6.03 -13.94 -25.29
CA GLN E 211 -5.53 -12.85 -26.12
C GLN E 211 -5.58 -13.25 -27.58
N THR E 212 -6.08 -12.36 -28.42
CA THR E 212 -6.18 -12.63 -29.85
C THR E 212 -5.75 -11.39 -30.62
N VAL E 213 -4.82 -11.58 -31.54
CA VAL E 213 -4.29 -10.49 -32.37
C VAL E 213 -4.47 -10.89 -33.82
N ILE E 214 -4.99 -9.96 -34.62
CA ILE E 214 -5.16 -10.16 -36.06
C ILE E 214 -4.15 -9.25 -36.76
N PRO E 215 -3.15 -9.79 -37.44
CA PRO E 215 -2.17 -8.94 -38.13
C PRO E 215 -2.82 -8.17 -39.26
N ASN E 216 -2.52 -6.87 -39.31
CA ASN E 216 -3.02 -5.99 -40.36
C ASN E 216 -1.82 -5.54 -41.19
N ILE E 217 -1.77 -6.00 -42.44
CA ILE E 217 -0.72 -5.59 -43.37
C ILE E 217 -0.96 -4.13 -43.77
N GLY E 218 0.09 -3.32 -43.68
CA GLY E 218 -0.03 -1.94 -44.07
C GLY E 218 1.31 -1.23 -44.00
N SER E 219 1.34 -0.06 -44.65
CA SER E 219 2.54 0.76 -44.68
C SER E 219 2.66 1.54 -43.37
N ARG E 220 3.77 1.32 -42.67
CA ARG E 220 4.08 1.97 -41.41
C ARG E 220 5.24 2.95 -41.58
N PRO E 221 5.49 3.80 -40.58
CA PRO E 221 6.62 4.74 -40.68
C PRO E 221 7.94 4.04 -40.94
N TRP E 222 8.56 4.36 -42.07
CA TRP E 222 9.90 3.89 -42.40
C TRP E 222 10.86 4.23 -41.27
N VAL E 223 11.53 3.22 -40.74
CA VAL E 223 12.45 3.38 -39.62
C VAL E 223 13.62 2.42 -39.76
N ARG E 224 14.83 2.97 -39.81
CA ARG E 224 16.07 2.19 -39.77
C ARG E 224 16.12 1.14 -40.89
N GLY E 225 15.45 1.41 -42.00
CA GLY E 225 15.45 0.47 -43.11
C GLY E 225 14.24 -0.35 -43.46
N VAL E 226 13.20 -0.29 -42.61
CA VAL E 226 12.04 -1.14 -42.76
C VAL E 226 10.89 -0.18 -42.53
N SER E 227 9.77 -0.45 -43.18
CA SER E 227 8.51 0.26 -42.97
C SER E 227 7.46 -0.68 -42.37
N SER E 228 7.90 -1.59 -41.49
CA SER E 228 7.05 -2.51 -40.76
C SER E 228 7.09 -2.18 -39.28
N ILE E 229 6.37 -2.97 -38.48
CA ILE E 229 6.29 -2.73 -37.04
C ILE E 229 5.87 -4.02 -36.35
N ILE E 230 6.23 -4.15 -35.08
CA ILE E 230 5.93 -5.33 -34.27
C ILE E 230 5.13 -4.89 -33.05
N SER E 231 3.95 -5.48 -32.87
CA SER E 231 3.12 -5.24 -31.69
C SER E 231 3.57 -6.17 -30.56
N ILE E 232 4.06 -5.59 -29.48
CA ILE E 232 4.54 -6.36 -28.33
C ILE E 232 3.39 -6.54 -27.34
N TYR E 233 3.16 -7.80 -26.95
CA TYR E 233 2.15 -8.14 -25.94
C TYR E 233 2.83 -8.93 -24.82
N TRP E 234 2.11 -9.10 -23.70
CA TRP E 234 2.64 -9.86 -22.59
C TRP E 234 1.57 -10.78 -22.02
N THR E 235 2.01 -11.79 -21.29
CA THR E 235 1.14 -12.77 -20.68
C THR E 235 1.78 -13.28 -19.40
N ILE E 236 0.96 -13.53 -18.39
CA ILE E 236 1.43 -14.09 -17.12
C ILE E 236 0.70 -15.40 -16.89
N VAL E 237 1.46 -16.44 -16.49
CA VAL E 237 0.95 -17.79 -16.36
C VAL E 237 1.04 -18.20 -14.89
N LYS E 238 -0.10 -18.56 -14.31
CA LYS E 238 -0.17 -18.96 -12.91
C LYS E 238 0.41 -20.37 -12.71
N PRO E 239 0.77 -20.72 -11.48
CA PRO E 239 1.15 -22.12 -11.21
C PRO E 239 -0.04 -23.05 -11.46
N GLY E 240 0.24 -24.20 -12.05
CA GLY E 240 -0.81 -25.10 -12.48
C GLY E 240 -1.55 -24.66 -13.72
N ASP E 241 -1.24 -23.49 -14.25
CA ASP E 241 -1.84 -22.99 -15.48
C ASP E 241 -0.90 -23.23 -16.66
N ILE E 242 -1.40 -22.92 -17.85
CA ILE E 242 -0.76 -23.36 -19.10
C ILE E 242 -0.81 -22.21 -20.12
N LEU E 243 0.32 -21.93 -20.75
CA LEU E 243 0.35 -21.02 -21.88
C LEU E 243 0.19 -21.82 -23.17
N LEU E 244 -0.67 -21.33 -24.07
CA LEU E 244 -1.04 -22.07 -25.28
C LEU E 244 -1.11 -21.10 -26.45
N ILE E 245 -0.18 -21.23 -27.39
CA ILE E 245 -0.10 -20.37 -28.57
C ILE E 245 -0.70 -21.11 -29.76
N ASN E 246 -1.42 -20.37 -30.60
CA ASN E 246 -1.97 -20.90 -31.85
C ASN E 246 -1.86 -19.81 -32.90
N SER E 247 -0.91 -19.96 -33.82
CA SER E 247 -0.61 -18.91 -34.81
C SER E 247 -0.60 -19.50 -36.21
N THR E 248 -1.36 -18.87 -37.11
CA THR E 248 -1.27 -19.14 -38.54
C THR E 248 -0.05 -18.52 -39.19
N GLY E 249 0.65 -17.67 -38.46
CA GLY E 249 1.75 -16.90 -39.01
C GLY E 249 1.82 -15.55 -38.31
N ASN E 250 2.83 -14.77 -38.72
CA ASN E 250 3.02 -13.41 -38.21
C ASN E 250 3.31 -13.39 -36.71
N LEU E 251 4.08 -14.37 -36.22
CA LEU E 251 4.33 -14.52 -34.80
C LEU E 251 5.79 -14.25 -34.48
N ILE E 252 6.04 -13.29 -33.60
CA ILE E 252 7.35 -13.04 -33.01
C ILE E 252 7.33 -13.71 -31.65
N ALA E 253 7.79 -14.91 -31.61
CA ALA E 253 7.63 -15.88 -30.53
C ALA E 253 8.65 -15.67 -29.41
N PRO E 254 8.31 -16.06 -28.18
CA PRO E 254 9.23 -15.88 -27.06
C PRO E 254 10.27 -16.99 -26.97
N ARG E 255 11.43 -16.64 -26.41
CA ARG E 255 12.48 -17.62 -26.15
C ARG E 255 12.39 -18.20 -24.74
N GLY E 256 11.54 -17.64 -23.88
CA GLY E 256 11.41 -18.15 -22.52
C GLY E 256 10.48 -17.27 -21.72
N TYR E 257 10.73 -17.21 -20.41
CA TYR E 257 9.93 -16.40 -19.51
C TYR E 257 10.82 -15.61 -18.56
N PHE E 258 10.23 -14.60 -17.94
CA PHE E 258 10.85 -13.84 -16.87
C PHE E 258 10.19 -14.24 -15.56
N LYS E 259 10.98 -14.39 -14.51
CA LYS E 259 10.40 -14.59 -13.19
C LYS E 259 9.88 -13.26 -12.66
N ILE E 260 8.68 -13.30 -12.09
CA ILE E 260 8.02 -12.07 -11.69
C ILE E 260 7.48 -12.21 -10.26
N GLN E 261 8.15 -11.54 -9.33
CA GLN E 261 7.70 -11.48 -7.93
C GLN E 261 7.57 -10.02 -7.52
N SER E 262 7.13 -9.82 -6.28
CA SER E 262 6.80 -8.50 -5.77
C SER E 262 7.87 -8.02 -4.79
N GLY E 263 7.87 -6.71 -4.56
CA GLY E 263 8.82 -6.11 -3.64
C GLY E 263 8.91 -4.62 -3.85
N LYS E 264 9.88 -4.02 -3.17
CA LYS E 264 10.13 -2.58 -3.13
C LYS E 264 10.62 -2.00 -4.46
N SER E 265 10.70 -2.73 -5.57
CA SER E 265 11.30 -2.18 -6.79
C SER E 265 10.40 -1.21 -7.52
N SER E 266 11.04 -0.26 -8.22
CA SER E 266 10.32 0.76 -8.97
C SER E 266 11.25 1.33 -10.05
N ILE E 267 10.83 2.44 -10.65
CA ILE E 267 11.56 3.07 -11.74
C ILE E 267 11.37 4.58 -11.65
N MET E 268 12.34 5.33 -12.16
CA MET E 268 12.33 6.78 -12.04
C MET E 268 13.04 7.40 -13.24
N ARG E 269 12.42 8.41 -13.86
CA ARG E 269 13.05 9.17 -14.92
C ARG E 269 13.90 10.27 -14.31
N SER E 270 15.20 10.30 -14.63
CA SER E 270 16.11 11.29 -14.08
C SER E 270 17.42 11.27 -14.84
N ASP E 271 18.08 12.42 -14.88
CA ASP E 271 19.40 12.56 -15.51
C ASP E 271 20.49 12.86 -14.50
N ALA E 272 20.24 12.62 -13.21
CA ALA E 272 21.18 12.97 -12.17
C ALA E 272 22.36 12.00 -12.14
N HIS E 273 23.56 12.54 -11.94
CA HIS E 273 24.73 11.69 -11.77
C HIS E 273 24.64 10.92 -10.46
N ILE E 274 25.41 9.83 -10.39
CA ILE E 274 25.40 8.92 -9.26
C ILE E 274 26.77 8.91 -8.63
N ASP E 275 26.84 9.25 -7.34
CA ASP E 275 28.05 9.27 -6.54
C ASP E 275 28.05 8.09 -5.57
N GLU E 276 29.07 8.04 -4.72
CA GLU E 276 29.19 7.04 -3.67
C GLU E 276 28.88 7.71 -2.34
N CYS E 277 27.59 7.88 -2.06
CA CYS E 277 27.17 8.39 -0.75
C CYS E 277 26.08 7.49 -0.18
N ASN E 278 25.44 7.92 0.91
CA ASN E 278 24.40 7.12 1.55
C ASN E 278 23.23 8.03 1.90
N SER E 279 22.10 7.85 1.22
CA SER E 279 20.90 8.63 1.47
C SER E 279 19.69 7.76 1.14
N GLU E 280 18.75 7.67 2.08
CA GLU E 280 17.61 6.78 1.91
C GLU E 280 16.58 7.33 0.92
N CYS E 281 16.59 8.63 0.68
CA CYS E 281 15.54 9.29 -0.11
C CYS E 281 16.11 9.71 -1.45
N ILE E 282 15.48 9.25 -2.54
CA ILE E 282 15.88 9.56 -3.91
C ILE E 282 14.79 10.37 -4.58
N THR E 283 15.17 11.43 -5.28
CA THR E 283 14.29 12.19 -6.14
C THR E 283 14.96 12.33 -7.50
N PRO E 284 14.16 12.56 -8.56
CA PRO E 284 14.75 12.73 -9.89
C PRO E 284 15.82 13.81 -9.94
N ASN E 285 15.84 14.67 -8.93
CA ASN E 285 16.86 15.71 -8.80
C ASN E 285 18.06 15.26 -7.99
N GLY E 286 18.05 14.03 -7.48
CA GLY E 286 19.11 13.53 -6.63
C GLY E 286 18.59 13.18 -5.25
N SER E 287 19.52 12.74 -4.42
CA SER E 287 19.17 12.34 -3.06
C SER E 287 19.01 13.56 -2.18
N ILE E 288 18.08 13.48 -1.24
CA ILE E 288 17.83 14.54 -0.27
C ILE E 288 17.78 13.93 1.12
N PRO E 289 18.21 14.65 2.15
CA PRO E 289 18.23 14.07 3.50
C PRO E 289 16.84 14.08 4.13
N ASN E 290 16.48 12.95 4.73
CA ASN E 290 15.16 12.79 5.33
C ASN E 290 15.12 13.18 6.81
N ASP E 291 15.98 14.10 7.24
CA ASP E 291 15.92 14.56 8.62
C ASP E 291 14.79 15.56 8.86
N LYS E 292 14.18 16.11 7.80
CA LYS E 292 13.00 16.96 7.96
C LYS E 292 11.75 16.18 7.60
N PRO E 293 10.58 16.54 8.16
CA PRO E 293 9.37 15.77 7.88
C PRO E 293 8.70 16.10 6.56
N PHE E 294 9.03 17.25 5.97
CA PHE E 294 8.45 17.67 4.70
C PHE E 294 9.58 18.04 3.74
N GLN E 295 9.23 18.18 2.47
CA GLN E 295 10.22 18.53 1.46
C GLN E 295 9.53 19.25 0.32
N ASN E 296 10.35 19.94 -0.49
CA ASN E 296 9.88 20.82 -1.54
C ASN E 296 10.65 20.56 -2.84
N VAL E 297 11.34 19.43 -2.93
CA VAL E 297 12.21 19.17 -4.07
C VAL E 297 11.40 18.62 -5.25
N ASN E 298 10.67 17.53 -5.02
CA ASN E 298 9.90 16.91 -6.10
C ASN E 298 8.85 16.01 -5.47
N LYS E 299 7.70 15.93 -6.12
CA LYS E 299 6.66 15.01 -5.66
C LYS E 299 7.03 13.58 -5.99
N ILE E 300 7.97 13.35 -6.89
CA ILE E 300 8.45 12.01 -7.23
C ILE E 300 9.56 11.66 -6.24
N THR E 301 9.35 10.59 -5.48
CA THR E 301 10.31 10.16 -4.48
C THR E 301 10.36 8.64 -4.43
N TYR E 302 11.52 8.11 -4.04
CA TYR E 302 11.69 6.69 -3.78
C TYR E 302 12.44 6.53 -2.48
N GLY E 303 11.83 5.84 -1.53
CA GLY E 303 12.48 5.50 -0.28
C GLY E 303 11.86 6.23 0.91
N ALA E 304 12.53 6.09 2.06
CA ALA E 304 12.13 6.78 3.27
C ALA E 304 12.35 8.28 3.11
N CYS E 305 11.32 8.98 2.65
CA CYS E 305 11.43 10.37 2.23
C CYS E 305 10.55 11.28 3.07
N PRO E 306 10.89 12.56 3.17
CA PRO E 306 9.93 13.54 3.66
C PRO E 306 8.76 13.68 2.70
N ARG E 307 7.64 14.16 3.23
CA ARG E 307 6.43 14.29 2.43
C ARG E 307 6.45 15.60 1.64
N TYR E 308 6.11 15.52 0.37
CA TYR E 308 6.16 16.69 -0.49
C TYR E 308 5.03 17.66 -0.17
N VAL E 309 5.38 18.91 0.12
CA VAL E 309 4.40 19.97 0.32
C VAL E 309 4.68 21.09 -0.67
N LYS E 310 3.84 22.13 -0.67
CA LYS E 310 4.01 23.23 -1.60
C LYS E 310 4.85 24.37 -1.06
N GLN E 311 4.97 24.49 0.26
CA GLN E 311 5.79 25.54 0.84
C GLN E 311 7.27 25.22 0.64
N ASN E 312 8.09 26.27 0.56
CA ASN E 312 9.54 26.09 0.52
C ASN E 312 10.20 26.36 1.86
N THR E 313 9.42 26.78 2.87
CA THR E 313 9.96 26.98 4.21
C THR E 313 8.81 26.97 5.21
N LEU E 314 8.99 26.21 6.30
CA LEU E 314 8.10 26.23 7.45
C LEU E 314 8.99 26.20 8.68
N LYS E 315 9.13 27.35 9.34
CA LYS E 315 10.03 27.46 10.49
C LYS E 315 9.25 27.12 11.76
N LEU E 316 9.59 25.98 12.36
CA LEU E 316 9.05 25.60 13.66
C LEU E 316 9.87 26.27 14.75
N ALA E 317 9.25 27.15 15.51
CA ALA E 317 9.95 27.84 16.58
C ALA E 317 10.38 26.85 17.67
N THR E 318 11.62 27.00 18.11
CA THR E 318 12.21 26.16 19.15
C THR E 318 12.74 27.00 20.31
N GLY E 319 12.13 28.17 20.53
CA GLY E 319 12.51 29.06 21.60
C GLY E 319 11.36 29.96 21.97
N MET E 320 11.61 30.87 22.90
CA MET E 320 10.61 31.80 23.37
C MET E 320 10.61 33.06 22.50
N ARG E 321 9.74 34.01 22.86
CA ARG E 321 9.72 35.29 22.18
C ARG E 321 11.06 35.99 22.36
N ASN E 322 11.48 36.72 21.33
CA ASN E 322 12.69 37.54 21.39
C ASN E 322 12.26 38.96 21.69
N VAL E 323 12.55 39.43 22.90
CA VAL E 323 12.24 40.79 23.32
C VAL E 323 13.55 41.47 23.74
N PRO E 324 14.05 42.43 22.97
CA PRO E 324 15.46 42.80 23.09
C PRO E 324 16.18 43.98 23.74
N GLU E 325 15.67 45.19 23.53
CA GLU E 325 16.42 46.42 23.75
C GLU E 325 15.42 47.56 23.84
N LYS E 326 15.90 48.70 24.31
CA LYS E 326 15.12 49.93 24.43
C LYS E 326 16.02 51.12 24.79
N GLY F 1 2.24 36.45 26.14
CA GLY F 1 1.37 35.46 25.54
C GLY F 1 0.07 35.43 26.33
N ILE F 2 -0.35 34.23 26.74
CA ILE F 2 -1.58 34.09 27.50
C ILE F 2 -1.39 34.26 28.98
N PHE F 3 -0.15 34.28 29.44
CA PHE F 3 0.20 34.45 30.85
C PHE F 3 0.75 35.84 31.05
N GLY F 4 1.05 36.56 29.97
CA GLY F 4 1.42 37.96 30.07
C GLY F 4 2.67 38.25 30.86
N ALA F 5 3.65 37.34 30.84
CA ALA F 5 4.93 37.59 31.49
C ALA F 5 6.10 37.87 30.58
N ILE F 6 6.28 37.05 29.54
CA ILE F 6 7.29 37.34 28.53
C ILE F 6 6.54 38.23 27.55
N ALA F 7 7.18 39.34 27.15
CA ALA F 7 6.51 40.39 26.38
C ALA F 7 5.27 40.90 27.10
N GLY F 8 5.26 40.78 28.43
CA GLY F 8 4.16 41.20 29.26
C GLY F 8 4.63 42.14 30.35
N PHE F 9 4.45 41.77 31.62
CA PHE F 9 4.96 42.63 32.68
C PHE F 9 6.49 42.60 32.75
N ILE F 10 7.11 41.56 32.19
CA ILE F 10 8.55 41.58 31.90
C ILE F 10 8.73 42.39 30.63
N GLU F 11 9.30 43.60 30.76
CA GLU F 11 9.30 44.54 29.65
C GLU F 11 10.21 44.09 28.51
N ASN F 12 11.36 43.50 28.84
CA ASN F 12 12.22 42.90 27.84
C ASN F 12 13.02 41.78 28.46
N GLY F 13 13.67 40.99 27.60
CA GLY F 13 14.51 39.91 28.05
C GLY F 13 15.97 40.33 28.15
N TRP F 14 16.67 39.76 29.11
CA TRP F 14 18.08 40.08 29.31
C TRP F 14 18.88 39.47 28.17
N GLU F 15 19.31 40.32 27.23
CA GLU F 15 20.07 39.86 26.08
C GLU F 15 21.42 39.26 26.47
N GLY F 16 21.88 39.50 27.70
CA GLY F 16 23.16 38.99 28.14
C GLY F 16 23.08 37.91 29.19
N MET F 17 22.08 37.03 29.09
CA MET F 17 22.01 35.84 29.94
C MET F 17 22.32 34.65 29.03
N VAL F 18 23.60 34.30 28.94
CA VAL F 18 24.05 33.28 28.01
C VAL F 18 24.04 31.87 28.58
N ASP F 19 23.88 31.72 29.89
CA ASP F 19 23.97 30.42 30.54
C ASP F 19 22.62 29.79 30.86
N GLY F 20 21.53 30.41 30.43
CA GLY F 20 20.21 29.85 30.69
C GLY F 20 19.14 30.59 29.93
N TRP F 21 17.89 30.19 30.17
CA TRP F 21 16.72 30.82 29.57
C TRP F 21 16.01 31.75 30.54
N TYR F 22 15.79 31.31 31.77
CA TYR F 22 15.19 32.11 32.82
C TYR F 22 16.17 32.23 33.99
N GLY F 23 16.11 33.34 34.70
CA GLY F 23 17.08 33.53 35.76
C GLY F 23 16.78 34.72 36.64
N PHE F 24 17.69 34.96 37.58
CA PHE F 24 17.58 36.01 38.58
C PHE F 24 18.61 37.10 38.30
N ARG F 25 18.43 38.23 38.98
CA ARG F 25 19.33 39.37 38.86
C ARG F 25 18.98 40.17 40.11
N HIS F 26 19.99 40.66 40.83
CA HIS F 26 19.81 41.13 42.19
C HIS F 26 20.64 42.40 42.39
N GLN F 27 20.35 43.09 43.49
CA GLN F 27 21.16 44.23 43.94
C GLN F 27 20.90 44.17 45.44
N ASN F 28 21.98 44.08 46.22
CA ASN F 28 21.90 44.22 47.67
C ASN F 28 23.06 45.17 47.97
N SER F 29 23.29 45.44 49.26
CA SER F 29 24.34 46.37 49.65
C SER F 29 25.71 45.94 49.16
N GLU F 30 25.96 44.62 49.10
CA GLU F 30 27.26 44.13 48.65
C GLU F 30 27.51 44.49 47.18
N GLY F 31 26.68 43.96 46.30
CA GLY F 31 26.84 44.25 44.89
C GLY F 31 25.63 43.79 44.10
N THR F 32 25.79 43.77 42.78
CA THR F 32 24.74 43.34 41.87
C THR F 32 25.24 42.16 41.05
N GLY F 33 24.44 41.09 41.01
CA GLY F 33 24.83 39.88 40.31
C GLY F 33 23.79 39.34 39.35
N GLN F 34 23.91 38.06 39.01
CA GLN F 34 23.04 37.41 38.03
C GLN F 34 23.31 35.91 38.07
N ALA F 35 22.25 35.11 37.88
CA ALA F 35 22.36 33.66 37.87
C ALA F 35 21.13 33.07 37.22
N ALA F 36 21.32 32.02 36.42
CA ALA F 36 20.22 31.38 35.72
C ALA F 36 19.59 30.30 36.59
N ASP F 37 18.31 30.03 36.34
CA ASP F 37 17.56 29.02 37.06
C ASP F 37 17.54 27.74 36.22
N LEU F 38 18.26 26.71 36.68
CA LEU F 38 18.33 25.45 35.95
C LEU F 38 16.97 24.76 35.86
N LYS F 39 16.16 24.86 36.92
CA LYS F 39 14.89 24.14 36.94
C LYS F 39 13.94 24.64 35.85
N SER F 40 13.75 25.95 35.78
CA SER F 40 12.82 26.49 34.78
C SER F 40 13.40 26.42 33.38
N THR F 41 14.72 26.54 33.23
CA THR F 41 15.35 26.42 31.92
C THR F 41 15.22 24.99 31.39
N GLN F 42 15.56 24.00 32.22
CA GLN F 42 15.43 22.61 31.80
C GLN F 42 13.98 22.23 31.52
N ALA F 43 13.04 22.80 32.28
CA ALA F 43 11.64 22.50 32.05
C ALA F 43 11.22 22.91 30.65
N ALA F 44 11.59 24.12 30.23
CA ALA F 44 11.13 24.61 28.94
C ALA F 44 11.81 23.89 27.78
N ILE F 45 13.10 23.58 27.93
CA ILE F 45 13.82 22.91 26.86
C ILE F 45 13.28 21.49 26.65
N ASN F 46 12.95 20.79 27.73
CA ASN F 46 12.54 19.39 27.59
C ASN F 46 11.17 19.28 26.95
N GLN F 47 10.35 20.32 27.04
CA GLN F 47 9.07 20.30 26.34
C GLN F 47 9.26 20.61 24.86
N ILE F 48 10.21 21.48 24.55
CA ILE F 48 10.44 21.86 23.17
C ILE F 48 11.23 20.78 22.44
N THR F 49 12.21 20.18 23.10
CA THR F 49 12.88 19.01 22.53
C THR F 49 11.89 17.87 22.35
N GLY F 50 10.94 17.74 23.27
CA GLY F 50 9.95 16.67 23.15
C GLY F 50 9.10 16.81 21.91
N LYS F 51 8.55 18.02 21.69
CA LYS F 51 7.71 18.23 20.51
C LYS F 51 8.55 18.23 19.23
N LEU F 52 9.81 18.65 19.32
CA LEU F 52 10.67 18.57 18.14
C LEU F 52 10.85 17.13 17.71
N ASN F 53 11.05 16.22 18.67
CA ASN F 53 11.30 14.82 18.31
C ASN F 53 10.06 14.16 17.72
N ARG F 54 8.87 14.50 18.20
CA ARG F 54 7.65 13.98 17.60
C ARG F 54 7.49 14.50 16.17
N VAL F 55 7.84 15.77 15.94
CA VAL F 55 7.62 16.37 14.63
C VAL F 55 8.65 15.87 13.61
N ILE F 56 9.89 15.60 14.05
CA ILE F 56 10.88 14.98 13.17
C ILE F 56 10.50 13.51 13.41
N LYS F 57 11.29 12.58 12.87
CA LYS F 57 11.07 11.16 13.11
C LYS F 57 10.63 10.74 11.70
N LYS F 58 10.72 9.44 11.43
CA LYS F 58 10.08 8.81 10.29
C LYS F 58 8.55 8.70 10.65
N THR F 59 7.68 7.90 10.03
CA THR F 59 7.91 7.03 8.89
C THR F 59 7.03 7.40 7.71
N ASN F 60 7.66 7.69 6.58
CA ASN F 60 7.00 7.72 5.27
C ASN F 60 8.00 7.10 4.31
N GLU F 61 7.83 5.81 4.04
CA GLU F 61 8.69 5.10 3.11
C GLU F 61 7.81 4.50 2.02
N LYS F 62 7.95 5.02 0.81
CA LYS F 62 7.15 4.59 -0.32
C LYS F 62 8.07 4.24 -1.47
N PHE F 63 7.73 3.14 -2.16
CA PHE F 63 8.58 2.62 -3.23
C PHE F 63 8.17 2.49 -4.68
N HIS F 64 6.93 2.14 -4.98
CA HIS F 64 6.50 2.00 -6.37
C HIS F 64 5.15 2.68 -6.14
N GLN F 65 4.89 3.72 -6.91
CA GLN F 65 3.65 4.48 -6.77
C GLN F 65 3.34 4.89 -8.21
N ILE F 66 2.32 5.72 -8.40
CA ILE F 66 1.98 6.26 -9.71
C ILE F 66 2.88 7.29 -10.36
N GLU F 67 2.78 7.38 -11.69
CA GLU F 67 3.59 8.35 -12.42
C GLU F 67 3.02 9.74 -12.22
N LYS F 68 3.88 10.68 -11.85
CA LYS F 68 3.44 12.03 -11.50
C LYS F 68 3.58 13.03 -12.64
N GLU F 69 4.29 12.66 -13.71
CA GLU F 69 4.46 13.51 -14.88
C GLU F 69 4.12 12.72 -16.14
N PHE F 70 3.79 13.45 -17.20
CA PHE F 70 3.29 12.83 -18.42
C PHE F 70 3.72 13.64 -19.62
N SER F 71 4.32 12.96 -20.60
CA SER F 71 4.75 13.58 -21.84
C SER F 71 3.68 13.55 -22.92
N GLU F 72 2.61 12.78 -22.72
CA GLU F 72 1.57 12.59 -23.72
C GLU F 72 0.23 13.06 -23.20
N VAL F 73 -0.58 13.60 -24.11
CA VAL F 73 -1.99 13.80 -23.80
C VAL F 73 -2.67 12.44 -23.83
N GLU F 74 -3.21 12.02 -22.69
CA GLU F 74 -3.91 10.75 -22.63
C GLU F 74 -5.38 10.87 -22.27
N GLY F 75 -5.78 11.93 -21.57
CA GLY F 75 -7.18 12.13 -21.24
C GLY F 75 -7.58 11.43 -19.96
N ARG F 76 -8.76 10.82 -19.95
CA ARG F 76 -9.44 10.48 -18.70
C ARG F 76 -8.61 9.87 -17.57
N ILE F 77 -7.84 8.83 -17.85
CA ILE F 77 -7.10 8.15 -16.80
C ILE F 77 -5.96 9.02 -16.27
N GLN F 78 -5.32 9.81 -17.14
CA GLN F 78 -4.28 10.71 -16.68
C GLN F 78 -4.86 11.91 -15.93
N ASP F 79 -6.03 12.39 -16.36
CA ASP F 79 -6.76 13.38 -15.57
C ASP F 79 -6.90 12.92 -14.12
N LEU F 80 -7.28 11.65 -13.93
CA LEU F 80 -7.48 11.10 -12.60
C LEU F 80 -6.15 10.94 -11.86
N GLU F 81 -5.14 10.40 -12.54
CA GLU F 81 -3.82 10.27 -11.92
C GLU F 81 -3.30 11.61 -11.43
N LYS F 82 -3.49 12.67 -12.22
CA LYS F 82 -3.10 14.00 -11.79
C LYS F 82 -3.95 14.47 -10.62
N TYR F 83 -5.27 14.26 -10.70
CA TYR F 83 -6.17 14.76 -9.67
C TYR F 83 -5.90 14.09 -8.33
N VAL F 84 -5.59 12.78 -8.35
CA VAL F 84 -5.32 12.06 -7.11
C VAL F 84 -4.10 12.63 -6.41
N GLU F 85 -3.03 12.86 -7.17
CA GLU F 85 -1.79 13.36 -6.59
C GLU F 85 -1.92 14.81 -6.17
N ASP F 86 -2.59 15.63 -6.99
CA ASP F 86 -2.82 17.02 -6.60
C ASP F 86 -3.67 17.09 -5.34
N THR F 87 -4.70 16.24 -5.24
CA THR F 87 -5.53 16.20 -4.04
C THR F 87 -4.69 15.86 -2.81
N LYS F 88 -3.77 14.91 -2.96
CA LYS F 88 -2.89 14.53 -1.85
C LYS F 88 -1.99 15.68 -1.43
N ILE F 89 -1.44 16.42 -2.40
CA ILE F 89 -0.46 17.44 -2.07
C ILE F 89 -1.10 18.59 -1.31
N ASP F 90 -2.29 19.03 -1.74
CA ASP F 90 -2.98 20.11 -1.02
C ASP F 90 -3.27 19.72 0.42
N LEU F 91 -3.70 18.47 0.64
CA LEU F 91 -4.07 18.04 1.98
C LEU F 91 -2.86 18.04 2.92
N TRP F 92 -1.71 17.61 2.42
CA TRP F 92 -0.52 17.60 3.26
C TRP F 92 0.01 19.01 3.47
N SER F 93 -0.04 19.85 2.43
CA SER F 93 0.35 21.24 2.61
C SER F 93 -0.46 21.90 3.70
N TYR F 94 -1.75 21.57 3.77
CA TYR F 94 -2.59 22.07 4.86
C TYR F 94 -2.11 21.54 6.19
N ASN F 95 -1.93 20.22 6.29
CA ASN F 95 -1.49 19.61 7.54
C ASN F 95 -0.19 20.24 8.03
N ALA F 96 0.74 20.49 7.11
CA ALA F 96 2.02 21.07 7.50
C ALA F 96 1.85 22.50 7.96
N GLU F 97 1.09 23.31 7.21
CA GLU F 97 0.89 24.70 7.57
C GLU F 97 0.21 24.81 8.93
N LEU F 98 -0.84 24.02 9.15
CA LEU F 98 -1.55 24.08 10.43
C LEU F 98 -0.69 23.55 11.57
N LEU F 99 0.09 22.50 11.32
CA LEU F 99 0.92 21.91 12.37
C LEU F 99 1.89 22.95 12.92
N VAL F 100 2.55 23.69 12.04
CA VAL F 100 3.54 24.66 12.48
C VAL F 100 2.88 25.80 13.23
N ALA F 101 1.68 26.22 12.79
CA ALA F 101 0.99 27.30 13.48
C ALA F 101 0.59 26.89 14.89
N LEU F 102 0.09 25.65 15.06
CA LEU F 102 -0.30 25.19 16.38
C LEU F 102 0.91 25.01 17.28
N GLU F 103 1.95 24.34 16.78
CA GLU F 103 3.14 24.13 17.59
C GLU F 103 3.74 25.46 18.04
N ASN F 104 3.90 26.41 17.11
CA ASN F 104 4.54 27.68 17.45
C ASN F 104 3.68 28.50 18.41
N GLN F 105 2.36 28.48 18.23
CA GLN F 105 1.49 29.15 19.19
C GLN F 105 1.67 28.55 20.58
N HIS F 106 1.86 27.23 20.64
CA HIS F 106 2.00 26.56 21.93
C HIS F 106 3.44 26.65 22.45
N THR F 107 4.42 26.56 21.55
CA THR F 107 5.80 26.77 21.94
C THR F 107 5.96 28.13 22.61
N ILE F 108 5.28 29.15 22.09
CA ILE F 108 5.34 30.48 22.69
C ILE F 108 4.63 30.50 24.04
N ASP F 109 3.45 29.88 24.12
CA ASP F 109 2.64 29.99 25.33
C ASP F 109 3.25 29.20 26.49
N LEU F 110 3.88 28.05 26.20
CA LEU F 110 4.46 27.27 27.28
C LEU F 110 5.71 27.92 27.85
N THR F 111 6.48 28.63 27.01
CA THR F 111 7.62 29.39 27.53
C THR F 111 7.16 30.57 28.37
N ASP F 112 6.11 31.28 27.93
CA ASP F 112 5.53 32.33 28.75
C ASP F 112 5.05 31.79 30.08
N SER F 113 4.55 30.54 30.09
CA SER F 113 4.17 29.90 31.34
C SER F 113 5.35 29.76 32.28
N GLU F 114 6.44 29.14 31.79
CA GLU F 114 7.58 28.85 32.65
C GLU F 114 8.15 30.11 33.29
N MET F 115 8.04 31.25 32.60
CA MET F 115 8.43 32.51 33.22
C MET F 115 7.53 32.83 34.41
N SER F 116 6.21 32.73 34.22
CA SER F 116 5.29 33.08 35.30
C SER F 116 5.37 32.09 36.44
N LYS F 117 5.68 30.82 36.15
CA LYS F 117 5.74 29.83 37.22
C LYS F 117 6.94 30.09 38.13
N LEU F 118 8.08 30.42 37.54
CA LEU F 118 9.26 30.78 38.34
C LEU F 118 8.96 31.99 39.21
N PHE F 119 8.20 32.95 38.69
CA PHE F 119 7.85 34.13 39.48
C PHE F 119 6.96 33.76 40.66
N GLU F 120 5.87 33.03 40.39
CA GLU F 120 4.95 32.65 41.46
C GLU F 120 5.64 31.74 42.47
N ARG F 121 6.42 30.77 42.00
CA ARG F 121 7.19 29.92 42.89
C ARG F 121 8.08 30.75 43.81
N THR F 122 8.59 31.87 43.31
CA THR F 122 9.43 32.74 44.13
C THR F 122 8.60 33.51 45.15
N ARG F 123 7.44 34.05 44.74
CA ARG F 123 6.64 34.82 45.69
C ARG F 123 6.11 33.94 46.81
N ARG F 124 5.83 32.66 46.54
CA ARG F 124 5.43 31.75 47.60
C ARG F 124 6.54 31.58 48.61
N GLN F 125 7.78 31.80 48.21
CA GLN F 125 8.93 31.61 49.08
C GLN F 125 9.15 32.81 49.99
N LEU F 126 9.12 34.03 49.43
CA LEU F 126 9.33 35.23 50.22
C LEU F 126 8.16 35.56 51.13
N ARG F 127 7.02 34.90 50.95
CA ARG F 127 5.82 35.06 51.77
C ARG F 127 5.53 36.53 52.07
N GLU F 128 5.72 36.96 53.32
CA GLU F 128 5.34 38.30 53.74
C GLU F 128 6.54 39.23 53.87
N ASN F 129 7.70 38.86 53.35
CA ASN F 129 8.93 39.64 53.54
C ASN F 129 9.27 40.53 52.35
N ALA F 130 8.53 40.43 51.25
CA ALA F 130 8.84 41.22 50.06
C ALA F 130 7.54 41.61 49.37
N GLU F 131 7.66 42.48 48.38
CA GLU F 131 6.49 42.99 47.65
C GLU F 131 6.75 42.96 46.15
N ASP F 132 5.68 42.71 45.40
CA ASP F 132 5.74 42.63 43.95
C ASP F 132 5.70 44.04 43.37
N MET F 133 6.82 44.49 42.80
CA MET F 133 6.87 45.82 42.19
C MET F 133 6.11 45.89 40.87
N GLY F 134 5.68 44.75 40.32
CA GLY F 134 4.85 44.74 39.14
C GLY F 134 5.59 44.64 37.82
N ASN F 135 6.91 44.85 37.81
CA ASN F 135 7.71 44.78 36.60
C ASN F 135 8.48 43.47 36.49
N GLY F 136 8.24 42.54 37.40
CA GLY F 136 8.99 41.30 37.47
C GLY F 136 10.02 41.26 38.58
N CYS F 137 10.20 42.36 39.30
CA CYS F 137 11.17 42.45 40.39
C CYS F 137 10.45 42.50 41.74
N PHE F 138 11.07 41.90 42.74
CA PHE F 138 10.61 42.00 44.12
C PHE F 138 11.42 43.06 44.86
N LYS F 139 10.77 43.73 45.80
CA LYS F 139 11.43 44.63 46.73
C LYS F 139 11.44 43.93 48.09
N ILE F 140 12.63 43.56 48.56
CA ILE F 140 12.79 42.79 49.79
C ILE F 140 13.08 43.74 50.93
N TYR F 141 12.27 43.69 51.99
CA TYR F 141 12.31 44.64 53.09
C TYR F 141 13.29 44.33 54.21
N HIS F 142 14.24 43.43 53.99
CA HIS F 142 15.27 43.18 54.99
C HIS F 142 16.66 43.08 54.37
N LYS F 143 17.67 43.10 55.23
CA LYS F 143 19.04 42.95 54.79
C LYS F 143 19.26 41.52 54.32
N CYS F 144 19.64 41.36 53.05
CA CYS F 144 19.78 40.05 52.42
C CYS F 144 21.15 39.98 51.74
N ASP F 145 22.13 39.41 52.43
CA ASP F 145 23.46 39.28 51.86
C ASP F 145 23.45 38.24 50.75
N ASN F 146 24.60 38.06 50.10
CA ASN F 146 24.66 37.20 48.93
C ASN F 146 24.32 35.75 49.26
N ALA F 147 24.64 35.29 50.46
CA ALA F 147 24.23 33.95 50.86
C ALA F 147 22.72 33.88 51.07
N CYS F 148 22.12 34.98 51.53
CA CYS F 148 20.66 35.04 51.65
C CYS F 148 20.00 35.00 50.27
N ILE F 149 20.49 35.82 49.34
CA ILE F 149 19.98 35.80 47.96
C ILE F 149 20.11 34.40 47.38
N GLY F 150 21.30 33.81 47.51
CA GLY F 150 21.52 32.45 47.06
C GLY F 150 20.59 31.43 47.69
N SER F 151 20.11 31.70 48.92
CA SER F 151 19.13 30.83 49.57
C SER F 151 17.73 30.99 49.01
N ILE F 152 17.48 32.00 48.19
CA ILE F 152 16.19 32.10 47.53
C ILE F 152 16.17 31.22 46.27
N ARG F 153 17.31 31.09 45.58
CA ARG F 153 17.40 30.27 44.37
C ARG F 153 17.25 28.76 44.58
N ASN F 154 16.93 28.34 45.80
CA ASN F 154 16.80 26.95 46.22
C ASN F 154 15.76 27.08 47.32
N GLY F 155 15.24 25.97 47.84
CA GLY F 155 14.10 26.01 48.75
C GLY F 155 14.56 26.36 50.15
N THR F 156 15.85 26.69 50.31
CA THR F 156 16.44 26.89 51.63
C THR F 156 16.06 28.21 52.30
N TYR F 157 15.51 29.17 51.55
CA TYR F 157 15.18 30.47 52.13
C TYR F 157 14.14 30.32 53.23
N ASP F 158 14.55 30.54 54.47
CA ASP F 158 13.68 30.41 55.64
C ASP F 158 13.15 31.80 55.99
N HIS F 159 11.89 32.05 55.61
CA HIS F 159 11.30 33.36 55.84
C HIS F 159 11.10 33.66 57.32
N ASP F 160 11.06 32.63 58.18
CA ASP F 160 10.77 32.84 59.59
C ASP F 160 11.78 33.75 60.26
N ILE F 161 13.03 33.73 59.79
CA ILE F 161 14.09 34.47 60.48
C ILE F 161 14.16 35.93 60.06
N TYR F 162 13.57 36.29 58.92
CA TYR F 162 13.55 37.67 58.44
C TYR F 162 12.20 38.33 58.58
N ARG F 163 11.19 37.61 59.06
CA ARG F 163 9.82 38.14 59.08
C ARG F 163 9.70 39.37 59.96
N ASN F 164 10.32 39.35 61.14
CA ASN F 164 10.16 40.45 62.09
C ASN F 164 10.79 41.73 61.56
N GLU F 165 11.96 41.62 60.91
CA GLU F 165 12.61 42.80 60.35
C GLU F 165 11.84 43.34 59.15
N ALA F 166 11.33 42.45 58.30
CA ALA F 166 10.69 42.89 57.06
C ALA F 166 9.37 43.59 57.32
N LEU F 167 8.54 43.02 58.21
CA LEU F 167 7.25 43.63 58.50
C LEU F 167 7.39 45.05 59.04
N ASN F 168 8.45 45.32 59.81
CA ASN F 168 8.62 46.66 60.37
C ASN F 168 9.00 47.67 59.30
N ASN F 169 9.86 47.28 58.36
CA ASN F 169 10.18 48.18 57.26
C ASN F 169 8.98 48.39 56.34
N ARG F 170 8.08 47.42 56.29
CA ARG F 170 6.87 47.56 55.47
C ARG F 170 5.82 48.44 56.13
N PHE F 171 5.74 48.42 57.47
CA PHE F 171 4.71 49.14 58.21
C PHE F 171 5.36 50.06 59.23
N GLN F 172 5.21 51.36 59.04
CA GLN F 172 5.80 52.35 59.94
C GLN F 172 5.15 53.70 59.65
N ILE F 173 5.64 54.75 60.32
CA ILE F 173 5.14 56.11 60.14
C ILE F 173 5.70 56.55 58.79
N LYS F 174 4.92 56.37 57.74
CA LYS F 174 5.37 56.69 56.40
C LYS F 174 4.75 58.01 55.97
N ASN G 8 -24.08 -88.57 12.20
CA ASN G 8 -22.97 -88.61 13.14
C ASN G 8 -22.82 -87.29 13.89
N SER G 9 -23.70 -86.34 13.58
CA SER G 9 -23.80 -85.06 14.29
C SER G 9 -22.49 -84.28 14.26
N MET G 10 -21.66 -84.52 13.24
CA MET G 10 -20.34 -83.94 13.24
C MET G 10 -20.39 -82.47 12.81
N ALA G 11 -19.23 -81.83 12.97
CA ALA G 11 -18.91 -80.50 12.47
C ALA G 11 -17.43 -80.25 12.64
N THR G 12 -16.77 -79.73 11.61
CA THR G 12 -15.34 -79.41 11.70
C THR G 12 -15.13 -78.00 11.13
N LEU G 13 -14.92 -77.04 12.03
CA LEU G 13 -14.60 -75.67 11.63
C LEU G 13 -13.10 -75.55 11.43
N CYS G 14 -12.69 -74.93 10.32
CA CYS G 14 -11.28 -74.86 9.94
C CYS G 14 -10.86 -73.41 9.81
N LEU G 15 -9.83 -73.02 10.54
CA LEU G 15 -9.16 -71.74 10.40
C LEU G 15 -7.86 -71.95 9.64
N GLY G 16 -7.43 -70.92 8.92
CA GLY G 16 -6.20 -71.05 8.15
C GLY G 16 -5.85 -69.76 7.47
N HIS G 17 -4.66 -69.76 6.85
CA HIS G 17 -4.09 -68.60 6.18
C HIS G 17 -4.09 -68.82 4.67
N HIS G 18 -3.98 -67.72 3.93
CA HIS G 18 -3.95 -67.76 2.48
C HIS G 18 -2.51 -67.87 1.98
N ALA G 19 -2.34 -67.98 0.66
CA ALA G 19 -1.02 -68.16 0.09
C ALA G 19 -0.99 -67.61 -1.33
N VAL G 20 0.20 -67.60 -1.91
CA VAL G 20 0.45 -67.12 -3.27
C VAL G 20 1.26 -68.18 -3.99
N PRO G 21 1.16 -68.32 -5.32
CA PRO G 21 2.07 -69.23 -6.03
C PRO G 21 3.53 -68.81 -6.00
N ASN G 22 3.80 -67.54 -6.30
CA ASN G 22 5.16 -67.04 -6.50
C ASN G 22 5.55 -66.14 -5.34
N GLY G 23 6.12 -66.73 -4.29
CA GLY G 23 6.49 -65.97 -3.11
C GLY G 23 7.79 -65.20 -3.31
N THR G 24 7.82 -64.00 -2.73
CA THR G 24 8.99 -63.15 -2.79
C THR G 24 10.05 -63.62 -1.80
N LEU G 25 11.31 -63.56 -2.22
CA LEU G 25 12.43 -63.99 -1.41
C LEU G 25 13.03 -62.76 -0.70
N VAL G 26 13.10 -62.80 0.63
CA VAL G 26 13.55 -61.68 1.44
C VAL G 26 14.61 -62.18 2.43
N LYS G 27 15.16 -61.22 3.19
CA LYS G 27 16.15 -61.48 4.23
C LYS G 27 15.56 -61.16 5.60
N THR G 28 16.02 -61.88 6.62
CA THR G 28 15.52 -61.71 7.98
C THR G 28 16.69 -61.79 8.96
N ILE G 29 16.39 -61.62 10.25
CA ILE G 29 17.38 -61.85 11.30
C ILE G 29 17.79 -63.31 11.32
N THR G 30 16.80 -64.20 11.38
CA THR G 30 17.03 -65.64 11.42
C THR G 30 17.55 -66.28 10.15
N ASP G 31 16.83 -66.09 9.04
CA ASP G 31 17.15 -66.77 7.80
C ASP G 31 17.73 -65.70 6.86
N ASP G 32 18.41 -66.18 5.83
CA ASP G 32 18.94 -65.34 4.75
C ASP G 32 18.01 -65.33 3.54
N GLN G 33 17.58 -66.50 3.09
CA GLN G 33 16.61 -66.62 1.99
C GLN G 33 15.35 -67.28 2.54
N ILE G 34 14.29 -66.49 2.66
CA ILE G 34 12.99 -66.95 3.14
C ILE G 34 11.93 -66.44 2.17
N GLU G 35 10.71 -66.97 2.31
CA GLU G 35 9.65 -66.70 1.35
C GLU G 35 8.44 -66.10 2.05
N VAL G 36 7.97 -64.97 1.53
CA VAL G 36 6.75 -64.32 2.01
C VAL G 36 5.73 -64.33 0.89
N THR G 37 4.52 -63.87 1.21
CA THR G 37 3.49 -63.74 0.18
C THR G 37 3.90 -62.72 -0.87
N ASN G 38 4.59 -61.66 -0.45
CA ASN G 38 4.68 -60.45 -1.27
C ASN G 38 5.65 -59.51 -0.56
N ALA G 39 6.17 -58.52 -1.27
CA ALA G 39 7.19 -57.63 -0.72
C ALA G 39 7.21 -56.39 -1.60
N THR G 40 8.04 -55.41 -1.21
CA THR G 40 8.24 -54.18 -1.97
C THR G 40 9.71 -53.80 -1.91
N GLU G 41 10.17 -53.12 -2.96
CA GLU G 41 11.58 -52.73 -3.07
C GLU G 41 11.79 -51.37 -2.45
N LEU G 42 12.84 -51.25 -1.62
CA LEU G 42 13.15 -50.01 -0.93
C LEU G 42 14.28 -49.21 -1.58
N VAL G 43 15.04 -49.81 -2.50
CA VAL G 43 16.21 -49.18 -3.07
C VAL G 43 15.90 -48.78 -4.51
N GLN G 44 15.80 -47.49 -4.75
CA GLN G 44 15.75 -46.97 -6.11
C GLN G 44 17.07 -47.26 -6.82
N SER G 45 17.01 -47.96 -7.94
CA SER G 45 18.21 -48.39 -8.64
C SER G 45 18.23 -48.01 -10.11
N SER G 46 17.19 -47.36 -10.62
CA SER G 46 17.14 -46.91 -11.99
C SER G 46 16.68 -45.47 -12.04
N SER G 47 16.98 -44.78 -13.15
CA SER G 47 16.57 -43.41 -13.33
C SER G 47 16.08 -43.22 -14.76
N THR G 48 15.47 -42.06 -15.00
CA THR G 48 15.05 -41.70 -16.36
C THR G 48 16.26 -41.60 -17.30
N GLY G 49 17.37 -41.10 -16.78
CA GLY G 49 18.51 -40.70 -17.60
C GLY G 49 18.55 -39.23 -17.91
N ARG G 50 17.51 -38.49 -17.54
CA ARG G 50 17.40 -37.07 -17.78
C ARG G 50 17.16 -36.33 -16.48
N ILE G 51 17.54 -35.05 -16.45
CA ILE G 51 17.35 -34.19 -15.30
C ILE G 51 16.06 -33.39 -15.49
N CYS G 52 15.18 -33.44 -14.51
CA CYS G 52 13.91 -32.71 -14.58
C CYS G 52 14.12 -31.27 -14.19
N ASN G 53 13.66 -30.34 -15.05
CA ASN G 53 13.91 -28.92 -14.87
C ASN G 53 12.94 -28.25 -13.90
N SER G 54 12.35 -29.03 -12.98
CA SER G 54 11.53 -28.48 -11.91
C SER G 54 11.42 -29.52 -10.80
N PRO G 55 11.26 -29.09 -9.54
CA PRO G 55 11.10 -27.71 -9.07
C PRO G 55 12.39 -26.89 -9.04
N HIS G 56 13.54 -27.55 -9.02
CA HIS G 56 14.81 -26.87 -8.84
C HIS G 56 15.23 -26.11 -10.09
N GLN G 57 15.74 -24.89 -9.88
CA GLN G 57 16.16 -24.03 -10.99
C GLN G 57 17.53 -24.49 -11.47
N ILE G 58 17.57 -25.11 -12.65
CA ILE G 58 18.78 -25.64 -13.24
C ILE G 58 19.39 -24.59 -14.16
N LEU G 59 20.72 -24.58 -14.24
CA LEU G 59 21.44 -23.74 -15.20
C LEU G 59 22.42 -24.62 -15.96
N ASP G 60 22.13 -24.90 -17.22
CA ASP G 60 23.01 -25.70 -18.06
C ASP G 60 24.21 -24.86 -18.48
N GLY G 61 25.39 -25.21 -17.95
CA GLY G 61 26.58 -24.44 -18.26
C GLY G 61 27.03 -24.55 -19.70
N LYS G 62 26.58 -25.59 -20.41
CA LYS G 62 26.96 -25.84 -21.80
C LYS G 62 28.48 -25.91 -21.87
N ASN G 63 29.14 -25.12 -22.73
CA ASN G 63 30.58 -25.13 -22.85
C ASN G 63 31.26 -24.13 -21.94
N CYS G 64 30.66 -23.85 -20.79
CA CYS G 64 31.18 -22.86 -19.87
C CYS G 64 31.28 -23.47 -18.48
N THR G 65 32.48 -23.37 -17.91
CA THR G 65 32.64 -23.68 -16.49
C THR G 65 32.21 -22.48 -15.67
N LEU G 66 31.72 -22.76 -14.45
CA LEU G 66 31.26 -21.69 -13.57
C LEU G 66 32.34 -20.62 -13.39
N ILE G 67 33.61 -21.02 -13.35
CA ILE G 67 34.69 -20.06 -13.20
C ILE G 67 34.81 -19.20 -14.45
N ASP G 68 34.64 -19.80 -15.63
CA ASP G 68 34.68 -19.02 -16.88
C ASP G 68 33.48 -18.07 -16.97
N ALA G 69 32.30 -18.53 -16.56
CA ALA G 69 31.13 -17.63 -16.54
C ALA G 69 31.34 -16.50 -15.54
N LEU G 70 31.97 -16.80 -14.41
CA LEU G 70 32.25 -15.77 -13.40
C LEU G 70 33.21 -14.72 -13.95
N LEU G 71 34.35 -15.15 -14.51
CA LEU G 71 35.36 -14.23 -14.98
C LEU G 71 34.89 -13.40 -16.16
N GLY G 72 34.05 -13.98 -17.02
CA GLY G 72 33.57 -13.29 -18.19
C GLY G 72 34.19 -13.73 -19.50
N ASP G 73 34.56 -15.00 -19.63
CA ASP G 73 34.98 -15.54 -20.91
C ASP G 73 33.95 -15.20 -21.97
N PRO G 74 34.34 -14.58 -23.09
CA PRO G 74 33.35 -14.00 -24.00
C PRO G 74 32.36 -15.02 -24.54
N HIS G 75 32.77 -16.27 -24.75
CA HIS G 75 31.80 -17.26 -25.21
C HIS G 75 30.85 -17.68 -24.11
N CYS G 76 30.95 -17.07 -22.92
CA CYS G 76 30.05 -17.30 -21.80
C CYS G 76 29.21 -16.08 -21.47
N ASP G 77 29.14 -15.11 -22.38
CA ASP G 77 28.42 -13.87 -22.11
C ASP G 77 26.94 -14.11 -21.82
N ASP G 78 26.38 -15.24 -22.25
CA ASP G 78 24.97 -15.52 -22.01
C ASP G 78 24.66 -15.76 -20.54
N PHE G 79 25.67 -15.88 -19.68
CA PHE G 79 25.46 -16.20 -18.27
C PHE G 79 25.51 -14.98 -17.36
N GLN G 80 25.65 -13.79 -17.92
CA GLN G 80 25.78 -12.57 -17.12
C GLN G 80 24.64 -12.44 -16.12
N ASN G 81 25.00 -12.31 -14.84
CA ASN G 81 24.05 -11.93 -13.78
C ASN G 81 22.96 -12.98 -13.59
N LYS G 82 23.26 -14.23 -13.94
CA LYS G 82 22.30 -15.32 -13.89
C LYS G 82 22.37 -16.04 -12.53
N GLU G 83 21.26 -16.66 -12.14
CA GLU G 83 21.12 -17.36 -10.88
C GLU G 83 20.80 -18.83 -11.12
N TRP G 84 20.89 -19.62 -10.06
CA TRP G 84 20.57 -21.04 -10.15
C TRP G 84 20.31 -21.59 -8.77
N ASP G 85 19.52 -22.66 -8.72
CA ASP G 85 19.55 -23.57 -7.59
C ASP G 85 20.61 -24.65 -7.77
N LEU G 86 20.87 -25.04 -9.01
CA LEU G 86 21.87 -26.06 -9.30
C LEU G 86 22.53 -25.74 -10.63
N PHE G 87 23.80 -25.36 -10.60
CA PHE G 87 24.58 -25.18 -11.81
C PHE G 87 25.08 -26.55 -12.28
N VAL G 88 25.12 -26.74 -13.60
CA VAL G 88 25.50 -28.01 -14.19
C VAL G 88 26.68 -27.79 -15.14
N GLU G 89 27.80 -28.44 -14.85
CA GLU G 89 29.01 -28.31 -15.66
C GLU G 89 29.15 -29.53 -16.57
N ARG G 90 29.26 -29.28 -17.86
CA ARG G 90 29.41 -30.34 -18.85
C ARG G 90 30.89 -30.64 -19.10
N SER G 91 31.18 -31.91 -19.39
CA SER G 91 32.54 -32.31 -19.71
C SER G 91 33.00 -31.71 -21.04
N THR G 92 32.08 -31.33 -21.90
CA THR G 92 32.39 -30.77 -23.21
C THR G 92 32.86 -29.32 -23.14
N ALA G 93 32.93 -28.74 -21.94
CA ALA G 93 33.24 -27.32 -21.82
C ALA G 93 34.70 -27.05 -22.16
N TYR G 94 35.00 -25.76 -22.34
CA TYR G 94 36.35 -25.32 -22.67
C TYR G 94 36.49 -23.85 -22.29
N SER G 95 37.72 -23.35 -22.40
CA SER G 95 38.04 -21.95 -22.20
C SER G 95 38.60 -21.38 -23.49
N ASN G 96 38.21 -20.15 -23.81
CA ASN G 96 38.59 -19.52 -25.06
C ASN G 96 38.90 -18.04 -24.86
N CYS G 97 39.52 -17.71 -23.73
CA CYS G 97 39.95 -16.35 -23.46
C CYS G 97 41.43 -16.40 -23.05
N TYR G 98 41.89 -15.35 -22.39
CA TYR G 98 43.28 -15.30 -21.96
C TYR G 98 43.55 -16.45 -21.00
N PRO G 99 44.75 -17.05 -21.05
CA PRO G 99 45.04 -18.17 -20.14
C PRO G 99 45.10 -17.72 -18.69
N TYR G 100 44.79 -18.66 -17.79
CA TYR G 100 44.79 -18.34 -16.38
C TYR G 100 44.90 -19.62 -15.57
N TYR G 101 45.40 -19.48 -14.35
CA TYR G 101 45.33 -20.53 -13.34
C TYR G 101 44.88 -19.89 -12.03
N VAL G 102 44.02 -20.60 -11.30
CA VAL G 102 43.48 -20.10 -10.04
C VAL G 102 44.08 -20.91 -8.90
N PRO G 103 45.04 -20.38 -8.16
CA PRO G 103 45.53 -21.09 -6.98
C PRO G 103 44.38 -21.31 -6.00
N ASP G 104 44.19 -22.57 -5.61
CA ASP G 104 43.01 -23.01 -4.86
C ASP G 104 41.68 -22.87 -5.61
N TYR G 105 41.71 -23.34 -6.86
CA TYR G 105 40.56 -23.26 -7.77
C TYR G 105 39.27 -23.86 -7.22
N ALA G 106 39.34 -25.12 -6.75
CA ALA G 106 38.15 -25.78 -6.24
C ALA G 106 37.48 -24.98 -5.13
N THR G 107 38.26 -24.18 -4.40
CA THR G 107 37.71 -23.35 -3.35
C THR G 107 36.79 -22.28 -3.93
N LEU G 108 37.31 -21.47 -4.86
CA LEU G 108 36.52 -20.40 -5.46
C LEU G 108 35.31 -20.96 -6.18
N ARG G 109 35.48 -22.08 -6.89
CA ARG G 109 34.34 -22.74 -7.51
C ARG G 109 33.31 -23.16 -6.47
N SER G 110 33.78 -23.61 -5.30
CA SER G 110 32.86 -24.11 -4.28
C SER G 110 31.99 -23.01 -3.69
N LEU G 111 32.51 -21.79 -3.58
CA LEU G 111 31.80 -20.73 -2.88
C LEU G 111 30.93 -19.89 -3.81
N VAL G 112 31.28 -19.79 -5.08
CA VAL G 112 30.38 -19.16 -6.05
C VAL G 112 29.18 -20.07 -6.28
N ALA G 113 29.42 -21.38 -6.33
CA ALA G 113 28.33 -22.34 -6.52
C ALA G 113 27.32 -22.28 -5.38
N SER G 114 27.81 -22.13 -4.15
CA SER G 114 26.89 -22.05 -3.02
C SER G 114 26.27 -20.66 -2.89
N SER G 115 26.97 -19.62 -3.34
CA SER G 115 26.39 -18.28 -3.37
C SER G 115 25.08 -18.29 -4.14
N GLY G 116 25.12 -18.77 -5.39
CA GLY G 116 23.91 -19.02 -6.13
C GLY G 116 23.58 -18.02 -7.22
N ASN G 117 24.45 -17.06 -7.50
CA ASN G 117 24.19 -16.13 -8.59
C ASN G 117 25.47 -15.42 -8.97
N LEU G 118 25.52 -14.97 -10.22
CA LEU G 118 26.62 -14.16 -10.75
C LEU G 118 26.20 -12.71 -10.93
N GLU G 119 25.23 -12.25 -10.14
CA GLU G 119 24.74 -10.89 -10.26
C GLU G 119 25.86 -9.90 -9.97
N PHE G 120 26.23 -9.11 -10.98
CA PHE G 120 27.38 -8.24 -10.92
C PHE G 120 26.95 -6.78 -10.82
N THR G 121 27.75 -5.99 -10.12
CA THR G 121 27.51 -4.57 -9.93
C THR G 121 28.80 -3.82 -10.20
N GLN G 122 28.79 -2.94 -11.20
CA GLN G 122 30.00 -2.24 -11.60
C GLN G 122 30.32 -1.10 -10.63
N GLU G 123 31.61 -0.93 -10.37
CA GLU G 123 32.11 0.16 -9.53
C GLU G 123 33.22 0.88 -10.26
N SER G 124 33.27 2.20 -10.08
CA SER G 124 34.27 3.03 -10.75
C SER G 124 35.44 3.25 -9.79
N PHE G 125 36.49 2.47 -9.97
CA PHE G 125 37.75 2.70 -9.27
C PHE G 125 38.50 3.86 -9.92
N ASN G 126 39.21 4.89 -8.96
CA ASN G 126 40.01 6.00 -9.48
C ASN G 126 41.22 5.26 -10.02
N TRP G 127 41.47 5.01 -11.29
CA TRP G 127 42.75 4.60 -11.86
C TRP G 127 43.24 5.88 -12.51
N THR G 128 44.46 6.29 -12.15
CA THR G 128 45.02 7.57 -12.57
C THR G 128 46.28 7.33 -13.40
N GLY G 129 46.39 8.04 -14.52
CA GLY G 129 47.58 7.98 -15.36
C GLY G 129 47.82 6.65 -16.02
N VAL G 130 46.82 5.80 -16.12
CA VAL G 130 46.97 4.43 -16.59
C VAL G 130 45.91 4.13 -17.64
N ALA G 131 46.32 3.43 -18.71
CA ALA G 131 45.39 3.02 -19.76
C ALA G 131 44.60 1.80 -19.31
N GLN G 132 43.28 1.83 -19.52
CA GLN G 132 42.37 0.78 -19.06
C GLN G 132 41.89 -0.06 -20.24
N ASP G 133 40.99 -1.00 -19.92
CA ASP G 133 40.25 -1.79 -20.90
C ASP G 133 41.18 -2.47 -21.91
N GLY G 134 42.30 -2.97 -21.41
CA GLY G 134 43.22 -3.69 -22.27
C GLY G 134 42.60 -4.94 -22.85
N SER G 135 43.10 -5.36 -24.01
CA SER G 135 42.59 -6.52 -24.71
C SER G 135 43.76 -7.33 -25.25
N SER G 136 43.47 -8.53 -25.76
CA SER G 136 44.50 -9.39 -26.31
C SER G 136 43.92 -10.29 -27.38
N TYR G 137 44.81 -10.72 -28.29
CA TYR G 137 44.44 -11.62 -29.38
C TYR G 137 43.91 -12.95 -28.85
N ALA G 138 44.38 -13.37 -27.67
CA ALA G 138 43.97 -14.65 -27.09
C ALA G 138 42.50 -14.67 -26.69
N CYS G 139 41.83 -13.51 -26.68
CA CYS G 139 40.46 -13.41 -26.18
C CYS G 139 39.67 -12.53 -27.16
N ARG G 140 39.42 -13.08 -28.35
CA ARG G 140 38.69 -12.37 -29.39
C ARG G 140 37.19 -12.60 -29.24
N ARG G 141 36.42 -11.57 -29.58
CA ARG G 141 34.96 -11.62 -29.58
C ARG G 141 34.46 -11.24 -30.98
N GLY G 142 34.70 -12.12 -31.94
CA GLY G 142 34.33 -11.87 -33.32
C GLY G 142 35.50 -11.37 -34.14
N SER G 143 36.62 -12.09 -34.07
CA SER G 143 37.88 -11.67 -34.70
C SER G 143 38.37 -10.27 -34.34
N VAL G 144 37.90 -9.77 -33.20
CA VAL G 144 38.27 -8.45 -32.70
C VAL G 144 38.63 -8.64 -31.23
N ASN G 145 39.84 -8.22 -30.86
CA ASN G 145 40.39 -8.55 -29.56
C ASN G 145 39.62 -7.93 -28.39
N SER G 146 39.46 -8.72 -27.32
CA SER G 146 38.84 -8.25 -26.09
C SER G 146 39.41 -9.02 -24.92
N PHE G 147 38.65 -9.15 -23.84
CA PHE G 147 39.15 -9.69 -22.58
C PHE G 147 37.97 -10.18 -21.76
N PHE G 148 38.26 -10.56 -20.51
CA PHE G 148 37.20 -10.96 -19.59
C PHE G 148 36.26 -9.80 -19.30
N SER G 149 34.95 -10.06 -19.37
CA SER G 149 33.98 -9.00 -19.18
C SER G 149 33.94 -8.48 -17.75
N ARG G 150 34.56 -9.17 -16.79
CA ARG G 150 34.56 -8.76 -15.40
C ARG G 150 35.91 -8.25 -14.92
N LEU G 151 36.93 -8.28 -15.76
CA LEU G 151 38.27 -7.82 -15.38
C LEU G 151 38.69 -6.64 -16.27
N ASN G 152 39.54 -5.79 -15.71
CA ASN G 152 39.93 -4.53 -16.32
C ASN G 152 41.46 -4.49 -16.42
N TRP G 153 41.99 -4.69 -17.62
CA TRP G 153 43.43 -4.78 -17.80
C TRP G 153 44.04 -3.39 -17.82
N LEU G 154 44.94 -3.12 -16.88
CA LEU G 154 45.58 -1.81 -16.75
C LEU G 154 46.99 -1.89 -17.32
N TYR G 155 47.25 -1.05 -18.31
CA TYR G 155 48.57 -0.96 -18.95
C TYR G 155 48.99 0.50 -19.04
N ASN G 156 50.16 0.73 -19.63
CA ASN G 156 50.77 2.05 -19.61
C ASN G 156 50.06 3.01 -20.54
N LEU G 157 50.12 4.29 -20.19
CA LEU G 157 49.61 5.38 -21.02
C LEU G 157 50.75 6.37 -21.27
N ASN G 158 51.06 6.59 -22.54
CA ASN G 158 52.18 7.45 -22.95
C ASN G 158 53.50 6.96 -22.33
N TYR G 159 53.71 5.64 -22.38
CA TYR G 159 54.95 5.00 -21.93
C TYR G 159 55.23 5.27 -20.46
N LYS G 160 54.19 5.40 -19.63
CA LYS G 160 54.36 5.68 -18.22
C LYS G 160 53.27 4.97 -17.42
N TYR G 161 53.70 4.21 -16.41
CA TYR G 161 52.77 3.51 -15.51
C TYR G 161 52.98 4.02 -14.09
N PRO G 162 52.15 4.92 -13.60
CA PRO G 162 52.24 5.36 -12.21
C PRO G 162 51.70 4.32 -11.24
N GLU G 163 52.11 4.45 -9.99
CA GLU G 163 51.82 3.47 -8.95
C GLU G 163 50.46 3.78 -8.32
N GLN G 164 49.52 2.84 -8.45
CA GLN G 164 48.11 3.08 -8.15
C GLN G 164 47.81 2.93 -6.66
N ASN G 165 46.72 3.57 -6.26
CA ASN G 165 46.16 3.47 -4.91
C ASN G 165 44.67 3.72 -5.04
N VAL G 166 43.85 2.87 -4.42
CA VAL G 166 42.42 3.05 -4.52
C VAL G 166 41.74 2.37 -3.34
N THR G 167 40.71 3.03 -2.82
CA THR G 167 39.82 2.49 -1.80
C THR G 167 38.46 2.20 -2.43
N MET G 168 37.66 1.41 -1.71
CA MET G 168 36.29 1.13 -2.11
C MET G 168 35.78 0.68 -0.75
N PRO G 169 34.61 1.14 -0.33
CA PRO G 169 34.16 0.86 1.03
C PRO G 169 33.01 -0.11 0.78
N ASN G 170 32.20 -0.35 1.81
CA ASN G 170 31.07 -1.26 1.73
C ASN G 170 30.16 -0.56 2.75
N ASN G 171 29.19 0.18 2.22
CA ASN G 171 28.20 0.87 3.06
C ASN G 171 26.93 0.05 2.97
N ASP G 172 27.02 -1.19 2.49
CA ASP G 172 25.88 -2.08 2.30
C ASP G 172 25.94 -3.23 3.30
N LYS G 173 24.78 -3.81 3.58
CA LYS G 173 24.63 -4.77 4.66
C LYS G 173 24.98 -6.19 4.25
N PHE G 174 25.48 -6.40 3.04
CA PHE G 174 25.84 -7.72 2.57
C PHE G 174 27.34 -7.79 2.30
N ASP G 175 27.87 -9.00 2.27
CA ASP G 175 29.27 -9.19 1.94
C ASP G 175 29.51 -8.81 0.48
N LYS G 176 30.78 -8.89 0.04
CA LYS G 176 31.14 -8.49 -1.32
C LYS G 176 32.24 -9.39 -1.83
N LEU G 177 32.01 -10.05 -2.95
CA LEU G 177 33.01 -10.89 -3.59
C LEU G 177 33.68 -10.11 -4.70
N TYR G 178 35.00 -9.90 -4.57
CA TYR G 178 35.80 -9.22 -5.57
C TYR G 178 36.73 -10.22 -6.24
N ILE G 179 36.69 -10.27 -7.57
CA ILE G 179 37.58 -11.11 -8.37
C ILE G 179 38.60 -10.21 -9.05
N TRP G 180 39.88 -10.55 -8.90
CA TRP G 180 40.95 -9.77 -9.51
C TRP G 180 42.11 -10.70 -9.84
N GLY G 181 43.09 -10.16 -10.57
CA GLY G 181 44.18 -10.97 -11.08
C GLY G 181 45.50 -10.24 -11.12
N VAL G 182 46.55 -11.00 -11.43
CA VAL G 182 47.91 -10.49 -11.60
C VAL G 182 48.48 -11.07 -12.88
N HIS G 183 49.04 -10.21 -13.73
CA HIS G 183 49.55 -10.61 -15.03
C HIS G 183 51.00 -11.04 -14.91
N HIS G 184 51.33 -12.20 -15.52
CA HIS G 184 52.68 -12.76 -15.51
C HIS G 184 53.19 -12.83 -16.95
N PRO G 185 53.79 -11.73 -17.46
CA PRO G 185 54.23 -11.71 -18.86
C PRO G 185 55.44 -12.61 -19.05
N GLY G 186 55.53 -13.23 -20.22
CA GLY G 186 56.52 -14.28 -20.43
C GLY G 186 57.92 -13.73 -20.62
N THR G 187 58.03 -12.62 -21.33
CA THR G 187 59.33 -12.06 -21.69
C THR G 187 59.59 -10.77 -20.93
N ASP G 188 60.88 -10.52 -20.66
CA ASP G 188 61.26 -9.29 -20.00
C ASP G 188 60.92 -8.07 -20.83
N LYS G 189 60.84 -8.24 -22.16
CA LYS G 189 60.45 -7.14 -23.03
C LYS G 189 58.99 -6.74 -22.79
N ASP G 190 58.10 -7.72 -22.63
CA ASP G 190 56.68 -7.44 -22.46
C ASP G 190 56.37 -6.83 -21.09
N GLN G 191 57.22 -7.04 -20.09
CA GLN G 191 57.00 -6.43 -18.78
C GLN G 191 57.15 -4.91 -18.87
N THR G 192 58.24 -4.43 -19.47
CA THR G 192 58.43 -3.00 -19.62
C THR G 192 57.42 -2.39 -20.58
N ASN G 193 57.08 -3.11 -21.65
CA ASN G 193 56.15 -2.60 -22.66
C ASN G 193 54.76 -2.34 -22.12
N LEU G 194 54.45 -2.78 -20.90
CA LEU G 194 53.12 -2.64 -20.33
C LEU G 194 53.10 -1.85 -19.03
N TYR G 195 54.13 -1.95 -18.19
CA TYR G 195 54.13 -1.28 -16.89
C TYR G 195 55.30 -0.32 -16.72
N VAL G 196 56.34 -0.46 -17.57
CA VAL G 196 57.58 0.33 -17.60
C VAL G 196 58.49 0.27 -16.38
N GLN G 197 58.26 -0.68 -15.47
CA GLN G 197 59.01 -0.71 -14.22
C GLN G 197 59.33 -2.19 -14.32
N ALA G 198 60.12 -2.67 -13.36
CA ALA G 198 60.49 -4.08 -13.27
C ALA G 198 59.41 -4.83 -12.50
N SER G 199 59.70 -6.10 -12.19
CA SER G 199 58.77 -6.94 -11.44
C SER G 199 58.41 -6.27 -10.11
N GLY G 200 57.19 -5.76 -10.01
CA GLY G 200 56.80 -4.98 -8.86
C GLY G 200 56.04 -5.72 -7.79
N ARG G 201 54.94 -5.13 -7.31
CA ARG G 201 54.14 -5.72 -6.25
C ARG G 201 52.66 -5.38 -6.48
N VAL G 202 51.80 -6.24 -5.93
CA VAL G 202 50.36 -5.99 -5.87
C VAL G 202 49.89 -6.34 -4.48
N ILE G 203 49.21 -5.40 -3.83
CA ILE G 203 48.81 -5.53 -2.43
C ILE G 203 47.33 -5.23 -2.32
N VAL G 204 46.53 -6.25 -2.03
CA VAL G 204 45.09 -6.12 -1.84
C VAL G 204 44.79 -6.46 -0.38
N SER G 205 44.20 -5.50 0.34
CA SER G 205 44.00 -5.63 1.78
C SER G 205 42.58 -5.28 2.17
N THR G 206 42.14 -5.88 3.27
CA THR G 206 40.96 -5.46 4.01
C THR G 206 41.38 -5.18 5.45
N LYS G 207 40.40 -4.87 6.32
CA LYS G 207 40.71 -4.78 7.74
C LYS G 207 41.10 -6.15 8.29
N ARG G 208 40.49 -7.21 7.77
CA ARG G 208 40.70 -8.55 8.29
C ARG G 208 41.63 -9.40 7.44
N SER G 209 41.78 -9.11 6.14
CA SER G 209 42.58 -9.92 5.23
C SER G 209 43.71 -9.10 4.65
N GLN G 210 44.63 -9.79 3.97
CA GLN G 210 45.76 -9.12 3.33
C GLN G 210 46.40 -10.12 2.38
N GLN G 211 46.45 -9.77 1.09
CA GLN G 211 46.92 -10.67 0.05
C GLN G 211 47.97 -9.96 -0.79
N THR G 212 49.24 -10.33 -0.62
CA THR G 212 50.34 -9.73 -1.37
C THR G 212 50.83 -10.70 -2.46
N VAL G 213 50.90 -10.21 -3.69
CA VAL G 213 51.30 -11.02 -4.84
C VAL G 213 52.45 -10.31 -5.55
N ILE G 214 53.50 -11.06 -5.85
CA ILE G 214 54.68 -10.53 -6.53
C ILE G 214 54.75 -11.15 -7.92
N PRO G 215 54.56 -10.38 -8.99
CA PRO G 215 54.57 -10.97 -10.34
C PRO G 215 55.95 -11.52 -10.68
N ASN G 216 55.98 -12.72 -11.23
CA ASN G 216 57.22 -13.39 -11.58
C ASN G 216 57.27 -13.59 -13.09
N ILE G 217 58.12 -12.82 -13.75
CA ILE G 217 58.26 -12.89 -15.20
C ILE G 217 58.91 -14.21 -15.59
N GLY G 218 58.37 -14.85 -16.62
CA GLY G 218 58.92 -16.11 -17.09
C GLY G 218 58.04 -16.77 -18.13
N SER G 219 58.65 -17.61 -18.98
CA SER G 219 57.90 -18.25 -20.05
C SER G 219 56.90 -19.25 -19.47
N ARG G 220 55.80 -19.45 -20.21
CA ARG G 220 54.69 -20.31 -19.79
C ARG G 220 54.16 -21.08 -20.99
N PRO G 221 53.20 -22.00 -20.79
CA PRO G 221 52.64 -22.73 -21.94
C PRO G 221 52.01 -21.80 -22.97
N TRP G 222 52.25 -22.12 -24.24
CA TRP G 222 51.73 -21.37 -25.36
C TRP G 222 50.22 -21.59 -25.49
N VAL G 223 49.42 -20.74 -24.86
CA VAL G 223 47.98 -20.87 -24.85
C VAL G 223 47.41 -19.79 -25.76
N ARG G 224 47.04 -20.19 -26.98
CA ARG G 224 46.35 -19.33 -27.95
C ARG G 224 47.03 -17.97 -28.08
N GLY G 225 48.31 -18.00 -28.45
CA GLY G 225 49.05 -16.78 -28.72
C GLY G 225 50.00 -16.03 -27.81
N VAL G 226 49.97 -16.35 -26.52
CA VAL G 226 50.70 -15.57 -25.53
C VAL G 226 51.40 -16.70 -24.80
N SER G 227 52.61 -16.41 -24.33
CA SER G 227 53.32 -17.25 -23.38
C SER G 227 53.22 -16.69 -21.96
N SER G 228 52.26 -15.80 -21.72
CA SER G 228 52.02 -15.22 -20.41
C SER G 228 50.88 -15.98 -19.73
N ILE G 229 50.52 -15.52 -18.53
CA ILE G 229 49.44 -16.16 -17.77
C ILE G 229 48.99 -15.17 -16.69
N ILE G 230 47.78 -15.39 -16.19
CA ILE G 230 47.18 -14.55 -15.15
C ILE G 230 46.86 -15.43 -13.96
N SER G 231 47.21 -14.96 -12.76
CA SER G 231 46.81 -15.61 -11.52
C SER G 231 45.54 -14.93 -11.01
N ILE G 232 44.52 -15.74 -10.70
CA ILE G 232 43.23 -15.24 -10.25
C ILE G 232 43.18 -15.30 -8.73
N TYR G 233 42.63 -14.26 -8.10
CA TYR G 233 42.47 -14.20 -6.66
C TYR G 233 41.11 -13.61 -6.32
N TRP G 234 40.56 -14.06 -5.20
CA TRP G 234 39.28 -13.56 -4.72
C TRP G 234 39.44 -12.92 -3.36
N THR G 235 38.51 -12.02 -3.03
CA THR G 235 38.58 -11.23 -1.81
C THR G 235 37.18 -10.88 -1.36
N ILE G 236 36.85 -11.23 -0.12
CA ILE G 236 35.54 -10.93 0.46
C ILE G 236 35.69 -9.72 1.37
N VAL G 237 34.68 -8.84 1.36
CA VAL G 237 34.70 -7.60 2.11
C VAL G 237 33.41 -7.49 2.90
N LYS G 238 33.51 -7.58 4.23
CA LYS G 238 32.35 -7.49 5.08
C LYS G 238 31.83 -6.05 5.13
N PRO G 239 30.58 -5.85 5.55
CA PRO G 239 30.07 -4.48 5.70
C PRO G 239 30.93 -3.67 6.66
N GLY G 240 31.10 -2.38 6.33
CA GLY G 240 31.87 -1.52 7.21
C GLY G 240 33.36 -1.63 6.95
N ASP G 241 33.78 -2.73 6.36
CA ASP G 241 35.17 -2.91 5.99
C ASP G 241 35.42 -2.25 4.63
N ILE G 242 36.68 -2.22 4.20
CA ILE G 242 37.08 -1.45 3.04
C ILE G 242 38.11 -2.24 2.24
N LEU G 243 37.84 -2.50 0.96
CA LEU G 243 38.86 -3.01 0.07
C LEU G 243 39.86 -1.91 -0.24
N LEU G 244 41.14 -2.28 -0.30
CA LEU G 244 42.21 -1.31 -0.52
C LEU G 244 43.23 -1.91 -1.50
N ILE G 245 43.05 -1.63 -2.78
CA ILE G 245 44.03 -2.02 -3.78
C ILE G 245 45.23 -1.08 -3.71
N ASN G 246 46.36 -1.55 -4.21
CA ASN G 246 47.63 -0.84 -4.20
C ASN G 246 48.49 -1.66 -5.14
N SER G 247 49.18 -1.02 -6.08
CA SER G 247 49.81 -1.78 -7.14
C SER G 247 50.89 -0.95 -7.82
N THR G 248 52.10 -1.51 -7.89
CA THR G 248 53.16 -0.95 -8.72
C THR G 248 52.97 -1.29 -10.19
N GLY G 249 52.14 -2.27 -10.49
CA GLY G 249 51.94 -2.71 -11.85
C GLY G 249 51.62 -4.19 -11.90
N ASN G 250 51.22 -4.63 -13.09
CA ASN G 250 50.82 -6.00 -13.42
C ASN G 250 49.45 -6.36 -12.88
N LEU G 251 48.64 -5.39 -12.46
CA LEU G 251 47.35 -5.69 -11.85
C LEU G 251 46.29 -5.92 -12.91
N ILE G 252 45.53 -6.99 -12.77
CA ILE G 252 44.33 -7.22 -13.56
C ILE G 252 43.15 -6.87 -12.66
N ALA G 253 42.69 -5.63 -12.77
CA ALA G 253 41.82 -5.02 -11.78
C ALA G 253 40.37 -5.48 -11.91
N PRO G 254 39.62 -5.46 -10.81
CA PRO G 254 38.20 -5.80 -10.88
C PRO G 254 37.38 -4.63 -11.39
N ARG G 255 36.17 -4.96 -11.85
CA ARG G 255 35.23 -3.96 -12.31
C ARG G 255 34.08 -3.72 -11.34
N GLY G 256 34.00 -4.50 -10.27
CA GLY G 256 32.91 -4.40 -9.32
C GLY G 256 32.88 -5.62 -8.42
N TYR G 257 31.69 -5.92 -7.90
CA TYR G 257 31.55 -7.02 -6.98
C TYR G 257 30.38 -7.91 -7.36
N PHE G 258 30.40 -9.12 -6.80
CA PHE G 258 29.26 -10.04 -6.82
C PHE G 258 28.66 -10.09 -5.42
N LYS G 259 27.35 -9.93 -5.32
CA LYS G 259 26.69 -10.16 -4.05
C LYS G 259 26.79 -11.64 -3.70
N ILE G 260 27.40 -11.94 -2.55
CA ILE G 260 27.59 -13.31 -2.12
C ILE G 260 26.52 -13.62 -1.08
N GLN G 261 25.57 -14.47 -1.46
CA GLN G 261 24.45 -14.83 -0.61
C GLN G 261 24.65 -16.23 -0.04
N SER G 262 23.66 -16.72 0.70
CA SER G 262 23.66 -18.08 1.20
C SER G 262 22.28 -18.69 1.01
N GLY G 263 22.25 -19.95 0.59
CA GLY G 263 20.99 -20.62 0.31
C GLY G 263 21.17 -22.05 -0.15
N LYS G 264 20.20 -22.55 -0.91
CA LYS G 264 20.19 -23.94 -1.36
C LYS G 264 21.16 -24.22 -2.49
N SER G 265 21.70 -23.21 -3.16
CA SER G 265 22.37 -23.40 -4.44
C SER G 265 23.62 -24.26 -4.31
N SER G 266 23.96 -24.93 -5.41
CA SER G 266 25.12 -25.81 -5.48
C SER G 266 25.50 -26.00 -6.95
N ILE G 267 26.32 -27.03 -7.22
CA ILE G 267 26.84 -27.29 -8.56
C ILE G 267 26.99 -28.80 -8.73
N MET G 268 27.09 -29.25 -9.98
CA MET G 268 27.17 -30.67 -10.28
C MET G 268 27.77 -30.89 -11.66
N ARG G 269 28.68 -31.88 -11.75
CA ARG G 269 29.24 -32.31 -13.02
C ARG G 269 28.38 -33.43 -13.59
N SER G 270 27.84 -33.22 -14.79
CA SER G 270 26.92 -34.19 -15.37
C SER G 270 26.70 -33.88 -16.84
N ASP G 271 26.66 -34.92 -17.65
CA ASP G 271 26.33 -34.79 -19.07
C ASP G 271 24.91 -35.25 -19.38
N ALA G 272 24.08 -35.44 -18.36
CA ALA G 272 22.70 -35.84 -18.58
C ALA G 272 21.91 -34.69 -19.21
N HIS G 273 20.97 -35.06 -20.09
CA HIS G 273 20.13 -34.05 -20.72
C HIS G 273 19.10 -33.51 -19.73
N ILE G 274 18.66 -32.28 -19.96
CA ILE G 274 17.64 -31.64 -19.16
C ILE G 274 16.34 -31.65 -19.94
N ASP G 275 15.28 -32.20 -19.36
CA ASP G 275 13.98 -32.28 -20.00
C ASP G 275 12.92 -31.67 -19.10
N GLU G 276 11.73 -31.47 -19.66
CA GLU G 276 10.62 -30.87 -18.94
C GLU G 276 9.84 -31.97 -18.23
N CYS G 277 10.18 -32.19 -16.97
CA CYS G 277 9.39 -33.03 -16.07
C CYS G 277 9.41 -32.36 -14.70
N ASN G 278 9.16 -33.14 -13.65
CA ASN G 278 9.22 -32.60 -12.29
C ASN G 278 9.68 -33.69 -11.35
N SER G 279 10.88 -33.52 -10.80
CA SER G 279 11.43 -34.46 -9.82
C SER G 279 12.21 -33.68 -8.76
N GLU G 280 12.08 -34.12 -7.50
CA GLU G 280 12.73 -33.42 -6.40
C GLU G 280 14.19 -33.80 -6.24
N CYS G 281 14.55 -35.02 -6.61
CA CYS G 281 15.91 -35.52 -6.44
C CYS G 281 16.67 -35.47 -7.76
N ILE G 282 17.96 -35.14 -7.68
CA ILE G 282 18.82 -35.05 -8.85
C ILE G 282 20.11 -35.81 -8.58
N THR G 283 20.51 -36.62 -9.54
CA THR G 283 21.83 -37.23 -9.60
C THR G 283 22.50 -36.79 -10.89
N PRO G 284 23.83 -36.89 -10.99
CA PRO G 284 24.48 -36.64 -12.27
C PRO G 284 24.08 -37.62 -13.36
N ASN G 285 23.31 -38.65 -13.02
CA ASN G 285 22.77 -39.59 -14.00
C ASN G 285 21.35 -39.24 -14.43
N GLY G 286 20.72 -38.26 -13.79
CA GLY G 286 19.34 -37.96 -14.06
C GLY G 286 18.50 -38.10 -12.82
N SER G 287 17.36 -37.40 -12.80
CA SER G 287 16.51 -37.39 -11.62
C SER G 287 15.98 -38.78 -11.32
N ILE G 288 15.69 -39.02 -10.04
CA ILE G 288 15.18 -40.31 -9.58
C ILE G 288 13.95 -40.08 -8.70
N PRO G 289 13.01 -41.02 -8.65
CA PRO G 289 11.88 -40.88 -7.72
C PRO G 289 12.36 -40.93 -6.28
N ASN G 290 11.98 -39.91 -5.51
CA ASN G 290 12.34 -39.85 -4.10
C ASN G 290 11.39 -40.64 -3.21
N ASP G 291 10.54 -41.49 -3.77
CA ASP G 291 9.58 -42.24 -2.97
C ASP G 291 10.26 -43.31 -2.14
N LYS G 292 11.41 -43.80 -2.60
CA LYS G 292 12.16 -44.82 -1.88
C LYS G 292 12.97 -44.18 -0.74
N PRO G 293 13.27 -44.96 0.31
CA PRO G 293 14.13 -44.44 1.38
C PRO G 293 15.60 -44.46 1.02
N PHE G 294 16.01 -45.38 0.13
CA PHE G 294 17.40 -45.58 -0.22
C PHE G 294 17.56 -45.64 -1.73
N GLN G 295 18.75 -45.29 -2.20
CA GLN G 295 19.05 -45.30 -3.63
C GLN G 295 20.44 -45.87 -3.86
N ASN G 296 20.64 -46.38 -5.07
CA ASN G 296 21.90 -47.00 -5.48
C ASN G 296 22.45 -46.33 -6.73
N VAL G 297 21.93 -45.16 -7.07
CA VAL G 297 22.26 -44.53 -8.36
C VAL G 297 23.60 -43.81 -8.29
N ASN G 298 23.78 -42.95 -7.28
CA ASN G 298 25.02 -42.19 -7.17
C ASN G 298 25.08 -41.55 -5.79
N LYS G 299 26.28 -41.58 -5.19
CA LYS G 299 26.49 -40.89 -3.92
C LYS G 299 26.33 -39.38 -4.04
N ILE G 300 26.31 -38.84 -5.25
CA ILE G 300 26.12 -37.42 -5.49
C ILE G 300 24.64 -37.16 -5.71
N THR G 301 24.05 -36.31 -4.88
CA THR G 301 22.63 -35.99 -4.97
C THR G 301 22.40 -34.51 -4.79
N TYR G 302 21.21 -34.06 -5.18
CA TYR G 302 20.76 -32.71 -4.92
C TYR G 302 19.27 -32.74 -4.61
N GLY G 303 18.88 -32.01 -3.57
CA GLY G 303 17.48 -31.95 -3.19
C GLY G 303 17.06 -33.14 -2.33
N ALA G 304 15.74 -33.23 -2.12
CA ALA G 304 15.16 -34.32 -1.34
C ALA G 304 15.35 -35.63 -2.09
N CYS G 305 16.26 -36.45 -1.61
CA CYS G 305 16.69 -37.68 -2.27
C CYS G 305 16.60 -38.86 -1.32
N PRO G 306 16.59 -40.07 -1.85
CA PRO G 306 16.87 -41.24 -1.01
C PRO G 306 18.33 -41.24 -0.60
N ARG G 307 18.63 -41.98 0.47
CA ARG G 307 19.98 -42.05 1.01
C ARG G 307 20.78 -43.12 0.26
N TYR G 308 21.94 -42.73 -0.23
CA TYR G 308 22.75 -43.66 -1.02
C TYR G 308 23.27 -44.79 -0.16
N VAL G 309 23.21 -46.01 -0.70
CA VAL G 309 23.65 -47.23 -0.03
C VAL G 309 24.40 -48.10 -1.02
N LYS G 310 25.11 -49.11 -0.50
CA LYS G 310 25.91 -49.98 -1.35
C LYS G 310 25.09 -51.09 -2.00
N GLN G 311 23.99 -51.50 -1.38
CA GLN G 311 23.15 -52.57 -1.92
C GLN G 311 22.27 -52.02 -3.04
N ASN G 312 22.06 -52.83 -4.07
CA ASN G 312 21.19 -52.44 -5.17
C ASN G 312 19.76 -52.96 -5.02
N THR G 313 19.50 -53.78 -4.00
CA THR G 313 18.15 -54.26 -3.76
C THR G 313 17.99 -54.65 -2.30
N LEU G 314 16.86 -54.23 -1.71
CA LEU G 314 16.50 -54.62 -0.35
C LEU G 314 14.97 -54.72 -0.31
N LYS G 315 14.46 -55.95 -0.46
CA LYS G 315 13.02 -56.17 -0.48
C LYS G 315 12.48 -56.21 0.95
N LEU G 316 11.41 -55.44 1.19
CA LEU G 316 10.74 -55.38 2.47
C LEU G 316 9.38 -56.06 2.35
N ALA G 317 9.11 -57.00 3.24
CA ALA G 317 7.92 -57.83 3.12
C ALA G 317 6.66 -57.03 3.47
N THR G 318 5.69 -57.06 2.56
CA THR G 318 4.37 -56.48 2.78
C THR G 318 3.32 -57.53 3.06
N GLY G 319 3.71 -58.71 3.53
CA GLY G 319 2.78 -59.78 3.76
C GLY G 319 3.32 -60.79 4.74
N MET G 320 2.73 -61.98 4.70
CA MET G 320 3.02 -63.06 5.64
C MET G 320 3.88 -64.14 4.98
N ARG G 321 4.20 -65.17 5.76
CA ARG G 321 4.93 -66.31 5.23
C ARG G 321 4.14 -66.99 4.13
N ASN G 322 4.83 -67.83 3.36
CA ASN G 322 4.22 -68.55 2.25
C ASN G 322 4.56 -70.02 2.36
N VAL G 323 3.53 -70.83 2.62
CA VAL G 323 3.63 -72.29 2.50
C VAL G 323 2.66 -72.70 1.41
N PRO G 324 3.16 -73.07 0.22
CA PRO G 324 2.28 -73.17 -0.96
C PRO G 324 1.25 -74.29 -0.89
N GLU G 325 1.54 -75.44 -1.52
CA GLU G 325 0.58 -76.53 -1.66
C GLU G 325 1.61 -77.64 -1.43
N LYS G 326 1.57 -78.23 -0.24
CA LYS G 326 2.42 -79.36 0.13
C LYS G 326 3.65 -79.63 -0.73
N GLY H 1 7.37 -69.24 12.42
CA GLY H 1 7.48 -68.10 13.31
C GLY H 1 7.63 -68.65 14.71
N ILE H 2 7.54 -67.78 15.71
CA ILE H 2 7.63 -68.21 17.11
C ILE H 2 6.30 -68.72 17.66
N PHE H 3 5.22 -68.42 16.94
CA PHE H 3 3.88 -68.81 17.31
C PHE H 3 3.51 -70.05 16.50
N GLY H 4 4.44 -70.56 15.69
CA GLY H 4 4.33 -71.83 15.00
C GLY H 4 3.01 -72.12 14.30
N ALA H 5 2.20 -71.09 14.07
CA ALA H 5 0.93 -71.28 13.38
C ALA H 5 1.07 -71.56 11.90
N ILE H 6 1.76 -70.67 11.18
CA ILE H 6 2.02 -70.89 9.76
C ILE H 6 3.34 -71.65 9.71
N ALA H 7 3.44 -72.58 8.76
CA ALA H 7 4.66 -73.36 8.54
C ALA H 7 5.07 -74.12 9.80
N GLY H 8 4.11 -74.87 10.36
CA GLY H 8 4.35 -75.62 11.57
C GLY H 8 3.17 -76.49 11.96
N PHE H 9 2.21 -75.91 12.69
CA PHE H 9 0.97 -76.64 12.97
C PHE H 9 0.04 -76.58 11.77
N ILE H 10 -0.25 -75.39 11.26
CA ILE H 10 -0.91 -75.27 9.96
C ILE H 10 0.12 -75.70 8.91
N GLU H 11 -0.09 -76.89 8.33
CA GLU H 11 0.94 -77.47 7.47
C GLU H 11 1.06 -76.72 6.16
N ASN H 12 -0.05 -76.25 5.59
CA ASN H 12 -0.03 -75.58 4.30
C ASN H 12 -1.09 -74.49 4.29
N GLY H 13 -1.05 -73.68 3.22
CA GLY H 13 -1.98 -72.57 3.07
C GLY H 13 -2.88 -72.71 1.86
N TRP H 14 -3.98 -71.96 1.84
CA TRP H 14 -5.02 -72.11 0.81
C TRP H 14 -4.84 -71.05 -0.26
N GLU H 15 -4.26 -71.46 -1.39
CA GLU H 15 -4.05 -70.57 -2.53
C GLU H 15 -5.38 -70.11 -3.12
N GLY H 16 -6.43 -70.93 -3.00
CA GLY H 16 -7.74 -70.60 -3.53
C GLY H 16 -8.43 -69.45 -2.82
N MET H 17 -8.12 -69.23 -1.54
CA MET H 17 -8.71 -68.13 -0.78
C MET H 17 -8.15 -66.80 -1.26
N VAL H 18 -8.84 -66.15 -2.20
CA VAL H 18 -8.28 -65.01 -2.90
C VAL H 18 -9.08 -63.74 -2.60
N ASP H 19 -9.60 -63.63 -1.37
CA ASP H 19 -10.26 -62.39 -0.95
C ASP H 19 -9.88 -61.96 0.47
N GLY H 20 -9.19 -62.79 1.25
CA GLY H 20 -8.76 -62.42 2.57
C GLY H 20 -7.48 -63.13 2.93
N TRP H 21 -6.96 -62.81 4.11
CA TRP H 21 -5.73 -63.42 4.62
C TRP H 21 -5.97 -64.58 5.56
N TYR H 22 -7.00 -64.49 6.41
CA TYR H 22 -7.37 -65.57 7.32
C TYR H 22 -8.87 -65.82 7.19
N GLY H 23 -9.23 -67.01 6.71
CA GLY H 23 -10.62 -67.32 6.41
C GLY H 23 -11.07 -68.61 7.05
N PHE H 24 -12.39 -68.69 7.25
CA PHE H 24 -13.04 -69.85 7.86
C PHE H 24 -13.61 -70.75 6.77
N ARG H 25 -13.12 -71.98 6.71
CA ARG H 25 -13.72 -73.02 5.87
C ARG H 25 -14.46 -74.01 6.76
N HIS H 26 -15.56 -74.55 6.24
CA HIS H 26 -16.45 -75.38 7.04
C HIS H 26 -17.03 -76.51 6.18
N GLN H 27 -17.38 -77.60 6.85
CA GLN H 27 -18.04 -78.75 6.20
C GLN H 27 -19.16 -79.22 7.12
N ASN H 28 -20.40 -79.05 6.67
CA ASN H 28 -21.55 -79.49 7.46
C ASN H 28 -22.55 -80.16 6.53
N SER H 29 -23.74 -80.48 7.06
CA SER H 29 -24.75 -81.18 6.26
C SER H 29 -24.91 -80.77 4.81
N GLU H 30 -25.06 -79.46 4.56
CA GLU H 30 -25.33 -78.95 3.22
C GLU H 30 -24.13 -79.01 2.29
N GLY H 31 -22.99 -79.53 2.74
CA GLY H 31 -21.80 -79.61 1.91
C GLY H 31 -20.59 -78.98 2.56
N THR H 32 -19.88 -78.12 1.83
CA THR H 32 -18.72 -77.40 2.33
C THR H 32 -18.86 -75.93 1.96
N GLY H 33 -17.94 -75.11 2.44
CA GLY H 33 -17.97 -73.69 2.15
C GLY H 33 -16.65 -73.03 2.50
N GLN H 34 -16.64 -71.71 2.34
CA GLN H 34 -15.46 -70.91 2.63
C GLN H 34 -15.87 -69.45 2.75
N ALA H 35 -15.34 -68.78 3.77
CA ALA H 35 -15.60 -67.36 3.99
C ALA H 35 -14.38 -66.74 4.65
N ALA H 36 -14.11 -65.49 4.31
CA ALA H 36 -12.92 -64.79 4.76
C ALA H 36 -13.26 -63.88 5.93
N ASP H 37 -12.61 -64.12 7.06
CA ASP H 37 -12.72 -63.20 8.20
C ASP H 37 -11.96 -61.91 7.90
N LEU H 38 -12.59 -60.78 8.23
CA LEU H 38 -11.96 -59.48 8.00
C LEU H 38 -11.29 -58.91 9.25
N LYS H 39 -11.85 -59.17 10.44
CA LYS H 39 -11.33 -58.54 11.65
C LYS H 39 -9.89 -58.95 11.93
N SER H 40 -9.56 -60.22 11.74
CA SER H 40 -8.19 -60.66 11.94
C SER H 40 -7.32 -60.43 10.70
N THR H 41 -7.93 -60.23 9.53
CA THR H 41 -7.16 -59.89 8.33
C THR H 41 -6.84 -58.41 8.29
N GLN H 42 -7.77 -57.55 8.73
CA GLN H 42 -7.53 -56.12 8.72
C GLN H 42 -6.46 -55.72 9.72
N ALA H 43 -6.42 -56.39 10.88
CA ALA H 43 -5.40 -56.09 11.87
C ALA H 43 -4.01 -56.47 11.40
N ALA H 44 -3.89 -57.38 10.42
CA ALA H 44 -2.59 -57.73 9.86
C ALA H 44 -2.17 -56.73 8.78
N ILE H 45 -3.13 -56.25 7.99
CA ILE H 45 -2.81 -55.24 6.99
C ILE H 45 -2.61 -53.87 7.63
N ASN H 46 -3.31 -53.59 8.73
CA ASN H 46 -3.15 -52.31 9.42
C ASN H 46 -1.74 -52.16 9.99
N GLN H 47 -1.21 -53.24 10.59
CA GLN H 47 0.13 -53.16 11.18
C GLN H 47 1.21 -53.09 10.11
N ILE H 48 1.08 -53.88 9.04
CA ILE H 48 2.10 -53.92 8.00
C ILE H 48 2.10 -52.61 7.21
N THR H 49 0.92 -52.17 6.75
CA THR H 49 0.85 -50.86 6.11
C THR H 49 1.20 -49.74 7.06
N GLY H 50 1.05 -49.96 8.37
CA GLY H 50 1.46 -48.95 9.34
C GLY H 50 2.96 -48.75 9.38
N LYS H 51 3.70 -49.84 9.57
CA LYS H 51 5.16 -49.75 9.64
C LYS H 51 5.75 -49.23 8.32
N LEU H 52 5.08 -49.51 7.21
CA LEU H 52 5.60 -49.11 5.90
C LEU H 52 5.75 -47.60 5.79
N ASN H 53 4.75 -46.85 6.27
CA ASN H 53 4.75 -45.41 6.11
C ASN H 53 5.78 -44.71 6.99
N ARG H 54 6.36 -45.42 7.97
CA ARG H 54 7.52 -44.88 8.66
C ARG H 54 8.77 -44.95 7.79
N VAL H 55 8.86 -45.97 6.95
CA VAL H 55 10.07 -46.21 6.17
C VAL H 55 10.10 -45.39 4.88
N ILE H 56 8.94 -45.15 4.25
CA ILE H 56 8.89 -44.28 3.08
C ILE H 56 9.02 -42.81 3.50
N LYS H 57 8.73 -42.49 4.75
CA LYS H 57 8.73 -41.11 5.22
C LYS H 57 10.07 -40.43 4.93
N LYS H 58 9.98 -39.18 4.45
CA LYS H 58 11.12 -38.29 4.26
C LYS H 58 11.47 -37.72 5.68
N THR H 59 12.40 -36.76 5.85
CA THR H 59 13.14 -36.04 4.83
C THR H 59 14.64 -36.23 4.92
N ASN H 60 15.25 -36.50 3.77
CA ASN H 60 16.68 -36.34 3.54
C ASN H 60 16.80 -35.38 2.37
N GLU H 61 16.71 -34.08 2.67
CA GLU H 61 16.86 -33.04 1.67
C GLU H 61 18.24 -32.42 1.84
N LYS H 62 19.07 -32.57 0.82
CA LYS H 62 20.47 -32.15 0.89
C LYS H 62 20.80 -31.30 -0.33
N PHE H 63 21.48 -30.19 -0.10
CA PHE H 63 21.84 -29.30 -1.19
C PHE H 63 23.15 -28.68 -1.67
N HIS H 64 24.17 -28.67 -0.83
CA HIS H 64 25.44 -28.09 -1.25
C HIS H 64 26.13 -29.02 -0.27
N GLN H 65 27.02 -29.86 -0.79
CA GLN H 65 27.78 -30.79 0.03
C GLN H 65 29.18 -30.82 -0.57
N ILE H 66 30.03 -31.71 -0.07
CA ILE H 66 31.37 -31.87 -0.60
C ILE H 66 31.47 -32.57 -1.95
N GLU H 67 32.56 -32.31 -2.66
CA GLU H 67 32.82 -33.08 -3.87
C GLU H 67 33.13 -34.53 -3.51
N LYS H 68 32.74 -35.45 -4.38
CA LYS H 68 32.91 -36.86 -4.10
C LYS H 68 33.63 -37.63 -5.19
N GLU H 69 33.95 -36.98 -6.30
CA GLU H 69 34.82 -37.53 -7.34
C GLU H 69 35.89 -36.49 -7.65
N PHE H 70 37.09 -36.96 -8.00
CA PHE H 70 38.20 -36.07 -8.21
C PHE H 70 39.03 -36.54 -9.40
N SER H 71 39.58 -35.60 -10.14
CA SER H 71 40.43 -35.88 -11.29
C SER H 71 41.90 -35.61 -11.02
N GLU H 72 42.24 -34.97 -9.91
CA GLU H 72 43.61 -34.63 -9.57
C GLU H 72 44.01 -35.32 -8.28
N VAL H 73 45.28 -35.73 -8.20
CA VAL H 73 45.83 -36.30 -6.98
C VAL H 73 46.22 -35.15 -6.07
N GLU H 74 45.68 -35.14 -4.86
CA GLU H 74 45.87 -34.00 -3.97
C GLU H 74 46.40 -34.41 -2.61
N GLY H 75 46.09 -35.64 -2.19
CA GLY H 75 46.60 -36.13 -0.92
C GLY H 75 45.73 -35.93 0.30
N ARG H 76 46.32 -35.31 1.33
CA ARG H 76 45.75 -35.35 2.67
C ARG H 76 44.31 -34.85 2.68
N ILE H 77 44.08 -33.63 2.19
CA ILE H 77 42.75 -33.04 2.25
C ILE H 77 41.75 -33.87 1.46
N GLN H 78 42.16 -34.36 0.29
CA GLN H 78 41.25 -35.19 -0.50
C GLN H 78 41.11 -36.58 0.10
N ASP H 79 42.17 -37.11 0.71
CA ASP H 79 42.05 -38.39 1.39
C ASP H 79 40.98 -38.31 2.48
N LEU H 80 40.91 -37.16 3.16
CA LEU H 80 39.90 -36.97 4.19
C LEU H 80 38.51 -36.85 3.59
N GLU H 81 38.37 -36.03 2.55
CA GLU H 81 37.08 -35.89 1.89
C GLU H 81 36.53 -37.24 1.43
N LYS H 82 37.41 -38.11 0.96
CA LYS H 82 36.99 -39.45 0.55
C LYS H 82 36.61 -40.31 1.74
N TYR H 83 37.43 -40.28 2.80
CA TYR H 83 37.17 -41.11 3.97
C TYR H 83 35.85 -40.76 4.63
N VAL H 84 35.47 -39.49 4.58
CA VAL H 84 34.23 -39.05 5.23
C VAL H 84 33.02 -39.65 4.52
N GLU H 85 32.92 -39.44 3.22
CA GLU H 85 31.77 -39.95 2.47
C GLU H 85 31.73 -41.48 2.49
N ASP H 86 32.90 -42.11 2.41
CA ASP H 86 32.95 -43.57 2.49
C ASP H 86 32.43 -44.07 3.83
N THR H 87 32.87 -43.43 4.91
CA THR H 87 32.39 -43.80 6.25
C THR H 87 30.87 -43.67 6.34
N LYS H 88 30.33 -42.60 5.76
CA LYS H 88 28.89 -42.36 5.83
C LYS H 88 28.11 -43.42 5.08
N ILE H 89 28.60 -43.85 3.93
CA ILE H 89 27.86 -44.82 3.12
C ILE H 89 27.79 -46.17 3.84
N ASP H 90 28.93 -46.65 4.34
CA ASP H 90 28.94 -47.93 5.04
C ASP H 90 27.99 -47.92 6.22
N LEU H 91 27.98 -46.82 6.99
CA LEU H 91 27.08 -46.71 8.13
C LEU H 91 25.62 -46.71 7.68
N TRP H 92 25.32 -46.02 6.58
CA TRP H 92 23.94 -46.01 6.08
C TRP H 92 23.60 -47.33 5.40
N SER H 93 24.55 -47.93 4.70
CA SER H 93 24.32 -49.26 4.14
C SER H 93 24.08 -50.27 5.24
N TYR H 94 24.72 -50.09 6.40
CA TYR H 94 24.46 -50.97 7.54
C TYR H 94 23.07 -50.73 8.12
N ASN H 95 22.71 -49.46 8.34
CA ASN H 95 21.41 -49.14 8.91
C ASN H 95 20.27 -49.71 8.07
N ALA H 96 20.48 -49.80 6.75
CA ALA H 96 19.47 -50.37 5.87
C ALA H 96 19.40 -51.88 6.00
N GLU H 97 20.56 -52.55 5.96
CA GLU H 97 20.59 -54.01 6.04
C GLU H 97 19.96 -54.50 7.35
N LEU H 98 20.22 -53.79 8.45
CA LEU H 98 19.65 -54.19 9.74
C LEU H 98 18.16 -53.88 9.79
N LEU H 99 17.74 -52.72 9.26
CA LEU H 99 16.34 -52.33 9.32
C LEU H 99 15.45 -53.31 8.58
N VAL H 100 15.87 -53.74 7.39
CA VAL H 100 15.09 -54.69 6.61
C VAL H 100 14.99 -56.02 7.36
N ALA H 101 16.07 -56.42 8.04
CA ALA H 101 16.04 -57.66 8.81
C ALA H 101 15.08 -57.57 9.98
N LEU H 102 15.23 -56.55 10.84
CA LEU H 102 14.38 -56.41 12.01
C LEU H 102 12.90 -56.26 11.63
N GLU H 103 12.62 -55.63 10.49
CA GLU H 103 11.23 -55.52 10.05
C GLU H 103 10.72 -56.84 9.48
N ASN H 104 11.57 -57.56 8.74
CA ASN H 104 11.12 -58.79 8.11
C ASN H 104 11.08 -59.97 9.07
N GLN H 105 11.81 -59.91 10.18
CA GLN H 105 11.55 -60.88 11.24
C GLN H 105 10.23 -60.58 11.93
N HIS H 106 9.96 -59.29 12.17
CA HIS H 106 8.72 -58.89 12.83
C HIS H 106 7.51 -58.99 11.89
N THR H 107 7.73 -58.88 10.58
CA THR H 107 6.62 -59.00 9.64
C THR H 107 6.13 -60.44 9.53
N ILE H 108 7.07 -61.41 9.49
CA ILE H 108 6.68 -62.81 9.56
C ILE H 108 6.00 -63.10 10.90
N ASP H 109 6.55 -62.56 11.98
CA ASP H 109 6.14 -62.93 13.33
C ASP H 109 4.89 -62.21 13.82
N LEU H 110 4.45 -61.15 13.16
CA LEU H 110 3.16 -60.57 13.52
C LEU H 110 2.02 -61.25 12.78
N THR H 111 2.24 -61.61 11.52
CA THR H 111 1.23 -62.32 10.76
C THR H 111 1.03 -63.73 11.31
N ASP H 112 2.12 -64.40 11.68
CA ASP H 112 2.02 -65.68 12.37
C ASP H 112 1.33 -65.52 13.72
N SER H 113 1.31 -64.31 14.28
CA SER H 113 0.64 -64.06 15.55
C SER H 113 -0.86 -63.82 15.38
N GLU H 114 -1.28 -63.29 14.23
CA GLU H 114 -2.70 -63.10 13.98
C GLU H 114 -3.42 -64.40 13.67
N MET H 115 -2.69 -65.42 13.18
CA MET H 115 -3.28 -66.73 12.98
C MET H 115 -3.51 -67.46 14.31
N SER H 116 -2.54 -67.35 15.22
CA SER H 116 -2.69 -67.98 16.54
C SER H 116 -3.82 -67.35 17.33
N LYS H 117 -3.96 -66.02 17.25
CA LYS H 117 -5.02 -65.34 17.99
C LYS H 117 -6.40 -65.56 17.39
N LEU H 118 -6.49 -65.96 16.12
CA LEU H 118 -7.77 -66.36 15.56
C LEU H 118 -8.15 -67.77 16.00
N PHE H 119 -7.16 -68.66 16.08
CA PHE H 119 -7.41 -70.04 16.51
C PHE H 119 -7.80 -70.10 17.99
N GLU H 120 -7.20 -69.25 18.81
CA GLU H 120 -7.55 -69.21 20.23
C GLU H 120 -8.82 -68.41 20.49
N ARG H 121 -9.21 -67.52 19.58
CA ARG H 121 -10.50 -66.85 19.70
C ARG H 121 -11.64 -67.84 19.51
N THR H 122 -11.57 -68.65 18.46
CA THR H 122 -12.60 -69.66 18.22
C THR H 122 -12.61 -70.70 19.31
N ARG H 123 -11.44 -71.05 19.84
CA ARG H 123 -11.36 -72.12 20.85
C ARG H 123 -12.12 -71.76 22.11
N ARG H 124 -11.98 -70.51 22.58
CA ARG H 124 -12.75 -70.08 23.76
C ARG H 124 -14.24 -70.03 23.45
N GLN H 125 -14.61 -69.47 22.29
CA GLN H 125 -16.01 -69.26 21.97
C GLN H 125 -16.78 -70.57 21.85
N LEU H 126 -16.13 -71.61 21.32
CA LEU H 126 -16.74 -72.92 21.27
C LEU H 126 -16.73 -73.62 22.63
N ARG H 127 -15.93 -73.12 23.58
CA ARG H 127 -15.86 -73.63 24.95
C ARG H 127 -15.41 -75.09 24.87
N GLU H 128 -16.07 -76.03 25.54
CA GLU H 128 -15.76 -77.45 25.43
C GLU H 128 -16.87 -78.19 24.68
N ASN H 129 -17.44 -77.56 23.65
CA ASN H 129 -18.27 -78.27 22.70
C ASN H 129 -17.44 -78.98 21.64
N ALA H 130 -16.26 -78.45 21.34
CA ALA H 130 -15.36 -78.99 20.33
C ALA H 130 -14.03 -79.39 20.97
N GLU H 131 -13.22 -80.10 20.20
CA GLU H 131 -11.91 -80.54 20.65
C GLU H 131 -10.84 -80.12 19.64
N ASP H 132 -9.62 -79.92 20.14
CA ASP H 132 -8.51 -79.40 19.36
C ASP H 132 -7.92 -80.52 18.51
N MET H 133 -8.17 -80.48 17.20
CA MET H 133 -7.68 -81.53 16.32
C MET H 133 -6.16 -81.53 16.20
N GLY H 134 -5.50 -80.39 16.44
CA GLY H 134 -4.06 -80.31 16.52
C GLY H 134 -3.40 -79.61 15.35
N ASN H 135 -4.08 -79.49 14.20
CA ASN H 135 -3.48 -78.82 13.06
C ASN H 135 -4.56 -77.74 13.14
N GLY H 136 -4.90 -77.12 12.01
CA GLY H 136 -5.89 -76.07 12.02
C GLY H 136 -7.40 -76.09 12.11
N CYS H 137 -7.97 -77.25 12.39
CA CYS H 137 -9.43 -77.42 12.45
C CYS H 137 -9.85 -77.89 13.83
N PHE H 138 -11.15 -77.80 14.09
CA PHE H 138 -11.76 -78.26 15.32
C PHE H 138 -12.56 -79.53 15.06
N LYS H 139 -13.26 -80.00 16.11
CA LYS H 139 -14.14 -81.17 16.01
C LYS H 139 -15.27 -80.71 16.94
N ILE H 140 -16.36 -80.29 16.32
CA ILE H 140 -17.58 -80.02 17.03
C ILE H 140 -18.25 -81.36 17.20
N TYR H 141 -19.12 -81.47 18.20
CA TYR H 141 -19.87 -82.71 18.38
C TYR H 141 -21.39 -82.46 18.41
N HIS H 142 -21.87 -81.51 17.61
CA HIS H 142 -23.29 -81.30 17.46
C HIS H 142 -23.57 -80.74 16.07
N LYS H 143 -24.85 -80.47 15.79
CA LYS H 143 -25.31 -80.15 14.45
C LYS H 143 -25.18 -78.66 14.18
N CYS H 144 -24.35 -78.32 13.18
CA CYS H 144 -24.23 -76.96 12.67
C CYS H 144 -24.50 -76.96 11.18
N ASP H 145 -25.06 -75.87 10.69
CA ASP H 145 -25.31 -75.69 9.27
C ASP H 145 -25.00 -74.23 8.91
N ASN H 146 -25.56 -73.75 7.80
CA ASN H 146 -25.30 -72.38 7.38
C ASN H 146 -25.86 -71.37 8.37
N ALA H 147 -26.85 -71.74 9.18
CA ALA H 147 -27.36 -70.83 10.20
C ALA H 147 -26.43 -70.75 11.40
N CYS H 148 -25.80 -71.86 11.76
CA CYS H 148 -24.94 -71.89 12.95
C CYS H 148 -23.53 -71.39 12.65
N ILE H 149 -23.02 -71.62 11.43
CA ILE H 149 -21.68 -71.14 11.11
C ILE H 149 -21.67 -69.63 10.90
N GLY H 150 -22.76 -69.06 10.39
CA GLY H 150 -22.91 -67.61 10.39
C GLY H 150 -22.98 -66.99 11.76
N SER H 151 -23.16 -67.80 12.80
CA SER H 151 -23.10 -67.35 14.18
C SER H 151 -21.77 -67.64 14.85
N ILE H 152 -21.01 -68.60 14.33
CA ILE H 152 -19.71 -68.94 14.92
C ILE H 152 -18.65 -67.94 14.48
N ARG H 153 -18.57 -67.65 13.19
CA ARG H 153 -17.64 -66.63 12.72
C ARG H 153 -18.26 -65.25 12.86
N ASN H 154 -19.18 -65.11 13.82
CA ASN H 154 -19.68 -63.81 14.26
C ASN H 154 -19.72 -63.81 15.79
N GLY H 155 -19.70 -62.63 16.37
CA GLY H 155 -19.69 -62.50 17.81
C GLY H 155 -20.90 -62.98 18.60
N THR H 156 -21.86 -63.59 17.90
CA THR H 156 -23.10 -64.03 18.55
C THR H 156 -23.36 -65.51 18.80
N TYR H 157 -22.32 -66.35 18.83
CA TYR H 157 -22.52 -67.78 18.99
C TYR H 157 -22.99 -68.09 20.40
N ASP H 158 -24.21 -68.60 20.53
CA ASP H 158 -24.73 -69.03 21.82
C ASP H 158 -24.18 -70.42 22.11
N HIS H 159 -23.00 -70.46 22.72
CA HIS H 159 -22.37 -71.72 23.11
C HIS H 159 -23.21 -72.51 24.10
N ASP H 160 -24.11 -71.84 24.81
CA ASP H 160 -24.82 -72.45 25.93
C ASP H 160 -25.89 -73.44 25.47
N ILE H 161 -26.54 -73.19 24.32
CA ILE H 161 -27.72 -73.95 23.93
C ILE H 161 -27.36 -75.27 23.21
N TYR H 162 -26.09 -75.63 23.10
CA TYR H 162 -25.68 -76.94 22.56
C TYR H 162 -24.94 -77.79 23.59
N ARG H 163 -25.02 -77.43 24.86
CA ARG H 163 -24.17 -78.01 25.90
C ARG H 163 -24.42 -79.48 26.22
N ASN H 164 -25.66 -79.81 26.60
CA ASN H 164 -25.96 -81.17 27.04
C ASN H 164 -26.14 -82.07 25.83
N GLU H 165 -26.20 -81.51 24.62
CA GLU H 165 -26.32 -82.33 23.41
C GLU H 165 -24.98 -82.92 23.00
N ALA H 166 -23.98 -82.06 22.80
CA ALA H 166 -22.70 -82.50 22.24
C ALA H 166 -21.90 -83.35 23.23
N LEU H 167 -22.12 -83.16 24.53
CA LEU H 167 -21.31 -83.84 25.53
C LEU H 167 -21.50 -85.35 25.52
N ASN H 168 -22.65 -85.85 25.07
CA ASN H 168 -22.95 -87.28 25.13
C ASN H 168 -22.40 -88.06 23.94
N ASN H 169 -21.66 -87.41 23.04
CA ASN H 169 -20.82 -88.11 22.08
C ASN H 169 -19.46 -88.45 22.66
N ARG H 170 -19.01 -87.70 23.68
CA ARG H 170 -17.68 -87.84 24.27
C ARG H 170 -17.66 -88.65 25.56
N PHE H 171 -18.79 -88.77 26.26
CA PHE H 171 -18.87 -89.41 27.56
C PHE H 171 -19.83 -90.56 27.24
N GLN H 172 -19.27 -91.72 26.92
CA GLN H 172 -20.07 -92.86 26.50
C GLN H 172 -19.12 -94.03 26.30
N ILE H 173 -19.63 -95.11 25.72
CA ILE H 173 -18.84 -96.30 25.38
C ILE H 173 -18.91 -96.48 23.87
N LYS H 174 -17.77 -96.74 23.25
CA LYS H 174 -17.70 -96.92 21.80
C LYS H 174 -17.15 -98.29 21.43
#